data_4LW9
#
_entry.id   4LW9
#
_cell.length_a   88.610
_cell.length_b   70.015
_cell.length_c   131.544
_cell.angle_alpha   90.00
_cell.angle_beta   103.29
_cell.angle_gamma   90.00
#
_symmetry.space_group_name_H-M   'P 1 21 1'
#
loop_
_entity.id
_entity.type
_entity.pdbx_description
1 polymer 'Type II secretion system protein G'
2 non-polymer 'ZINC ION'
3 non-polymer 'SODIUM ION'
4 non-polymer 'CALCIUM ION'
5 non-polymer 'CHLORIDE ION'
6 non-polymer 'PLATINUM (II) ION'
7 non-polymer 'SULFATE ION'
8 water water
#
_entity_poly.entity_id   1
_entity_poly.type   'polypeptide(L)'
_entity_poly.pdbx_seq_one_letter_code
;GNKEKADQQKAVTDIVALENALDMYKLDNSVYPTTDQGLEALVTKPTNPEPRNYREGGYIKRLPKDPWGNDYQYLSPGDK
GTIDVFTLGADGQEGGEGTGADIGNWNIQDFQLEHHHHHH
;
_entity_poly.pdbx_strand_id   A,B,C,D,E,F,I,J,K,L,Q,R
#
# COMPACT_ATOMS: atom_id res chain seq x y z
N GLY A 1 -2.45 -23.80 -19.30
CA GLY A 1 -2.54 -22.31 -19.30
C GLY A 1 -1.48 -21.75 -18.40
N ASN A 2 -1.78 -20.63 -17.73
CA ASN A 2 -0.82 -19.99 -16.80
C ASN A 2 -0.32 -20.97 -15.74
N LYS A 3 -1.22 -21.75 -15.18
CA LYS A 3 -0.89 -22.61 -14.04
C LYS A 3 0.24 -23.56 -14.37
N GLU A 4 0.15 -24.22 -15.51
CA GLU A 4 1.16 -25.20 -15.89
C GLU A 4 2.50 -24.54 -16.20
N LYS A 5 2.49 -23.35 -16.80
CA LYS A 5 3.78 -22.70 -17.06
C LYS A 5 4.41 -22.19 -15.75
N ALA A 6 3.59 -21.71 -14.83
CA ALA A 6 4.07 -21.25 -13.51
C ALA A 6 4.66 -22.41 -12.71
N ASP A 7 3.97 -23.55 -12.76
CA ASP A 7 4.46 -24.75 -12.09
C ASP A 7 5.82 -25.13 -12.62
N GLN A 8 5.96 -25.15 -13.94
CA GLN A 8 7.23 -25.48 -14.57
C GLN A 8 8.36 -24.53 -14.17
N GLN A 9 8.07 -23.25 -14.14
CA GLN A 9 9.08 -22.24 -13.76
C GLN A 9 9.47 -22.37 -12.28
N LYS A 10 8.48 -22.68 -11.44
CA LYS A 10 8.76 -23.02 -10.04
C LYS A 10 9.70 -24.19 -9.88
N ALA A 11 9.50 -25.29 -10.62
CA ALA A 11 10.41 -26.41 -10.58
C ALA A 11 11.83 -26.04 -11.02
N VAL A 12 11.95 -25.34 -12.14
CA VAL A 12 13.25 -24.79 -12.57
C VAL A 12 13.93 -23.96 -11.46
N THR A 13 13.19 -23.04 -10.88
CA THR A 13 13.71 -22.15 -9.88
C THR A 13 14.25 -22.93 -8.68
N ASP A 14 13.46 -23.88 -8.20
CA ASP A 14 13.85 -24.74 -7.06
C ASP A 14 15.04 -25.64 -7.35
N ILE A 15 15.07 -26.28 -8.52
CA ILE A 15 16.18 -27.18 -8.85
C ILE A 15 17.51 -26.44 -8.94
N VAL A 16 17.48 -25.28 -9.59
CA VAL A 16 18.63 -24.40 -9.68
C VAL A 16 19.11 -23.90 -8.31
N ALA A 17 18.15 -23.55 -7.47
CA ALA A 17 18.41 -23.12 -6.09
C ALA A 17 19.13 -24.21 -5.31
N LEU A 18 18.63 -25.43 -5.42
CA LEU A 18 19.19 -26.56 -4.70
C LEU A 18 20.56 -26.90 -5.23
N GLU A 19 20.73 -26.85 -6.56
CA GLU A 19 22.02 -27.17 -7.18
C GLU A 19 23.04 -26.17 -6.73
N ASN A 20 22.67 -24.90 -6.66
CA ASN A 20 23.57 -23.85 -6.17
C ASN A 20 23.95 -24.02 -4.66
N ALA A 21 22.98 -24.37 -3.86
CA ALA A 21 23.20 -24.68 -2.44
C ALA A 21 24.16 -25.88 -2.29
N LEU A 22 23.97 -26.92 -3.12
CA LEU A 22 24.86 -28.09 -3.16
C LEU A 22 26.29 -27.75 -3.57
N ASP A 23 26.45 -26.86 -4.54
CA ASP A 23 27.78 -26.35 -4.88
C ASP A 23 28.45 -25.61 -3.69
N MET A 24 27.70 -24.80 -2.94
CA MET A 24 28.24 -24.12 -1.74
C MET A 24 28.70 -25.17 -0.70
N TYR A 25 27.88 -26.19 -0.47
CA TYR A 25 28.23 -27.30 0.43
C TYR A 25 29.59 -27.92 0.01
N LYS A 26 29.73 -28.21 -1.28
CA LYS A 26 30.95 -28.78 -1.84
C LYS A 26 32.16 -27.87 -1.69
N LEU A 27 31.97 -26.56 -1.89
CA LEU A 27 33.05 -25.61 -1.74
C LEU A 27 33.57 -25.61 -0.31
N ASP A 28 32.67 -25.67 0.66
CA ASP A 28 33.02 -25.67 2.09
C ASP A 28 33.65 -26.98 2.52
N ASN A 29 33.06 -28.07 2.06
CA ASN A 29 33.26 -29.38 2.66
C ASN A 29 33.98 -30.37 1.76
N SER A 30 34.31 -29.94 0.53
CA SER A 30 35.14 -30.70 -0.41
C SER A 30 34.44 -31.84 -1.12
N VAL A 31 33.24 -32.15 -0.68
CA VAL A 31 32.44 -33.22 -1.22
C VAL A 31 30.99 -32.77 -1.24
N TYR A 32 30.17 -33.35 -2.13
CA TYR A 32 28.71 -33.18 -2.05
C TYR A 32 28.09 -34.07 -0.95
N PRO A 33 26.89 -33.71 -0.47
CA PRO A 33 26.20 -34.67 0.41
C PRO A 33 25.91 -35.97 -0.33
N THR A 34 25.98 -37.09 0.39
CA THR A 34 25.67 -38.39 -0.23
C THR A 34 24.18 -38.50 -0.38
N THR A 35 23.72 -39.49 -1.14
CA THR A 35 22.30 -39.74 -1.27
C THR A 35 21.65 -39.89 0.10
N ASP A 36 22.33 -40.62 0.98
CA ASP A 36 21.79 -40.84 2.33
C ASP A 36 21.75 -39.62 3.25
N GLN A 37 22.73 -38.73 3.13
CA GLN A 37 22.67 -37.45 3.83
C GLN A 37 21.52 -36.60 3.30
N GLY A 38 21.36 -36.61 1.97
CA GLY A 38 20.20 -36.03 1.36
C GLY A 38 20.27 -34.52 1.28
N LEU A 39 19.19 -33.95 0.73
CA LEU A 39 19.01 -32.51 0.68
C LEU A 39 18.89 -31.91 2.09
N GLU A 40 18.45 -32.72 3.05
CA GLU A 40 18.44 -32.29 4.45
C GLU A 40 19.82 -31.80 4.93
N ALA A 41 20.90 -32.33 4.37
CA ALA A 41 22.24 -31.85 4.72
C ALA A 41 22.40 -30.35 4.42
N LEU A 42 21.51 -29.77 3.59
CA LEU A 42 21.59 -28.36 3.26
C LEU A 42 20.98 -27.47 4.32
N VAL A 43 20.21 -28.06 5.23
CA VAL A 43 19.60 -27.31 6.31
C VAL A 43 20.11 -27.70 7.68
N THR A 44 20.52 -28.96 7.85
CA THR A 44 20.98 -29.48 9.13
C THR A 44 22.27 -30.22 8.92
N LYS A 45 23.25 -29.97 9.77
CA LYS A 45 24.50 -30.67 9.68
C LYS A 45 24.27 -32.16 9.73
N PRO A 46 24.79 -32.86 8.70
CA PRO A 46 24.59 -34.29 8.63
C PRO A 46 25.61 -35.08 9.43
N THR A 47 25.40 -36.39 9.45
CA THR A 47 26.36 -37.34 9.94
C THR A 47 26.66 -38.37 8.85
N ASN A 48 27.72 -39.15 9.03
CA ASN A 48 28.02 -40.28 8.16
C ASN A 48 28.23 -39.86 6.70
N PRO A 49 29.32 -39.12 6.42
CA PRO A 49 30.21 -38.54 7.40
C PRO A 49 29.72 -37.19 7.94
N GLU A 50 30.26 -36.76 9.07
CA GLU A 50 30.07 -35.41 9.54
C GLU A 50 31.00 -34.53 8.72
N PRO A 51 30.46 -33.46 8.10
CA PRO A 51 31.35 -32.56 7.34
C PRO A 51 32.30 -31.75 8.20
N ARG A 52 33.49 -31.47 7.68
CA ARG A 52 34.53 -30.69 8.37
C ARG A 52 34.16 -29.23 8.60
N ASN A 53 33.57 -28.57 7.59
CA ASN A 53 33.39 -27.12 7.61
C ASN A 53 31.98 -26.62 7.38
N TYR A 54 31.05 -27.18 8.15
CA TYR A 54 29.64 -26.83 8.02
C TYR A 54 29.36 -25.38 8.36
N ARG A 55 28.62 -24.73 7.47
CA ARG A 55 28.28 -23.34 7.64
C ARG A 55 27.14 -23.19 8.62
N GLU A 56 27.31 -22.30 9.61
CA GLU A 56 26.23 -21.99 10.54
C GLU A 56 24.97 -21.60 9.82
N GLY A 57 23.88 -22.29 10.11
CA GLY A 57 22.57 -22.02 9.48
C GLY A 57 22.36 -22.78 8.19
N GLY A 58 23.36 -23.49 7.70
CA GLY A 58 23.21 -24.31 6.49
C GLY A 58 23.37 -23.51 5.21
N TYR A 59 22.82 -24.06 4.12
CA TYR A 59 23.14 -23.62 2.76
C TYR A 59 21.94 -23.13 1.97
N ILE A 60 20.76 -23.32 2.53
CA ILE A 60 19.53 -22.87 1.92
C ILE A 60 18.56 -22.58 3.09
N LYS A 61 17.69 -21.58 2.92
CA LYS A 61 16.77 -21.18 4.01
C LYS A 61 15.76 -22.27 4.36
N ARG A 62 15.21 -22.93 3.34
CA ARG A 62 14.37 -24.09 3.59
C ARG A 62 14.36 -24.95 2.34
N LEU A 63 13.94 -26.18 2.50
CA LEU A 63 13.83 -27.09 1.36
C LEU A 63 12.49 -26.84 0.70
N PRO A 64 12.51 -26.49 -0.60
CA PRO A 64 11.24 -26.26 -1.26
C PRO A 64 10.51 -27.57 -1.53
N LYS A 65 9.19 -27.49 -1.73
CA LYS A 65 8.39 -28.62 -2.17
C LYS A 65 8.20 -28.44 -3.67
N ASP A 66 8.00 -29.51 -4.41
CA ASP A 66 7.79 -29.37 -5.86
C ASP A 66 6.35 -28.87 -6.13
N PRO A 67 6.07 -28.40 -7.36
CA PRO A 67 4.74 -27.83 -7.57
C PRO A 67 3.55 -28.79 -7.34
N TRP A 68 3.82 -30.09 -7.21
CA TRP A 68 2.77 -31.09 -7.04
C TRP A 68 2.82 -31.70 -5.64
N GLY A 69 3.43 -30.96 -4.70
CA GLY A 69 3.43 -31.31 -3.30
C GLY A 69 4.49 -32.32 -2.86
N ASN A 70 5.29 -32.82 -3.79
CA ASN A 70 6.30 -33.81 -3.46
C ASN A 70 7.68 -33.22 -3.20
N ASP A 71 8.52 -33.94 -2.49
CA ASP A 71 9.87 -33.45 -2.24
C ASP A 71 10.65 -33.60 -3.52
N TYR A 72 11.59 -32.69 -3.76
CA TYR A 72 12.60 -32.94 -4.77
C TYR A 72 13.45 -34.13 -4.40
N GLN A 73 13.95 -34.81 -5.43
CA GLN A 73 14.77 -36.02 -5.30
C GLN A 73 16.23 -35.72 -5.51
N TYR A 74 17.12 -36.57 -4.98
CA TYR A 74 18.58 -36.32 -5.01
C TYR A 74 19.42 -37.59 -4.95
N LEU A 75 20.39 -37.68 -5.86
CA LEU A 75 21.32 -38.81 -5.88
C LEU A 75 22.73 -38.30 -6.05
N SER A 76 23.60 -38.82 -5.21
CA SER A 76 24.99 -38.50 -5.25
C SER A 76 25.78 -39.72 -4.80
N PRO A 77 26.56 -40.33 -5.71
CA PRO A 77 26.71 -39.94 -7.12
C PRO A 77 25.43 -40.11 -7.92
N GLY A 78 25.24 -39.31 -8.97
CA GLY A 78 24.02 -39.42 -9.79
C GLY A 78 24.10 -40.48 -10.88
N ASP A 79 22.95 -40.78 -11.48
CA ASP A 79 22.85 -41.56 -12.72
C ASP A 79 23.16 -40.71 -13.95
N LYS A 80 22.77 -39.43 -13.90
CA LYS A 80 22.82 -38.55 -15.09
C LYS A 80 24.01 -37.58 -15.09
N GLY A 81 24.57 -37.31 -13.92
CA GLY A 81 25.80 -36.54 -13.80
C GLY A 81 26.31 -36.68 -12.38
N THR A 82 27.25 -35.84 -11.99
CA THR A 82 27.93 -35.99 -10.70
C THR A 82 26.92 -36.04 -9.55
N ILE A 83 25.94 -35.14 -9.60
CA ILE A 83 24.77 -35.21 -8.73
C ILE A 83 23.52 -35.11 -9.56
N ASP A 84 22.45 -35.76 -9.12
CA ASP A 84 21.15 -35.62 -9.73
C ASP A 84 20.20 -34.95 -8.73
N VAL A 85 19.64 -33.82 -9.13
CA VAL A 85 18.61 -33.14 -8.38
C VAL A 85 17.42 -33.00 -9.30
N PHE A 86 16.26 -33.48 -8.88
CA PHE A 86 15.14 -33.58 -9.80
C PHE A 86 13.78 -33.73 -9.18
N THR A 87 12.76 -33.37 -9.96
CA THR A 87 11.38 -33.71 -9.69
C THR A 87 10.85 -34.63 -10.80
N LEU A 88 9.99 -35.56 -10.40
CA LEU A 88 9.39 -36.51 -11.35
C LEU A 88 8.12 -35.96 -12.00
N GLY A 89 7.72 -34.74 -11.64
CA GLY A 89 6.65 -34.04 -12.35
C GLY A 89 5.26 -34.36 -11.84
N ALA A 90 4.25 -34.00 -12.62
CA ALA A 90 2.86 -34.12 -12.23
C ALA A 90 2.40 -35.57 -11.94
N ASP A 91 2.98 -36.54 -12.63
CA ASP A 91 2.55 -37.93 -12.45
C ASP A 91 3.28 -38.63 -11.30
N GLY A 92 4.26 -37.96 -10.71
CA GLY A 92 5.02 -38.53 -9.60
C GLY A 92 5.75 -39.81 -9.94
N GLN A 93 6.09 -40.00 -11.21
CA GLN A 93 6.67 -41.26 -11.68
C GLN A 93 7.79 -40.96 -12.69
N GLU A 94 8.70 -41.92 -12.87
CA GLU A 94 9.76 -41.81 -13.86
C GLU A 94 9.17 -41.68 -15.28
N GLY A 95 9.83 -40.90 -16.14
CA GLY A 95 9.32 -40.63 -17.48
C GLY A 95 7.98 -39.91 -17.52
N GLY A 96 7.45 -39.73 -18.72
CA GLY A 96 6.17 -39.04 -18.92
C GLY A 96 6.33 -37.83 -19.80
N GLU A 97 5.22 -37.37 -20.36
CA GLU A 97 5.22 -36.17 -21.20
C GLU A 97 4.29 -35.12 -20.59
N GLY A 98 4.33 -33.92 -21.15
CA GLY A 98 3.52 -32.81 -20.65
C GLY A 98 4.01 -32.45 -19.26
N THR A 99 3.07 -32.10 -18.38
CA THR A 99 3.38 -31.78 -16.98
C THR A 99 3.94 -32.98 -16.23
N GLY A 100 3.80 -34.16 -16.83
CA GLY A 100 4.36 -35.38 -16.27
C GLY A 100 5.84 -35.53 -16.47
N ALA A 101 6.46 -34.74 -17.34
CA ALA A 101 7.88 -34.92 -17.60
C ALA A 101 8.74 -34.60 -16.39
N ASP A 102 9.84 -35.33 -16.31
CA ASP A 102 10.82 -35.25 -15.24
C ASP A 102 11.73 -34.07 -15.52
N ILE A 103 11.94 -33.23 -14.49
CA ILE A 103 12.78 -32.07 -14.62
C ILE A 103 13.94 -32.22 -13.65
N GLY A 104 15.16 -32.12 -14.15
CA GLY A 104 16.37 -32.31 -13.34
C GLY A 104 17.47 -31.37 -13.73
N ASN A 105 18.55 -31.36 -12.95
CA ASN A 105 19.68 -30.50 -13.26
C ASN A 105 20.31 -30.86 -14.61
N TRP A 106 20.19 -32.12 -15.01
CA TRP A 106 20.80 -32.59 -16.27
C TRP A 106 20.09 -32.11 -17.53
N ASN A 107 18.82 -31.75 -17.42
CA ASN A 107 18.05 -31.29 -18.59
C ASN A 107 17.35 -29.94 -18.34
N ILE A 108 17.81 -29.20 -17.34
CA ILE A 108 17.07 -28.07 -16.81
C ILE A 108 16.74 -27.00 -17.88
N GLN A 109 17.69 -26.78 -18.78
CA GLN A 109 17.57 -25.72 -19.79
C GLN A 109 16.35 -25.91 -20.66
N ASP A 110 16.03 -27.18 -20.95
CA ASP A 110 14.80 -27.54 -21.65
C ASP A 110 13.51 -26.93 -21.05
N PHE A 111 13.45 -26.74 -19.72
CA PHE A 111 12.24 -26.31 -19.05
C PHE A 111 12.29 -24.81 -18.67
N GLN A 112 13.42 -24.19 -18.92
CA GLN A 112 13.55 -22.77 -18.73
C GLN A 112 12.87 -22.06 -19.87
N LEU A 113 12.61 -20.78 -19.70
CA LEU A 113 12.07 -20.00 -20.79
C LEU A 113 13.03 -19.98 -21.97
N GLU A 114 12.46 -19.70 -23.12
CA GLU A 114 13.14 -19.79 -24.40
C GLU A 114 14.47 -19.05 -24.47
N HIS A 115 14.57 -17.86 -23.86
CA HIS A 115 15.80 -17.10 -23.85
C HIS A 115 16.99 -17.81 -23.20
N HIS A 116 16.72 -18.93 -22.50
CA HIS A 116 17.81 -19.72 -21.95
C HIS A 116 18.28 -20.84 -22.86
N HIS A 117 17.57 -21.04 -23.98
CA HIS A 117 17.81 -22.21 -24.82
C HIS A 117 18.94 -21.95 -25.79
N HIS A 118 19.55 -23.04 -26.25
CA HIS A 118 20.60 -22.98 -27.25
C HIS A 118 20.11 -23.74 -28.50
N HIS A 119 19.99 -23.04 -29.62
CA HIS A 119 19.42 -23.60 -30.86
C HIS A 119 20.40 -23.48 -32.03
N ASN B 2 38.71 -19.68 0.02
CA ASN B 2 37.54 -19.99 0.88
C ASN B 2 36.57 -18.81 0.93
N LYS B 3 36.92 -17.75 1.64
CA LYS B 3 36.04 -16.61 1.84
C LYS B 3 35.63 -15.95 0.51
N GLU B 4 36.57 -15.90 -0.44
CA GLU B 4 36.33 -15.23 -1.72
C GLU B 4 35.56 -16.11 -2.71
N LYS B 5 35.80 -17.42 -2.68
CA LYS B 5 35.03 -18.34 -3.52
C LYS B 5 33.61 -18.51 -2.96
N ALA B 6 33.46 -18.40 -1.65
CA ALA B 6 32.17 -18.41 -0.99
C ALA B 6 31.29 -17.21 -1.38
N ASP B 7 31.87 -16.02 -1.35
CA ASP B 7 31.14 -14.80 -1.72
C ASP B 7 30.73 -14.85 -3.19
N GLN B 8 31.65 -15.32 -4.02
CA GLN B 8 31.37 -15.50 -5.43
C GLN B 8 30.21 -16.47 -5.70
N GLN B 9 30.17 -17.61 -4.99
CA GLN B 9 29.05 -18.55 -5.15
C GLN B 9 27.75 -17.98 -4.59
N LYS B 10 27.82 -17.20 -3.51
CA LYS B 10 26.62 -16.54 -3.03
C LYS B 10 26.07 -15.55 -4.06
N ALA B 11 26.94 -14.82 -4.74
CA ALA B 11 26.50 -13.85 -5.74
C ALA B 11 25.84 -14.57 -6.89
N VAL B 12 26.45 -15.66 -7.35
CA VAL B 12 25.89 -16.48 -8.45
C VAL B 12 24.51 -16.99 -8.02
N THR B 13 24.42 -17.50 -6.80
CA THR B 13 23.18 -18.04 -6.31
C THR B 13 22.07 -17.01 -6.33
N ASP B 14 22.39 -15.81 -5.82
CA ASP B 14 21.42 -14.74 -5.67
C ASP B 14 20.97 -14.20 -7.05
N ILE B 15 21.90 -13.97 -7.96
CA ILE B 15 21.59 -13.50 -9.33
C ILE B 15 20.68 -14.49 -10.05
N VAL B 16 20.99 -15.77 -9.94
CA VAL B 16 20.20 -16.79 -10.58
C VAL B 16 18.80 -16.82 -9.97
N ALA B 17 18.71 -16.72 -8.64
CA ALA B 17 17.39 -16.70 -7.93
C ALA B 17 16.53 -15.52 -8.37
N LEU B 18 17.16 -14.36 -8.49
CA LEU B 18 16.50 -13.15 -8.90
C LEU B 18 16.08 -13.24 -10.38
N GLU B 19 16.97 -13.72 -11.23
CA GLU B 19 16.63 -13.86 -12.66
C GLU B 19 15.44 -14.79 -12.78
N ASN B 20 15.45 -15.87 -12.00
CA ASN B 20 14.31 -16.80 -12.01
C ASN B 20 12.99 -16.19 -11.53
N ALA B 21 13.06 -15.34 -10.49
CA ALA B 21 11.93 -14.62 -10.00
C ALA B 21 11.39 -13.62 -11.03
N LEU B 22 12.31 -12.97 -11.75
CA LEU B 22 11.94 -12.04 -12.79
C LEU B 22 11.22 -12.74 -13.94
N ASP B 23 11.68 -13.93 -14.33
CA ASP B 23 10.96 -14.70 -15.33
C ASP B 23 9.57 -15.09 -14.86
N MET B 24 9.39 -15.39 -13.55
CA MET B 24 8.06 -15.71 -13.02
C MET B 24 7.18 -14.46 -13.11
N TYR B 25 7.74 -13.28 -12.82
CA TYR B 25 7.02 -12.00 -12.96
C TYR B 25 6.53 -11.84 -14.42
N LYS B 26 7.44 -12.13 -15.34
CA LYS B 26 7.15 -11.93 -16.76
C LYS B 26 6.08 -12.92 -17.23
N LEU B 27 6.15 -14.15 -16.76
CA LEU B 27 5.12 -15.13 -17.11
C LEU B 27 3.74 -14.64 -16.70
N ASP B 28 3.62 -14.00 -15.54
CA ASP B 28 2.32 -13.49 -15.07
C ASP B 28 1.92 -12.18 -15.77
N ASN B 29 2.86 -11.27 -15.92
CA ASN B 29 2.54 -9.88 -16.26
C ASN B 29 2.86 -9.45 -17.70
N SER B 30 3.45 -10.35 -18.46
CA SER B 30 3.79 -10.16 -19.89
C SER B 30 4.99 -9.28 -20.16
N VAL B 31 5.56 -8.72 -19.10
CA VAL B 31 6.68 -7.83 -19.20
C VAL B 31 7.53 -8.03 -17.94
N TYR B 32 8.81 -7.67 -18.03
CA TYR B 32 9.63 -7.56 -16.82
C TYR B 32 9.37 -6.25 -16.09
N PRO B 33 9.71 -6.18 -14.79
CA PRO B 33 9.74 -4.87 -14.13
C PRO B 33 10.70 -3.94 -14.85
N THR B 34 10.37 -2.66 -14.89
CA THR B 34 11.28 -1.68 -15.43
C THR B 34 12.36 -1.36 -14.42
N THR B 35 13.41 -0.70 -14.88
CA THR B 35 14.45 -0.23 -14.01
C THR B 35 13.90 0.52 -12.80
N ASP B 36 12.93 1.38 -13.05
CA ASP B 36 12.39 2.23 -12.00
C ASP B 36 11.58 1.42 -11.01
N GLN B 37 10.82 0.45 -11.52
CA GLN B 37 10.10 -0.46 -10.65
C GLN B 37 11.06 -1.31 -9.79
N GLY B 38 12.14 -1.76 -10.40
CA GLY B 38 13.24 -2.39 -9.67
C GLY B 38 12.96 -3.81 -9.22
N LEU B 39 13.92 -4.37 -8.50
CA LEU B 39 13.79 -5.70 -7.93
C LEU B 39 12.73 -5.72 -6.83
N GLU B 40 12.46 -4.52 -6.28
CA GLU B 40 11.40 -4.32 -5.29
C GLU B 40 10.07 -4.86 -5.80
N ALA B 41 9.89 -4.79 -7.11
CA ALA B 41 8.68 -5.30 -7.74
C ALA B 41 8.48 -6.81 -7.50
N LEU B 42 9.55 -7.56 -7.22
CA LEU B 42 9.44 -9.00 -6.94
C LEU B 42 8.83 -9.29 -5.56
N VAL B 43 8.78 -8.27 -4.69
CA VAL B 43 8.33 -8.42 -3.30
C VAL B 43 7.00 -7.72 -3.09
N THR B 44 6.85 -6.52 -3.65
CA THR B 44 5.62 -5.75 -3.50
C THR B 44 5.13 -5.24 -4.84
N LYS B 45 3.81 -5.21 -5.00
CA LYS B 45 3.16 -4.79 -6.24
C LYS B 45 3.63 -3.40 -6.64
N PRO B 46 4.24 -3.28 -7.83
CA PRO B 46 4.68 -1.96 -8.31
C PRO B 46 3.57 -1.11 -8.97
N THR B 47 3.94 0.07 -9.45
CA THR B 47 3.08 0.91 -10.26
C THR B 47 3.88 1.56 -11.40
N ASN B 48 3.19 2.22 -12.33
CA ASN B 48 3.87 3.12 -13.29
C ASN B 48 5.01 2.41 -14.03
N PRO B 49 4.67 1.39 -14.87
CA PRO B 49 3.33 0.97 -15.23
C PRO B 49 2.64 0.05 -14.23
N GLU B 50 1.31 0.13 -14.20
CA GLU B 50 0.55 -0.82 -13.41
C GLU B 50 0.67 -2.21 -14.04
N PRO B 51 1.00 -3.21 -13.21
CA PRO B 51 1.12 -4.58 -13.66
C PRO B 51 -0.23 -5.20 -14.00
N ARG B 52 -0.21 -6.02 -15.05
CA ARG B 52 -1.44 -6.59 -15.61
C ARG B 52 -2.04 -7.70 -14.78
N ASN B 53 -1.22 -8.38 -13.98
CA ASN B 53 -1.66 -9.62 -13.33
C ASN B 53 -0.70 -10.03 -12.22
N TYR B 54 -0.56 -9.16 -11.22
CA TYR B 54 0.42 -9.39 -10.15
C TYR B 54 -0.01 -10.46 -9.15
N ARG B 55 0.88 -11.43 -8.92
CA ARG B 55 0.62 -12.59 -8.07
C ARG B 55 0.48 -12.15 -6.62
N GLU B 56 -0.57 -12.61 -5.93
CA GLU B 56 -0.73 -12.25 -4.53
C GLU B 56 0.42 -12.87 -3.74
N GLY B 57 1.13 -12.04 -2.97
CA GLY B 57 2.29 -12.52 -2.21
C GLY B 57 3.61 -12.33 -2.94
N GLY B 58 3.57 -11.83 -4.17
CA GLY B 58 4.81 -11.53 -4.91
C GLY B 58 5.55 -12.78 -5.36
N TYR B 59 6.81 -12.60 -5.74
CA TYR B 59 7.60 -13.60 -6.47
C TYR B 59 8.84 -14.09 -5.73
N ILE B 60 9.16 -13.43 -4.64
CA ILE B 60 10.31 -13.83 -3.82
C ILE B 60 10.02 -13.35 -2.40
N LYS B 61 10.46 -14.07 -1.37
CA LYS B 61 10.16 -13.69 0.02
C LYS B 61 10.84 -12.38 0.42
N ARG B 62 12.12 -12.27 0.12
CA ARG B 62 12.85 -11.07 0.41
C ARG B 62 13.94 -10.92 -0.64
N LEU B 63 14.49 -9.72 -0.75
CA LEU B 63 15.59 -9.51 -1.66
C LEU B 63 16.89 -9.75 -0.93
N PRO B 64 17.76 -10.61 -1.48
CA PRO B 64 19.05 -10.82 -0.88
C PRO B 64 19.96 -9.59 -1.04
N LYS B 65 20.97 -9.46 -0.18
CA LYS B 65 21.98 -8.41 -0.32
C LYS B 65 23.19 -9.09 -0.90
N ASP B 66 24.06 -8.34 -1.58
CA ASP B 66 25.24 -8.97 -2.14
C ASP B 66 26.28 -9.27 -1.04
N PRO B 67 27.27 -10.10 -1.32
CA PRO B 67 28.22 -10.47 -0.25
C PRO B 67 29.02 -9.32 0.37
N TRP B 68 28.89 -8.11 -0.17
CA TRP B 68 29.65 -6.96 0.30
C TRP B 68 28.71 -5.94 0.93
N GLY B 69 27.43 -6.31 1.06
CA GLY B 69 26.45 -5.53 1.78
C GLY B 69 25.64 -4.59 0.93
N ASN B 70 25.89 -4.59 -0.37
CA ASN B 70 25.19 -3.71 -1.30
C ASN B 70 24.00 -4.41 -1.94
N ASP B 71 22.98 -3.65 -2.31
CA ASP B 71 21.84 -4.19 -3.04
C ASP B 71 22.27 -4.64 -4.42
N TYR B 72 21.71 -5.77 -4.90
CA TYR B 72 21.89 -6.12 -6.29
C TYR B 72 21.27 -5.04 -7.18
N GLN B 73 21.84 -4.89 -8.38
CA GLN B 73 21.46 -3.85 -9.35
C GLN B 73 20.65 -4.47 -10.46
N TYR B 74 19.77 -3.66 -11.04
CA TYR B 74 18.83 -4.16 -12.03
C TYR B 74 18.57 -3.12 -13.10
N LEU B 75 18.62 -3.54 -14.36
CA LEU B 75 18.31 -2.67 -15.49
C LEU B 75 17.37 -3.36 -16.45
N SER B 76 16.27 -2.68 -16.76
CA SER B 76 15.37 -3.13 -17.79
C SER B 76 14.81 -1.93 -18.55
N PRO B 77 15.25 -1.73 -19.81
CA PRO B 77 16.10 -2.58 -20.63
C PRO B 77 17.54 -2.58 -20.14
N GLY B 78 18.21 -3.72 -20.22
CA GLY B 78 19.61 -3.81 -19.80
C GLY B 78 20.55 -3.20 -20.82
N ASP B 79 21.81 -3.01 -20.42
CA ASP B 79 22.87 -2.60 -21.33
C ASP B 79 23.61 -3.81 -21.91
N LYS B 80 23.58 -4.93 -21.19
CA LYS B 80 24.26 -6.15 -21.62
C LYS B 80 23.31 -7.22 -22.16
N GLY B 81 22.02 -7.01 -21.99
CA GLY B 81 21.02 -7.93 -22.52
C GLY B 81 19.64 -7.39 -22.26
N THR B 82 18.63 -8.21 -22.47
CA THR B 82 17.28 -7.76 -22.27
C THR B 82 17.05 -7.16 -20.89
N ILE B 83 17.44 -7.90 -19.85
CA ILE B 83 17.49 -7.39 -18.48
C ILE B 83 18.89 -7.69 -17.93
N ASP B 84 19.38 -6.77 -17.11
CA ASP B 84 20.66 -6.94 -16.45
C ASP B 84 20.35 -7.05 -14.96
N VAL B 85 20.84 -8.12 -14.34
CA VAL B 85 20.78 -8.29 -12.87
C VAL B 85 22.20 -8.58 -12.45
N PHE B 86 22.74 -7.78 -11.53
CA PHE B 86 24.16 -7.87 -11.25
C PHE B 86 24.59 -7.30 -9.92
N THR B 87 25.83 -7.64 -9.58
CA THR B 87 26.53 -6.97 -8.49
C THR B 87 27.81 -6.37 -9.04
N LEU B 88 28.21 -5.22 -8.51
CA LEU B 88 29.48 -4.65 -8.96
C LEU B 88 30.67 -5.20 -8.18
N GLY B 89 30.45 -6.15 -7.27
CA GLY B 89 31.55 -6.89 -6.71
C GLY B 89 32.16 -6.13 -5.55
N ALA B 90 33.36 -6.52 -5.17
CA ALA B 90 33.94 -6.06 -3.91
C ALA B 90 34.31 -4.58 -3.93
N ASP B 91 34.71 -4.06 -5.10
CA ASP B 91 35.08 -2.65 -5.25
C ASP B 91 33.87 -1.71 -5.35
N GLY B 92 32.70 -2.27 -5.66
CA GLY B 92 31.46 -1.47 -5.67
C GLY B 92 31.37 -0.55 -6.87
N GLN B 93 32.15 -0.82 -7.92
CA GLN B 93 32.16 0.01 -9.13
C GLN B 93 32.33 -0.84 -10.37
N GLU B 94 32.15 -0.24 -11.54
CA GLU B 94 32.23 -1.00 -12.78
C GLU B 94 33.65 -1.48 -13.05
N GLY B 95 33.75 -2.70 -13.55
CA GLY B 95 35.04 -3.32 -13.80
C GLY B 95 35.73 -3.76 -12.53
N GLY B 96 36.99 -4.16 -12.70
CA GLY B 96 37.82 -4.61 -11.59
C GLY B 96 38.24 -6.04 -11.86
N GLU B 97 39.32 -6.47 -11.20
CA GLU B 97 39.82 -7.83 -11.35
C GLU B 97 39.56 -8.59 -10.07
N GLY B 98 39.58 -9.92 -10.13
CA GLY B 98 39.37 -10.73 -8.94
C GLY B 98 38.05 -10.39 -8.28
N THR B 99 38.06 -10.19 -6.96
CA THR B 99 36.83 -10.00 -6.19
C THR B 99 36.09 -8.71 -6.55
N GLY B 100 36.79 -7.80 -7.22
CA GLY B 100 36.15 -6.61 -7.76
C GLY B 100 35.41 -6.91 -9.06
N ALA B 101 35.56 -8.10 -9.61
CA ALA B 101 34.91 -8.44 -10.88
C ALA B 101 33.38 -8.24 -10.76
N ASP B 102 32.77 -7.67 -11.79
CA ASP B 102 31.31 -7.51 -11.80
C ASP B 102 30.71 -8.86 -12.18
N ILE B 103 29.65 -9.26 -11.49
CA ILE B 103 29.00 -10.53 -11.77
C ILE B 103 27.55 -10.26 -12.09
N GLY B 104 27.09 -10.77 -13.23
CA GLY B 104 25.74 -10.47 -13.65
C GLY B 104 25.17 -11.63 -14.43
N ASN B 105 23.91 -11.54 -14.79
CA ASN B 105 23.30 -12.60 -15.55
C ASN B 105 23.98 -12.85 -16.90
N TRP B 106 24.61 -11.82 -17.45
CA TRP B 106 25.17 -11.90 -18.80
C TRP B 106 26.46 -12.71 -18.83
N ASN B 107 27.11 -12.85 -17.68
CA ASN B 107 28.37 -13.58 -17.60
C ASN B 107 28.41 -14.61 -16.47
N ILE B 108 27.24 -15.03 -16.03
CA ILE B 108 27.12 -15.78 -14.81
C ILE B 108 27.93 -17.10 -14.81
N GLN B 109 27.94 -17.82 -15.94
CA GLN B 109 28.67 -19.08 -16.05
C GLN B 109 30.14 -18.94 -15.66
N ASP B 110 30.72 -17.77 -15.98
CA ASP B 110 32.13 -17.46 -15.64
C ASP B 110 32.43 -17.58 -14.16
N PHE B 111 31.46 -17.29 -13.31
CA PHE B 111 31.69 -17.31 -11.88
C PHE B 111 31.15 -18.54 -11.19
N GLN B 112 30.49 -19.40 -11.95
CA GLN B 112 30.09 -20.69 -11.43
C GLN B 112 31.25 -21.64 -11.42
N LEU B 113 31.08 -22.76 -10.72
CA LEU B 113 32.07 -23.78 -10.68
C LEU B 113 32.30 -24.34 -12.08
N GLU B 114 33.47 -24.96 -12.25
CA GLU B 114 33.96 -25.40 -13.55
C GLU B 114 33.01 -26.33 -14.28
N HIS B 115 32.26 -27.17 -13.58
CA HIS B 115 31.31 -28.06 -14.25
C HIS B 115 30.19 -27.32 -14.99
N HIS B 116 30.10 -26.01 -14.80
CA HIS B 116 29.10 -25.21 -15.48
C HIS B 116 29.67 -24.59 -16.74
N HIS B 117 30.98 -24.72 -16.94
CA HIS B 117 31.66 -24.01 -18.02
C HIS B 117 31.57 -24.77 -19.34
N HIS B 118 31.71 -24.00 -20.41
CA HIS B 118 31.82 -24.51 -21.77
C HIS B 118 33.22 -24.19 -22.32
N HIS B 119 34.06 -25.19 -22.44
CA HIS B 119 35.37 -25.04 -23.08
C HIS B 119 36.02 -26.42 -23.29
N ASN C 2 -17.93 25.19 -5.02
CA ASN C 2 -17.32 23.93 -5.53
C ASN C 2 -15.80 23.89 -5.30
N LYS C 3 -15.08 24.83 -5.90
CA LYS C 3 -13.61 24.79 -5.90
C LYS C 3 -13.00 24.75 -4.49
N GLU C 4 -13.51 25.59 -3.60
CA GLU C 4 -12.90 25.74 -2.29
C GLU C 4 -13.18 24.52 -1.40
N LYS C 5 -14.38 23.95 -1.53
CA LYS C 5 -14.75 22.72 -0.82
C LYS C 5 -13.98 21.52 -1.34
N ALA C 6 -13.77 21.48 -2.67
CA ALA C 6 -12.99 20.42 -3.30
C ALA C 6 -11.53 20.43 -2.84
N ASP C 7 -10.94 21.63 -2.82
CA ASP C 7 -9.57 21.80 -2.34
C ASP C 7 -9.44 21.30 -0.92
N GLN C 8 -10.38 21.68 -0.08
CA GLN C 8 -10.40 21.22 1.28
C GLN C 8 -10.51 19.69 1.42
N GLN C 9 -11.39 19.06 0.64
CA GLN C 9 -11.50 17.60 0.71
C GLN C 9 -10.25 16.91 0.16
N LYS C 10 -9.57 17.53 -0.81
CA LYS C 10 -8.31 16.95 -1.31
C LYS C 10 -7.27 16.96 -0.19
N ALA C 11 -7.20 18.08 0.51
CA ALA C 11 -6.24 18.24 1.59
C ALA C 11 -6.48 17.18 2.65
N VAL C 12 -7.75 16.98 3.00
CA VAL C 12 -8.14 15.99 3.99
C VAL C 12 -7.72 14.60 3.55
N THR C 13 -8.07 14.23 2.32
CA THR C 13 -7.72 12.94 1.75
C THR C 13 -6.21 12.67 1.79
N ASP C 14 -5.42 13.68 1.39
CA ASP C 14 -3.96 13.51 1.28
C ASP C 14 -3.32 13.43 2.70
N ILE C 15 -3.76 14.28 3.62
CA ILE C 15 -3.26 14.23 4.99
C ILE C 15 -3.56 12.91 5.69
N VAL C 16 -4.80 12.42 5.58
CA VAL C 16 -5.14 11.12 6.14
C VAL C 16 -4.40 9.95 5.46
N ALA C 17 -4.19 9.98 4.14
CA ALA C 17 -3.32 8.99 3.48
C ALA C 17 -1.87 9.03 3.99
N LEU C 18 -1.33 10.24 4.13
CA LEU C 18 0.06 10.38 4.58
C LEU C 18 0.16 9.89 6.02
N GLU C 19 -0.80 10.30 6.84
CA GLU C 19 -0.83 9.85 8.24
C GLU C 19 -0.94 8.32 8.32
N ASN C 20 -1.82 7.71 7.53
CA ASN C 20 -1.84 6.24 7.44
C ASN C 20 -0.53 5.55 6.96
N ALA C 21 0.13 6.12 5.96
CA ALA C 21 1.43 5.62 5.48
C ALA C 21 2.51 5.74 6.57
N LEU C 22 2.45 6.83 7.34
CA LEU C 22 3.31 7.06 8.48
C LEU C 22 3.09 6.01 9.57
N ASP C 23 1.84 5.70 9.87
CA ASP C 23 1.53 4.63 10.82
C ASP C 23 2.05 3.24 10.35
N MET C 24 1.93 2.92 9.04
CA MET C 24 2.52 1.70 8.45
C MET C 24 4.06 1.69 8.64
N TYR C 25 4.71 2.81 8.34
CA TYR C 25 6.15 2.95 8.55
C TYR C 25 6.51 2.64 10.03
N LYS C 26 5.80 3.26 10.97
CA LYS C 26 6.02 3.03 12.40
C LYS C 26 5.77 1.58 12.86
N LEU C 27 4.71 0.95 12.35
CA LEU C 27 4.45 -0.46 12.62
C LEU C 27 5.60 -1.36 12.21
N ASP C 28 6.21 -1.05 11.06
CA ASP C 28 7.37 -1.81 10.59
C ASP C 28 8.66 -1.47 11.33
N ASN C 29 8.89 -0.17 11.54
CA ASN C 29 10.19 0.32 11.95
C ASN C 29 10.25 0.78 13.43
N SER C 30 9.12 0.73 14.13
CA SER C 30 9.01 1.03 15.57
C SER C 30 9.12 2.51 15.94
N VAL C 31 9.48 3.35 14.96
CA VAL C 31 9.53 4.80 15.12
C VAL C 31 8.96 5.45 13.88
N TYR C 32 8.52 6.70 13.98
CA TYR C 32 8.13 7.45 12.81
C TYR C 32 9.38 7.99 12.18
N PRO C 33 9.33 8.34 10.89
CA PRO C 33 10.47 9.07 10.32
C PRO C 33 10.73 10.37 11.09
N THR C 34 12.00 10.73 11.26
CA THR C 34 12.33 12.01 11.88
C THR C 34 11.97 13.11 10.92
N THR C 35 11.94 14.35 11.40
CA THR C 35 11.72 15.51 10.51
C THR C 35 12.71 15.55 9.37
N ASP C 36 13.99 15.30 9.68
CA ASP C 36 15.04 15.23 8.66
C ASP C 36 14.80 14.12 7.62
N GLN C 37 14.36 12.93 8.03
CA GLN C 37 14.07 11.86 7.05
C GLN C 37 12.87 12.26 6.18
N GLY C 38 11.85 12.78 6.84
CA GLY C 38 10.76 13.48 6.18
C GLY C 38 9.75 12.51 5.62
N LEU C 39 8.76 13.07 4.92
CA LEU C 39 7.79 12.30 4.17
C LEU C 39 8.46 11.49 3.03
N GLU C 40 9.57 12.01 2.49
CA GLU C 40 10.34 11.27 1.48
C GLU C 40 10.67 9.84 1.91
N ALA C 41 10.82 9.60 3.21
CA ALA C 41 11.03 8.26 3.77
C ALA C 41 9.92 7.27 3.43
N LEU C 42 8.72 7.78 3.15
CA LEU C 42 7.61 6.92 2.74
C LEU C 42 7.80 6.38 1.33
N VAL C 43 8.60 7.06 0.49
CA VAL C 43 8.78 6.64 -0.90
C VAL C 43 10.15 6.00 -1.19
N THR C 44 11.19 6.39 -0.44
CA THR C 44 12.57 5.90 -0.66
C THR C 44 13.18 5.60 0.70
N LYS C 45 13.82 4.44 0.84
CA LYS C 45 14.45 4.05 2.08
C LYS C 45 15.40 5.12 2.60
N PRO C 46 15.17 5.58 3.85
CA PRO C 46 15.97 6.62 4.43
C PRO C 46 17.21 6.09 5.14
N THR C 47 17.87 6.98 5.87
CA THR C 47 19.10 6.65 6.59
C THR C 47 19.13 7.59 7.81
N ASN C 48 20.13 7.41 8.68
CA ASN C 48 20.29 8.26 9.88
C ASN C 48 19.05 8.29 10.80
N PRO C 49 18.63 7.13 11.32
CA PRO C 49 19.20 5.81 11.05
C PRO C 49 18.52 5.13 9.87
N GLU C 50 19.25 4.26 9.17
CA GLU C 50 18.65 3.38 8.19
C GLU C 50 17.72 2.45 8.95
N PRO C 51 16.48 2.27 8.47
CA PRO C 51 15.46 1.71 9.33
C PRO C 51 15.63 0.22 9.61
N ARG C 52 14.98 -0.23 10.68
CA ARG C 52 15.10 -1.60 11.16
C ARG C 52 14.48 -2.60 10.19
N ASN C 53 13.44 -2.19 9.48
CA ASN C 53 12.60 -3.12 8.75
C ASN C 53 11.83 -2.41 7.62
N TYR C 54 12.56 -1.80 6.70
CA TYR C 54 11.92 -1.02 5.64
C TYR C 54 11.27 -1.90 4.56
N ARG C 55 9.97 -1.68 4.35
CA ARG C 55 9.19 -2.43 3.37
C ARG C 55 9.71 -2.17 1.96
N GLU C 56 10.00 -3.23 1.21
CA GLU C 56 10.52 -3.06 -0.15
C GLU C 56 9.51 -2.30 -0.98
N GLY C 57 9.97 -1.23 -1.63
CA GLY C 57 9.12 -0.46 -2.50
C GLY C 57 8.34 0.63 -1.77
N GLY C 58 8.55 0.75 -0.46
CA GLY C 58 8.09 1.89 0.32
C GLY C 58 6.67 1.75 0.86
N TYR C 59 6.09 2.90 1.22
CA TYR C 59 4.81 2.94 1.94
C TYR C 59 3.74 3.73 1.21
N ILE C 60 4.13 4.45 0.18
CA ILE C 60 3.19 5.17 -0.64
C ILE C 60 3.81 5.29 -2.03
N LYS C 61 2.96 5.36 -3.05
CA LYS C 61 3.40 5.35 -4.44
C LYS C 61 4.22 6.58 -4.79
N ARG C 62 3.72 7.74 -4.39
CA ARG C 62 4.45 8.99 -4.55
C ARG C 62 3.78 9.98 -3.60
N LEU C 63 4.52 11.01 -3.19
CA LEU C 63 3.96 11.99 -2.28
C LEU C 63 3.03 12.94 -3.02
N PRO C 64 1.81 13.15 -2.49
CA PRO C 64 0.95 14.13 -3.12
C PRO C 64 1.47 15.57 -2.91
N LYS C 65 0.97 16.51 -3.70
CA LYS C 65 1.12 17.94 -3.44
C LYS C 65 -0.23 18.46 -2.95
N ASP C 66 -0.21 19.57 -2.22
CA ASP C 66 -1.42 20.11 -1.63
C ASP C 66 -2.22 20.84 -2.72
N PRO C 67 -3.48 21.21 -2.46
CA PRO C 67 -4.31 21.81 -3.51
C PRO C 67 -3.76 23.09 -4.12
N TRP C 68 -2.79 23.71 -3.48
CA TRP C 68 -2.20 24.97 -3.95
C TRP C 68 -0.78 24.73 -4.48
N GLY C 69 -0.44 23.46 -4.67
CA GLY C 69 0.75 23.06 -5.38
C GLY C 69 1.99 22.96 -4.52
N ASN C 70 1.83 23.06 -3.21
CA ASN C 70 2.95 23.02 -2.30
C ASN C 70 3.06 21.66 -1.66
N ASP C 71 4.28 21.28 -1.27
CA ASP C 71 4.47 20.01 -0.60
C ASP C 71 3.81 20.09 0.77
N TYR C 72 3.28 18.95 1.21
CA TYR C 72 2.81 18.83 2.59
C TYR C 72 4.00 18.91 3.55
N GLN C 73 3.72 19.32 4.77
CA GLN C 73 4.77 19.58 5.75
C GLN C 73 4.71 18.51 6.81
N TYR C 74 5.85 18.27 7.43
CA TYR C 74 5.96 17.20 8.41
C TYR C 74 6.94 17.52 9.53
N LEU C 75 6.49 17.33 10.76
CA LEU C 75 7.35 17.52 11.91
C LEU C 75 7.24 16.30 12.81
N SER C 76 8.38 15.71 13.10
CA SER C 76 8.46 14.59 14.00
C SER C 76 9.77 14.76 14.74
N PRO C 77 9.71 15.23 16.00
CA PRO C 77 8.49 15.51 16.78
C PRO C 77 7.64 16.71 16.31
N GLY C 78 6.34 16.64 16.64
CA GLY C 78 5.41 17.70 16.27
C GLY C 78 5.15 18.66 17.41
N ASP C 79 4.58 19.82 17.11
CA ASP C 79 4.23 20.79 18.12
C ASP C 79 2.78 20.65 18.55
N LYS C 80 1.95 20.10 17.68
CA LYS C 80 0.53 19.96 17.96
C LYS C 80 0.15 18.53 18.27
N GLY C 81 1.07 17.60 18.04
CA GLY C 81 0.87 16.20 18.42
C GLY C 81 2.14 15.41 18.21
N THR C 82 2.05 14.10 18.39
CA THR C 82 3.19 13.21 18.24
C THR C 82 3.97 13.49 16.95
N ILE C 83 3.25 13.47 15.83
CA ILE C 83 3.74 13.96 14.55
C ILE C 83 2.74 14.97 14.03
N ASP C 84 3.23 15.95 13.28
CA ASP C 84 2.38 16.93 12.60
C ASP C 84 2.56 16.66 11.11
N VAL C 85 1.46 16.37 10.43
CA VAL C 85 1.40 16.36 8.98
C VAL C 85 0.37 17.39 8.57
N PHE C 86 0.77 18.33 7.73
CA PHE C 86 -0.13 19.45 7.43
C PHE C 86 0.16 20.21 6.15
N THR C 87 -0.85 20.96 5.73
CA THR C 87 -0.72 22.00 4.75
C THR C 87 -1.06 23.32 5.44
N LEU C 88 -0.25 24.34 5.14
CA LEU C 88 -0.51 25.69 5.58
C LEU C 88 -1.55 26.39 4.72
N GLY C 89 -2.09 25.72 3.71
CA GLY C 89 -3.27 26.25 3.05
C GLY C 89 -2.95 27.24 1.96
N ALA C 90 -3.97 27.98 1.53
CA ALA C 90 -3.88 28.86 0.37
C ALA C 90 -2.90 30.03 0.56
N ASP C 91 -2.60 30.42 1.80
CA ASP C 91 -1.68 31.54 2.03
C ASP C 91 -0.22 31.10 2.18
N GLY C 92 0.00 29.81 2.35
CA GLY C 92 1.34 29.28 2.35
C GLY C 92 2.09 29.57 3.62
N GLN C 93 1.42 30.13 4.62
CA GLN C 93 2.08 30.44 5.88
C GLN C 93 1.13 30.19 7.05
N GLU C 94 1.68 30.32 8.25
CA GLU C 94 0.99 29.97 9.50
C GLU C 94 -0.26 30.78 9.74
N GLY C 95 -1.23 30.11 10.36
CA GLY C 95 -2.55 30.68 10.59
C GLY C 95 -3.24 31.04 9.29
N GLY C 96 -4.36 31.72 9.43
CA GLY C 96 -5.15 32.18 8.31
C GLY C 96 -6.57 31.71 8.49
N GLU C 97 -7.53 32.48 7.98
CA GLU C 97 -8.92 32.05 7.97
C GLU C 97 -9.27 31.77 6.52
N GLY C 98 -10.39 31.10 6.32
CA GLY C 98 -10.84 30.76 5.00
C GLY C 98 -9.93 29.72 4.38
N THR C 99 -9.71 29.84 3.08
CA THR C 99 -8.86 28.93 2.34
C THR C 99 -7.42 28.94 2.85
N GLY C 100 -7.06 29.96 3.62
CA GLY C 100 -5.74 30.04 4.24
C GLY C 100 -5.60 29.20 5.50
N ALA C 101 -6.71 28.63 5.95
CA ALA C 101 -6.74 27.87 7.19
C ALA C 101 -5.76 26.72 7.06
N ASP C 102 -4.92 26.52 8.08
CA ASP C 102 -3.96 25.43 8.07
C ASP C 102 -4.70 24.15 8.39
N ILE C 103 -4.44 23.11 7.61
CA ILE C 103 -5.12 21.84 7.80
C ILE C 103 -4.06 20.79 8.12
N GLY C 104 -4.23 20.14 9.26
CA GLY C 104 -3.28 19.17 9.80
C GLY C 104 -3.96 17.95 10.38
N ASN C 105 -3.16 16.97 10.75
CA ASN C 105 -3.70 15.79 11.33
C ASN C 105 -4.36 16.08 12.68
N TRP C 106 -3.91 17.14 13.34
CA TRP C 106 -4.39 17.46 14.67
C TRP C 106 -5.79 18.01 14.64
N ASN C 107 -6.19 18.62 13.53
CA ASN C 107 -7.50 19.27 13.44
C ASN C 107 -8.31 18.80 12.25
N ILE C 108 -7.99 17.60 11.75
CA ILE C 108 -8.46 17.16 10.45
C ILE C 108 -9.99 17.02 10.43
N GLN C 109 -10.59 16.62 11.54
CA GLN C 109 -12.05 16.49 11.62
C GLN C 109 -12.79 17.77 11.21
N ASP C 110 -12.24 18.93 11.57
CA ASP C 110 -12.83 20.23 11.28
C ASP C 110 -13.03 20.47 9.79
N PHE C 111 -12.20 19.84 8.96
CA PHE C 111 -12.26 20.04 7.52
C PHE C 111 -12.93 18.90 6.73
N GLN C 112 -13.32 17.85 7.43
CA GLN C 112 -14.05 16.78 6.80
C GLN C 112 -15.52 17.20 6.71
N LEU C 113 -16.27 16.44 5.93
CA LEU C 113 -17.71 16.64 5.80
C LEU C 113 -18.41 16.38 7.13
N GLU C 114 -19.59 16.98 7.29
CA GLU C 114 -20.28 17.03 8.58
C GLU C 114 -20.49 15.68 9.22
N HIS C 115 -20.70 14.64 8.41
CA HIS C 115 -20.89 13.32 8.97
C HIS C 115 -19.67 12.78 9.74
N HIS C 116 -18.51 13.42 9.61
CA HIS C 116 -17.34 13.05 10.42
C HIS C 116 -17.22 13.82 11.74
N HIS C 117 -18.06 14.84 11.92
CA HIS C 117 -17.92 15.73 13.08
C HIS C 117 -18.51 15.13 14.33
N HIS C 118 -17.95 15.55 15.47
CA HIS C 118 -18.51 15.20 16.76
C HIS C 118 -18.90 16.50 17.42
N HIS C 119 -20.20 16.78 17.42
CA HIS C 119 -20.74 17.95 18.05
C HIS C 119 -21.05 17.61 19.52
N GLY D 1 3.83 -11.29 13.93
CA GLY D 1 2.88 -10.17 14.12
C GLY D 1 2.92 -9.18 12.99
N ASN D 2 4.08 -9.04 12.34
CA ASN D 2 4.25 -7.97 11.35
C ASN D 2 3.24 -8.05 10.22
N LYS D 3 3.07 -9.25 9.65
CA LYS D 3 2.13 -9.45 8.56
C LYS D 3 0.71 -9.08 8.95
N GLU D 4 0.25 -9.60 10.09
CA GLU D 4 -1.10 -9.39 10.56
C GLU D 4 -1.36 -7.89 10.79
N LYS D 5 -0.44 -7.23 11.49
CA LYS D 5 -0.57 -5.80 11.76
C LYS D 5 -0.51 -4.98 10.49
N ALA D 6 0.32 -5.39 9.53
CA ALA D 6 0.40 -4.72 8.24
C ALA D 6 -0.87 -4.89 7.40
N ASP D 7 -1.42 -6.11 7.35
CA ASP D 7 -2.70 -6.34 6.64
C ASP D 7 -3.79 -5.45 7.20
N GLN D 8 -3.87 -5.42 8.52
CA GLN D 8 -4.91 -4.67 9.18
C GLN D 8 -4.77 -3.18 8.88
N GLN D 9 -3.55 -2.66 8.95
CA GLN D 9 -3.31 -1.24 8.64
C GLN D 9 -3.53 -0.95 7.15
N LYS D 10 -3.27 -1.91 6.28
CA LYS D 10 -3.61 -1.77 4.86
C LYS D 10 -5.12 -1.65 4.66
N ALA D 11 -5.92 -2.49 5.33
CA ALA D 11 -7.36 -2.44 5.18
C ALA D 11 -7.87 -1.09 5.63
N VAL D 12 -7.39 -0.64 6.78
CA VAL D 12 -7.73 0.70 7.31
C VAL D 12 -7.41 1.76 6.28
N THR D 13 -6.19 1.73 5.77
CA THR D 13 -5.75 2.72 4.80
C THR D 13 -6.68 2.79 3.59
N ASP D 14 -7.02 1.61 3.06
CA ASP D 14 -7.82 1.51 1.85
C ASP D 14 -9.26 1.92 2.06
N ILE D 15 -9.84 1.49 3.17
CA ILE D 15 -11.20 1.87 3.49
C ILE D 15 -11.33 3.38 3.68
N VAL D 16 -10.38 4.00 4.37
CA VAL D 16 -10.39 5.42 4.60
C VAL D 16 -10.22 6.19 3.28
N ALA D 17 -9.32 5.68 2.43
CA ALA D 17 -9.08 6.26 1.10
C ALA D 17 -10.30 6.18 0.20
N LEU D 18 -10.95 5.03 0.20
CA LEU D 18 -12.20 4.86 -0.57
C LEU D 18 -13.29 5.76 -0.08
N GLU D 19 -13.49 5.81 1.24
CA GLU D 19 -14.48 6.70 1.83
C GLU D 19 -14.21 8.15 1.50
N ASN D 20 -12.94 8.55 1.54
CA ASN D 20 -12.59 9.93 1.18
C ASN D 20 -12.89 10.24 -0.31
N ALA D 21 -12.61 9.28 -1.17
CA ALA D 21 -12.85 9.42 -2.59
C ALA D 21 -14.37 9.50 -2.87
N LEU D 22 -15.17 8.74 -2.10
CA LEU D 22 -16.62 8.80 -2.20
C LEU D 22 -17.16 10.13 -1.74
N ASP D 23 -16.54 10.71 -0.70
CA ASP D 23 -16.94 12.04 -0.28
C ASP D 23 -16.65 13.11 -1.31
N MET D 24 -15.53 13.00 -2.02
CA MET D 24 -15.21 13.93 -3.11
C MET D 24 -16.23 13.79 -4.24
N TYR D 25 -16.57 12.56 -4.63
CA TYR D 25 -17.63 12.29 -5.60
C TYR D 25 -18.93 13.00 -5.21
N LYS D 26 -19.37 12.81 -3.96
CA LYS D 26 -20.58 13.46 -3.45
C LYS D 26 -20.53 14.99 -3.46
N LEU D 27 -19.38 15.55 -3.11
CA LEU D 27 -19.19 17.00 -3.16
C LEU D 27 -19.41 17.53 -4.57
N ASP D 28 -18.88 16.83 -5.56
CA ASP D 28 -18.95 17.25 -6.95
C ASP D 28 -20.36 17.04 -7.49
N ASN D 29 -20.96 15.92 -7.12
CA ASN D 29 -22.12 15.39 -7.83
C ASN D 29 -23.41 15.36 -7.01
N SER D 30 -23.34 15.81 -5.76
CA SER D 30 -24.48 15.96 -4.84
C SER D 30 -25.07 14.65 -4.30
N VAL D 31 -24.60 13.52 -4.79
CA VAL D 31 -25.00 12.20 -4.28
C VAL D 31 -23.83 11.25 -4.31
N TYR D 32 -23.91 10.15 -3.56
CA TYR D 32 -22.94 9.07 -3.67
C TYR D 32 -23.29 8.15 -4.83
N PRO D 33 -22.31 7.39 -5.37
CA PRO D 33 -22.63 6.30 -6.30
C PRO D 33 -23.64 5.35 -5.67
N THR D 34 -24.53 4.79 -6.49
CA THR D 34 -25.46 3.73 -6.03
C THR D 34 -24.66 2.47 -5.86
N THR D 35 -25.23 1.46 -5.19
CA THR D 35 -24.60 0.15 -5.05
C THR D 35 -24.27 -0.44 -6.41
N ASP D 36 -25.18 -0.24 -7.38
CA ASP D 36 -24.95 -0.77 -8.72
C ASP D 36 -23.79 -0.04 -9.41
N GLN D 37 -23.71 1.27 -9.23
CA GLN D 37 -22.65 2.03 -9.87
C GLN D 37 -21.35 1.59 -9.25
N GLY D 38 -21.38 1.40 -7.93
CA GLY D 38 -20.28 0.73 -7.25
C GLY D 38 -19.09 1.67 -7.09
N LEU D 39 -18.02 1.13 -6.52
CA LEU D 39 -16.76 1.83 -6.36
C LEU D 39 -16.10 2.10 -7.71
N GLU D 40 -16.48 1.33 -8.73
CA GLU D 40 -16.06 1.58 -10.11
C GLU D 40 -16.35 3.01 -10.53
N ALA D 41 -17.43 3.59 -10.03
CA ALA D 41 -17.80 4.96 -10.28
C ALA D 41 -16.67 5.94 -9.94
N LEU D 42 -15.81 5.60 -8.99
CA LEU D 42 -14.68 6.47 -8.61
C LEU D 42 -13.56 6.50 -9.67
N VAL D 43 -13.51 5.51 -10.55
CA VAL D 43 -12.47 5.44 -11.56
C VAL D 43 -13.00 5.80 -12.95
N THR D 44 -14.25 5.38 -13.27
CA THR D 44 -14.89 5.59 -14.57
C THR D 44 -16.25 6.29 -14.38
N LYS D 45 -16.53 7.31 -15.18
CA LYS D 45 -17.82 7.96 -15.09
C LYS D 45 -18.92 6.92 -15.25
N PRO D 46 -19.86 6.85 -14.30
CA PRO D 46 -21.02 5.99 -14.43
C PRO D 46 -22.26 6.60 -15.12
N THR D 47 -23.27 5.77 -15.29
CA THR D 47 -24.54 6.17 -15.87
C THR D 47 -25.64 5.77 -14.91
N ASN D 48 -26.82 6.34 -15.12
CA ASN D 48 -28.07 5.89 -14.48
C ASN D 48 -28.05 5.99 -12.97
N PRO D 49 -27.83 7.20 -12.42
CA PRO D 49 -27.69 8.46 -13.14
C PRO D 49 -26.27 8.77 -13.60
N GLU D 50 -26.16 9.60 -14.63
CA GLU D 50 -24.88 10.08 -15.07
C GLU D 50 -24.61 11.37 -14.29
N PRO D 51 -23.44 11.46 -13.64
CA PRO D 51 -23.15 12.66 -12.86
C PRO D 51 -22.82 13.90 -13.70
N ARG D 52 -23.44 15.02 -13.31
CA ARG D 52 -23.34 16.29 -14.02
C ARG D 52 -21.97 16.97 -13.89
N ASN D 53 -21.30 16.77 -12.76
CA ASN D 53 -20.03 17.43 -12.53
C ASN D 53 -18.91 16.43 -12.24
N TYR D 54 -18.81 15.36 -13.04
CA TYR D 54 -17.80 14.33 -12.82
C TYR D 54 -16.42 14.81 -13.17
N ARG D 55 -15.46 14.47 -12.31
CA ARG D 55 -14.11 15.00 -12.43
C ARG D 55 -13.29 14.27 -13.47
N GLU D 56 -12.60 15.03 -14.31
CA GLU D 56 -11.71 14.44 -15.30
C GLU D 56 -10.62 13.65 -14.58
N GLY D 57 -10.43 12.40 -15.00
CA GLY D 57 -9.51 11.50 -14.31
C GLY D 57 -10.18 10.68 -13.22
N GLY D 58 -11.39 11.03 -12.83
CA GLY D 58 -12.08 10.35 -11.70
C GLY D 58 -11.61 10.82 -10.33
N TYR D 59 -11.77 9.94 -9.33
CA TYR D 59 -11.61 10.28 -7.92
C TYR D 59 -10.56 9.44 -7.20
N ILE D 60 -10.12 8.38 -7.84
CA ILE D 60 -9.08 7.52 -7.32
C ILE D 60 -8.45 6.96 -8.57
N LYS D 61 -7.15 6.68 -8.53
CA LYS D 61 -6.45 6.22 -9.72
C LYS D 61 -6.78 4.77 -10.01
N ARG D 62 -6.76 3.95 -8.95
CA ARG D 62 -7.00 2.53 -9.06
C ARG D 62 -7.77 2.06 -7.84
N LEU D 63 -8.70 1.13 -8.01
CA LEU D 63 -9.37 0.52 -6.87
C LEU D 63 -8.40 -0.44 -6.22
N PRO D 64 -8.16 -0.31 -4.90
CA PRO D 64 -7.27 -1.27 -4.24
C PRO D 64 -7.93 -2.63 -4.02
N LYS D 65 -7.13 -3.67 -3.85
CA LYS D 65 -7.62 -4.98 -3.41
C LYS D 65 -7.38 -5.07 -1.92
N ASP D 66 -8.24 -5.80 -1.24
CA ASP D 66 -8.09 -5.98 0.20
C ASP D 66 -6.90 -6.89 0.45
N PRO D 67 -6.35 -6.89 1.69
CA PRO D 67 -5.14 -7.67 1.96
C PRO D 67 -5.22 -9.19 1.72
N TRP D 68 -6.42 -9.72 1.50
CA TRP D 68 -6.60 -11.16 1.28
C TRP D 68 -7.00 -11.45 -0.17
N GLY D 69 -6.90 -10.44 -1.03
CA GLY D 69 -7.05 -10.64 -2.47
C GLY D 69 -8.37 -10.22 -3.06
N ASN D 70 -9.31 -9.86 -2.20
CA ASN D 70 -10.68 -9.61 -2.62
C ASN D 70 -11.02 -8.13 -2.76
N ASP D 71 -11.97 -7.83 -3.63
CA ASP D 71 -12.47 -6.45 -3.76
C ASP D 71 -13.16 -5.99 -2.49
N TYR D 72 -12.95 -4.74 -2.17
CA TYR D 72 -13.70 -4.11 -1.11
C TYR D 72 -15.13 -4.03 -1.55
N GLN D 73 -16.04 -4.05 -0.59
CA GLN D 73 -17.48 -4.03 -0.83
C GLN D 73 -18.10 -2.65 -0.54
N TYR D 74 -19.21 -2.37 -1.20
CA TYR D 74 -19.84 -1.05 -1.13
C TYR D 74 -21.35 -1.17 -1.20
N LEU D 75 -22.05 -0.49 -0.29
CA LEU D 75 -23.50 -0.40 -0.33
C LEU D 75 -23.95 1.02 -0.12
N SER D 76 -24.85 1.47 -0.98
CA SER D 76 -25.43 2.80 -0.85
C SER D 76 -26.89 2.66 -1.23
N PRO D 77 -27.81 2.90 -0.30
CA PRO D 77 -27.57 3.21 1.11
C PRO D 77 -26.93 2.01 1.81
N GLY D 78 -26.19 2.27 2.88
CA GLY D 78 -25.57 1.17 3.60
C GLY D 78 -26.55 0.60 4.61
N ASP D 79 -26.18 -0.55 5.17
CA ASP D 79 -26.93 -1.19 6.27
C ASP D 79 -26.48 -0.60 7.60
N LYS D 80 -25.21 -0.20 7.68
CA LYS D 80 -24.65 0.33 8.92
C LYS D 80 -24.55 1.85 8.97
N GLY D 81 -24.58 2.51 7.82
CA GLY D 81 -24.55 3.99 7.76
C GLY D 81 -24.97 4.50 6.39
N THR D 82 -24.83 5.80 6.15
CA THR D 82 -25.28 6.37 4.88
C THR D 82 -24.69 5.60 3.70
N ILE D 83 -23.40 5.29 3.76
CA ILE D 83 -22.79 4.35 2.85
C ILE D 83 -22.04 3.32 3.68
N ASP D 84 -21.89 2.11 3.15
CA ASP D 84 -21.00 1.13 3.77
C ASP D 84 -19.87 0.83 2.82
N VAL D 85 -18.64 0.94 3.32
CA VAL D 85 -17.48 0.48 2.57
C VAL D 85 -16.70 -0.44 3.49
N PHE D 86 -16.39 -1.65 3.04
CA PHE D 86 -15.86 -2.64 3.95
C PHE D 86 -15.15 -3.78 3.30
N THR D 87 -14.36 -4.47 4.14
CA THR D 87 -13.77 -5.76 3.79
C THR D 87 -14.29 -6.79 4.80
N LEU D 88 -14.45 -8.03 4.35
CA LEU D 88 -14.90 -9.10 5.24
C LEU D 88 -13.74 -9.88 5.85
N GLY D 89 -12.51 -9.41 5.67
CA GLY D 89 -11.40 -9.96 6.45
C GLY D 89 -10.90 -11.26 5.87
N ALA D 90 -10.07 -11.97 6.63
CA ALA D 90 -9.34 -13.13 6.13
C ALA D 90 -10.25 -14.28 5.71
N ASP D 91 -11.36 -14.44 6.41
CA ASP D 91 -12.26 -15.56 6.16
C ASP D 91 -13.14 -15.35 4.93
N GLY D 92 -13.16 -14.11 4.44
CA GLY D 92 -14.01 -13.76 3.31
C GLY D 92 -15.49 -13.90 3.61
N GLN D 93 -15.84 -13.98 4.90
CA GLN D 93 -17.22 -14.19 5.30
C GLN D 93 -17.65 -13.16 6.32
N GLU D 94 -18.95 -12.85 6.37
CA GLU D 94 -19.50 -11.98 7.42
C GLU D 94 -19.13 -12.50 8.80
N GLY D 95 -18.81 -11.57 9.70
CA GLY D 95 -18.34 -11.93 11.04
C GLY D 95 -16.99 -12.62 11.03
N GLY D 96 -16.58 -13.11 12.21
CA GLY D 96 -15.34 -13.87 12.32
C GLY D 96 -14.44 -13.26 13.38
N GLU D 97 -13.31 -13.90 13.61
CA GLU D 97 -12.45 -13.53 14.74
C GLU D 97 -11.02 -13.21 14.28
N GLY D 98 -10.35 -12.35 15.05
CA GLY D 98 -8.96 -12.00 14.77
C GLY D 98 -8.81 -11.40 13.40
N THR D 99 -7.96 -12.02 12.58
CA THR D 99 -7.77 -11.57 11.20
C THR D 99 -9.03 -11.73 10.36
N GLY D 100 -10.01 -12.45 10.89
CA GLY D 100 -11.28 -12.62 10.21
C GLY D 100 -12.32 -11.56 10.49
N ALA D 101 -12.03 -10.60 11.37
CA ALA D 101 -13.02 -9.58 11.71
C ALA D 101 -13.30 -8.69 10.48
N ASP D 102 -14.55 -8.31 10.30
CA ASP D 102 -14.94 -7.42 9.20
C ASP D 102 -14.50 -6.02 9.57
N ILE D 103 -13.88 -5.31 8.62
CA ILE D 103 -13.46 -3.93 8.83
C ILE D 103 -14.23 -3.05 7.85
N GLY D 104 -14.93 -2.04 8.37
CA GLY D 104 -15.76 -1.15 7.56
C GLY D 104 -15.62 0.27 8.02
N ASN D 105 -16.21 1.19 7.27
CA ASN D 105 -16.17 2.57 7.67
C ASN D 105 -16.87 2.79 9.01
N TRP D 106 -17.84 1.94 9.35
CA TRP D 106 -18.63 2.09 10.56
C TRP D 106 -17.89 1.76 11.87
N ASN D 107 -16.84 0.95 11.79
CA ASN D 107 -16.04 0.55 12.99
C ASN D 107 -14.53 0.76 12.80
N ILE D 108 -14.17 1.62 11.87
CA ILE D 108 -12.81 1.68 11.37
C ILE D 108 -11.82 2.04 12.51
N GLN D 109 -12.24 2.87 13.46
CA GLN D 109 -11.37 3.32 14.55
C GLN D 109 -10.89 2.12 15.37
N ASP D 110 -11.69 1.06 15.40
CA ASP D 110 -11.37 -0.14 16.17
C ASP D 110 -10.08 -0.76 15.67
N PHE D 111 -9.77 -0.55 14.39
CA PHE D 111 -8.66 -1.22 13.76
C PHE D 111 -7.44 -0.35 13.54
N GLN D 112 -7.57 0.91 13.91
CA GLN D 112 -6.50 1.85 13.81
C GLN D 112 -5.65 1.74 15.05
N LEU D 113 -4.44 2.30 14.98
CA LEU D 113 -3.55 2.36 16.13
C LEU D 113 -4.18 3.14 17.28
N GLU D 114 -3.68 2.90 18.49
CA GLU D 114 -4.32 3.39 19.70
C GLU D 114 -4.52 4.90 19.73
N HIS D 115 -3.61 5.65 19.13
CA HIS D 115 -3.76 7.10 19.11
C HIS D 115 -4.99 7.61 18.34
N HIS D 116 -5.66 6.73 17.61
CA HIS D 116 -6.92 7.07 16.97
C HIS D 116 -8.17 6.73 17.81
N HIS D 117 -8.02 6.07 18.95
CA HIS D 117 -9.18 5.64 19.76
C HIS D 117 -9.67 6.71 20.72
N HIS D 118 -10.93 6.58 21.14
CA HIS D 118 -11.54 7.45 22.14
C HIS D 118 -11.92 6.64 23.38
N HIS D 119 -11.19 6.66 24.49
CA HIS D 119 -9.95 7.43 24.80
C HIS D 119 -9.30 8.20 23.68
N ASN E 2 -17.93 -19.18 -49.41
CA ASN E 2 -17.99 -18.86 -47.95
C ASN E 2 -19.42 -18.66 -47.45
N LYS E 3 -20.21 -17.88 -48.19
CA LYS E 3 -21.60 -17.64 -47.84
C LYS E 3 -22.40 -18.94 -47.94
N GLU E 4 -22.04 -19.76 -48.92
CA GLU E 4 -22.76 -21.00 -49.19
C GLU E 4 -22.53 -22.03 -48.09
N LYS E 5 -21.27 -22.16 -47.64
CA LYS E 5 -20.93 -23.05 -46.52
C LYS E 5 -21.55 -22.57 -45.21
N ALA E 6 -21.58 -21.25 -45.03
CA ALA E 6 -22.19 -20.64 -43.87
C ALA E 6 -23.71 -20.88 -43.84
N ASP E 7 -24.37 -20.70 -44.97
CA ASP E 7 -25.80 -20.95 -45.09
C ASP E 7 -26.10 -22.41 -44.78
N GLN E 8 -25.28 -23.30 -45.30
CA GLN E 8 -25.55 -24.72 -45.13
C GLN E 8 -25.40 -25.11 -43.65
N GLN E 9 -24.41 -24.54 -42.97
CA GLN E 9 -24.23 -24.84 -41.54
C GLN E 9 -25.35 -24.24 -40.70
N LYS E 10 -25.85 -23.08 -41.10
CA LYS E 10 -27.03 -22.51 -40.44
C LYS E 10 -28.22 -23.46 -40.56
N ALA E 11 -28.46 -23.98 -41.76
CA ALA E 11 -29.59 -24.91 -41.94
C ALA E 11 -29.42 -26.11 -41.05
N VAL E 12 -28.21 -26.68 -41.07
CA VAL E 12 -27.90 -27.83 -40.22
C VAL E 12 -28.18 -27.53 -38.75
N THR E 13 -27.68 -26.41 -38.26
CA THR E 13 -27.85 -26.04 -36.87
C THR E 13 -29.34 -25.89 -36.52
N ASP E 14 -30.09 -25.23 -37.40
CA ASP E 14 -31.54 -25.02 -37.19
C ASP E 14 -32.30 -26.33 -37.23
N ILE E 15 -32.01 -27.19 -38.20
CA ILE E 15 -32.71 -28.49 -38.25
C ILE E 15 -32.45 -29.34 -37.03
N VAL E 16 -31.19 -29.37 -36.56
CA VAL E 16 -30.82 -30.16 -35.40
C VAL E 16 -31.51 -29.66 -34.13
N ALA E 17 -31.59 -28.34 -34.01
CA ALA E 17 -32.24 -27.67 -32.89
C ALA E 17 -33.72 -27.97 -32.88
N LEU E 18 -34.36 -27.85 -34.05
CA LEU E 18 -35.79 -28.15 -34.18
C LEU E 18 -36.10 -29.62 -33.92
N GLU E 19 -35.28 -30.52 -34.46
CA GLU E 19 -35.48 -31.93 -34.21
C GLU E 19 -35.35 -32.26 -32.72
N ASN E 20 -34.38 -31.63 -32.04
CA ASN E 20 -34.17 -31.88 -30.62
C ASN E 20 -35.36 -31.36 -29.82
N ALA E 21 -35.86 -30.20 -30.20
CA ALA E 21 -37.08 -29.65 -29.56
C ALA E 21 -38.30 -30.57 -29.77
N LEU E 22 -38.42 -31.13 -30.98
CA LEU E 22 -39.49 -32.03 -31.30
C LEU E 22 -39.38 -33.31 -30.46
N ASP E 23 -38.14 -33.81 -30.25
CA ASP E 23 -37.94 -34.98 -29.43
C ASP E 23 -38.35 -34.73 -27.99
N MET E 24 -38.09 -33.51 -27.51
CA MET E 24 -38.46 -33.14 -26.15
C MET E 24 -39.97 -33.02 -25.98
N TYR E 25 -40.62 -32.48 -27.00
CA TYR E 25 -42.08 -32.45 -27.02
C TYR E 25 -42.62 -33.86 -26.89
N LYS E 26 -42.05 -34.79 -27.63
CA LYS E 26 -42.44 -36.19 -27.65
C LYS E 26 -42.21 -36.90 -26.33
N LEU E 27 -41.05 -36.67 -25.70
CA LEU E 27 -40.76 -37.17 -24.35
C LEU E 27 -41.81 -36.71 -23.32
N ASP E 28 -42.23 -35.45 -23.43
CA ASP E 28 -43.28 -34.89 -22.55
C ASP E 28 -44.68 -35.42 -22.84
N ASN E 29 -45.06 -35.42 -24.11
CA ASN E 29 -46.45 -35.59 -24.51
C ASN E 29 -46.77 -36.92 -25.18
N SER E 30 -45.74 -37.75 -25.33
CA SER E 30 -45.83 -39.11 -25.88
C SER E 30 -46.12 -39.20 -27.38
N VAL E 31 -46.34 -38.05 -28.03
CA VAL E 31 -46.50 -37.97 -29.48
C VAL E 31 -45.76 -36.72 -29.97
N TYR E 32 -45.38 -36.72 -31.24
CA TYR E 32 -44.88 -35.51 -31.93
C TYR E 32 -46.05 -34.62 -32.30
N PRO E 33 -45.81 -33.30 -32.48
CA PRO E 33 -46.87 -32.45 -33.05
C PRO E 33 -47.27 -33.01 -34.41
N THR E 34 -48.52 -32.87 -34.80
CA THR E 34 -48.93 -33.30 -36.14
C THR E 34 -48.56 -32.24 -37.18
N THR E 35 -48.58 -32.62 -38.44
CA THR E 35 -48.35 -31.66 -39.52
C THR E 35 -49.16 -30.36 -39.35
N ASP E 36 -50.42 -30.48 -38.95
CA ASP E 36 -51.29 -29.31 -38.88
C ASP E 36 -50.99 -28.42 -37.68
N GLN E 37 -50.56 -29.04 -36.58
CA GLN E 37 -50.12 -28.32 -35.40
C GLN E 37 -48.78 -27.64 -35.69
N GLY E 38 -47.92 -28.35 -36.43
CA GLY E 38 -46.71 -27.76 -37.01
C GLY E 38 -45.64 -27.45 -36.00
N LEU E 39 -44.59 -26.81 -36.47
CA LEU E 39 -43.48 -26.38 -35.63
C LEU E 39 -43.93 -25.32 -34.64
N GLU E 40 -44.98 -24.56 -34.99
CA GLU E 40 -45.56 -23.61 -34.06
C GLU E 40 -45.83 -24.20 -32.69
N ALA E 41 -46.12 -25.50 -32.66
CA ALA E 41 -46.42 -26.25 -31.45
C ALA E 41 -45.26 -26.26 -30.47
N LEU E 42 -44.05 -26.01 -30.97
CA LEU E 42 -42.86 -25.93 -30.12
C LEU E 42 -42.78 -24.63 -29.35
N VAL E 43 -43.48 -23.60 -29.82
CA VAL E 43 -43.34 -22.27 -29.22
C VAL E 43 -44.61 -21.82 -28.47
N THR E 44 -45.79 -22.21 -29.00
CA THR E 44 -47.08 -21.96 -28.35
C THR E 44 -47.84 -23.27 -28.20
N LYS E 45 -48.35 -23.53 -26.99
CA LYS E 45 -49.21 -24.68 -26.72
C LYS E 45 -50.23 -24.92 -27.84
N PRO E 46 -50.18 -26.12 -28.47
CA PRO E 46 -51.12 -26.38 -29.57
C PRO E 46 -52.46 -26.94 -29.12
N THR E 47 -53.34 -27.14 -30.10
CA THR E 47 -54.59 -27.82 -29.88
C THR E 47 -54.91 -28.71 -31.07
N ASN E 48 -56.02 -29.44 -30.97
CA ASN E 48 -56.45 -30.37 -31.99
C ASN E 48 -55.35 -31.33 -32.46
N PRO E 49 -54.89 -32.24 -31.58
CA PRO E 49 -55.26 -32.50 -30.19
C PRO E 49 -54.51 -31.70 -29.14
N GLU E 50 -55.11 -31.64 -27.96
CA GLU E 50 -54.53 -30.90 -26.84
C GLU E 50 -53.39 -31.76 -26.33
N PRO E 51 -52.23 -31.14 -26.00
CA PRO E 51 -51.12 -31.90 -25.43
C PRO E 51 -51.31 -32.25 -23.94
N ARG E 52 -50.92 -33.47 -23.59
CA ARG E 52 -51.14 -34.03 -22.26
C ARG E 52 -50.29 -33.36 -21.18
N ASN E 53 -49.12 -32.87 -21.57
CA ASN E 53 -48.14 -32.40 -20.59
C ASN E 53 -47.20 -31.36 -21.21
N TYR E 54 -47.78 -30.29 -21.72
CA TYR E 54 -47.02 -29.23 -22.41
C TYR E 54 -46.19 -28.42 -21.44
N ARG E 55 -44.89 -28.38 -21.71
CA ARG E 55 -43.94 -27.62 -20.92
C ARG E 55 -44.30 -26.13 -20.94
N GLU E 56 -44.42 -25.55 -19.75
CA GLU E 56 -44.68 -24.13 -19.64
C GLU E 56 -43.52 -23.34 -20.26
N GLY E 57 -43.84 -22.52 -21.25
CA GLY E 57 -42.82 -21.75 -21.98
C GLY E 57 -42.40 -22.38 -23.31
N GLY E 58 -42.93 -23.56 -23.61
CA GLY E 58 -42.63 -24.24 -24.87
C GLY E 58 -41.30 -24.98 -24.89
N TYR E 59 -40.86 -25.34 -26.11
CA TYR E 59 -39.75 -26.26 -26.27
C TYR E 59 -38.58 -25.67 -27.01
N ILE E 60 -38.78 -24.47 -27.55
CA ILE E 60 -37.72 -23.71 -28.20
C ILE E 60 -38.16 -22.26 -28.06
N LYS E 61 -37.24 -21.32 -28.05
CA LYS E 61 -37.62 -19.92 -27.81
C LYS E 61 -38.17 -19.22 -29.04
N ARG E 62 -37.67 -19.62 -30.21
CA ARG E 62 -37.97 -18.94 -31.46
C ARG E 62 -37.83 -19.93 -32.60
N LEU E 63 -38.76 -19.89 -33.56
CA LEU E 63 -38.63 -20.71 -34.75
C LEU E 63 -37.73 -19.97 -35.72
N PRO E 64 -36.59 -20.59 -36.10
CA PRO E 64 -35.73 -19.94 -37.07
C PRO E 64 -36.36 -19.90 -38.48
N LYS E 65 -35.94 -18.95 -39.33
CA LYS E 65 -36.20 -19.00 -40.76
C LYS E 65 -34.99 -19.67 -41.38
N ASP E 66 -35.14 -20.30 -42.54
CA ASP E 66 -33.99 -20.91 -43.21
C ASP E 66 -33.09 -19.83 -43.86
N PRO E 67 -31.89 -20.21 -44.32
CA PRO E 67 -30.95 -19.22 -44.87
C PRO E 67 -31.45 -18.42 -46.08
N TRP E 68 -32.54 -18.87 -46.67
CA TRP E 68 -33.09 -18.23 -47.86
C TRP E 68 -34.41 -17.58 -47.52
N GLY E 69 -34.70 -17.49 -46.23
CA GLY E 69 -35.84 -16.70 -45.74
C GLY E 69 -37.18 -17.39 -45.63
N ASN E 70 -37.20 -18.71 -45.88
CA ASN E 70 -38.43 -19.49 -45.81
C ASN E 70 -38.57 -20.21 -44.48
N ASP E 71 -39.79 -20.49 -44.05
CA ASP E 71 -40.00 -21.30 -42.87
C ASP E 71 -39.44 -22.70 -43.11
N TYR E 72 -38.93 -23.32 -42.06
CA TYR E 72 -38.62 -24.74 -42.14
C TYR E 72 -39.94 -25.48 -42.28
N GLN E 73 -39.90 -26.62 -42.96
CA GLN E 73 -41.08 -27.44 -43.19
C GLN E 73 -41.12 -28.62 -42.25
N TYR E 74 -42.32 -29.16 -42.04
CA TYR E 74 -42.53 -30.22 -41.07
C TYR E 74 -43.68 -31.10 -41.50
N LEU E 75 -43.46 -32.41 -41.45
CA LEU E 75 -44.48 -33.42 -41.73
C LEU E 75 -44.47 -34.44 -40.62
N SER E 76 -45.63 -34.70 -40.04
CA SER E 76 -45.77 -35.76 -39.06
C SER E 76 -47.17 -36.37 -39.19
N PRO E 77 -47.28 -37.64 -39.63
CA PRO E 77 -46.19 -38.59 -39.90
C PRO E 77 -45.34 -38.14 -41.08
N GLY E 78 -44.05 -38.44 -41.05
CA GLY E 78 -43.16 -38.06 -42.15
C GLY E 78 -43.20 -39.06 -43.29
N ASP E 79 -42.62 -38.65 -44.42
CA ASP E 79 -42.49 -39.51 -45.58
C ASP E 79 -41.21 -40.32 -45.46
N LYS E 80 -40.18 -39.71 -44.89
CA LYS E 80 -38.85 -40.30 -44.89
C LYS E 80 -38.42 -40.79 -43.50
N GLY E 81 -39.24 -40.49 -42.50
CA GLY E 81 -38.97 -40.87 -41.13
C GLY E 81 -40.24 -40.71 -40.33
N THR E 82 -40.20 -41.01 -39.04
CA THR E 82 -41.34 -40.75 -38.18
C THR E 82 -41.79 -39.30 -38.29
N ILE E 83 -40.84 -38.37 -38.23
CA ILE E 83 -41.12 -36.98 -38.57
C ILE E 83 -40.11 -36.54 -39.63
N ASP E 84 -40.54 -35.64 -40.50
CA ASP E 84 -39.62 -34.97 -41.42
C ASP E 84 -39.56 -33.49 -41.05
N VAL E 85 -38.35 -32.97 -40.86
CA VAL E 85 -38.14 -31.54 -40.65
C VAL E 85 -37.02 -31.13 -41.57
N PHE E 86 -37.29 -30.11 -42.39
CA PHE E 86 -36.43 -29.85 -43.53
C PHE E 86 -36.56 -28.46 -44.13
N THR E 87 -35.55 -28.08 -44.90
CA THR E 87 -35.63 -26.92 -45.81
C THR E 87 -35.56 -27.43 -47.24
N LEU E 88 -36.31 -26.79 -48.14
CA LEU E 88 -36.22 -27.09 -49.53
C LEU E 88 -35.03 -26.40 -50.20
N GLY E 89 -34.16 -25.75 -49.43
CA GLY E 89 -32.95 -25.19 -50.00
C GLY E 89 -33.23 -23.91 -50.76
N ALA E 90 -32.28 -23.52 -51.60
CA ALA E 90 -32.27 -22.18 -52.19
C ALA E 90 -33.30 -22.03 -53.29
N ASP E 91 -33.73 -23.13 -53.89
CA ASP E 91 -34.76 -23.10 -54.92
C ASP E 91 -36.19 -23.13 -54.39
N GLY E 92 -36.35 -23.32 -53.08
CA GLY E 92 -37.67 -23.34 -52.47
C GLY E 92 -38.60 -24.47 -52.88
N GLN E 93 -38.09 -25.48 -53.56
CA GLN E 93 -38.92 -26.61 -53.99
C GLN E 93 -38.19 -27.97 -53.90
N GLU E 94 -38.97 -29.04 -54.02
CA GLU E 94 -38.46 -30.41 -53.87
C GLU E 94 -37.36 -30.74 -54.88
N GLY E 95 -36.39 -31.53 -54.41
CA GLY E 95 -35.22 -31.85 -55.20
C GLY E 95 -34.34 -30.63 -55.44
N GLY E 96 -33.52 -30.69 -56.49
CA GLY E 96 -32.61 -29.61 -56.81
C GLY E 96 -31.18 -30.00 -56.55
N GLU E 97 -30.27 -29.07 -56.81
CA GLU E 97 -28.85 -29.36 -56.77
C GLU E 97 -28.11 -28.17 -56.23
N GLY E 98 -26.86 -28.40 -55.80
CA GLY E 98 -26.06 -27.34 -55.20
C GLY E 98 -26.76 -26.76 -54.00
N THR E 99 -26.87 -25.44 -53.95
CA THR E 99 -27.50 -24.79 -52.83
C THR E 99 -29.03 -25.01 -52.81
N GLY E 100 -29.58 -25.55 -53.90
CA GLY E 100 -30.98 -25.96 -53.95
C GLY E 100 -31.29 -27.29 -53.32
N ALA E 101 -30.25 -28.06 -52.99
CA ALA E 101 -30.45 -29.34 -52.31
C ALA E 101 -31.26 -29.23 -51.01
N ASP E 102 -32.19 -30.17 -50.85
CA ASP E 102 -33.04 -30.27 -49.70
C ASP E 102 -32.21 -30.81 -48.52
N ILE E 103 -32.33 -30.17 -47.38
CA ILE E 103 -31.63 -30.56 -46.19
C ILE E 103 -32.71 -30.89 -45.16
N GLY E 104 -32.66 -32.12 -44.64
CA GLY E 104 -33.65 -32.56 -43.68
C GLY E 104 -33.04 -33.46 -42.62
N ASN E 105 -33.84 -33.83 -41.65
CA ASN E 105 -33.33 -34.67 -40.58
C ASN E 105 -32.86 -36.05 -41.11
N TRP E 106 -33.41 -36.48 -42.25
CA TRP E 106 -33.13 -37.79 -42.84
C TRP E 106 -31.77 -37.87 -43.52
N ASN E 107 -31.16 -36.72 -43.84
CA ASN E 107 -29.89 -36.70 -44.59
C ASN E 107 -28.95 -35.68 -44.03
N ILE E 108 -29.18 -35.32 -42.77
CA ILE E 108 -28.52 -34.19 -42.17
C ILE E 108 -26.98 -34.33 -42.20
N GLN E 109 -26.48 -35.55 -41.97
CA GLN E 109 -25.01 -35.77 -41.91
C GLN E 109 -24.32 -35.37 -43.21
N ASP E 110 -25.03 -35.51 -44.32
CA ASP E 110 -24.48 -35.15 -45.63
C ASP E 110 -24.04 -33.70 -45.69
N PHE E 111 -24.65 -32.83 -44.86
CA PHE E 111 -24.46 -31.39 -44.93
C PHE E 111 -23.63 -30.84 -43.77
N GLN E 112 -23.27 -31.75 -42.88
CA GLN E 112 -22.39 -31.46 -41.77
C GLN E 112 -20.94 -31.60 -42.20
N LEU E 113 -20.06 -30.97 -41.44
CA LEU E 113 -18.61 -31.18 -41.60
C LEU E 113 -18.20 -32.65 -41.57
N GLU E 114 -17.08 -32.97 -42.23
CA GLU E 114 -16.67 -34.36 -42.45
C GLU E 114 -16.59 -35.18 -41.17
N HIS E 115 -16.24 -34.56 -40.03
CA HIS E 115 -16.17 -35.34 -38.79
C HIS E 115 -17.51 -35.89 -38.36
N HIS E 116 -18.59 -35.43 -38.98
CA HIS E 116 -19.89 -36.03 -38.73
C HIS E 116 -20.25 -37.21 -39.63
N HIS E 117 -19.47 -37.43 -40.69
CA HIS E 117 -19.74 -38.49 -41.67
C HIS E 117 -19.26 -39.86 -41.20
N HIS E 118 -19.96 -40.92 -41.64
CA HIS E 118 -19.61 -42.30 -41.35
C HIS E 118 -19.19 -42.92 -42.69
N HIS E 119 -17.90 -42.97 -42.97
CA HIS E 119 -17.42 -43.59 -44.20
C HIS E 119 -17.19 -45.08 -43.96
N ALA F 6 -34.32 -35.89 -17.95
CA ALA F 6 -34.65 -34.48 -17.58
C ALA F 6 -33.43 -33.59 -17.73
N ASP F 7 -32.53 -33.71 -16.77
CA ASP F 7 -31.27 -32.97 -16.79
C ASP F 7 -30.49 -33.44 -18.01
N GLN F 8 -30.62 -34.73 -18.30
CA GLN F 8 -29.96 -35.36 -19.43
C GLN F 8 -30.35 -34.73 -20.76
N GLN F 9 -31.62 -34.38 -20.91
CA GLN F 9 -32.06 -33.83 -22.19
C GLN F 9 -31.57 -32.39 -22.34
N LYS F 10 -31.38 -31.69 -21.22
CA LYS F 10 -30.78 -30.34 -21.25
C LYS F 10 -29.32 -30.43 -21.69
N ALA F 11 -28.56 -31.32 -21.06
CA ALA F 11 -27.15 -31.55 -21.46
C ALA F 11 -27.03 -31.84 -22.95
N VAL F 12 -27.92 -32.69 -23.47
CA VAL F 12 -27.90 -33.03 -24.90
C VAL F 12 -28.16 -31.80 -25.76
N THR F 13 -29.16 -31.01 -25.39
CA THR F 13 -29.51 -29.81 -26.15
C THR F 13 -28.33 -28.84 -26.21
N ASP F 14 -27.76 -28.60 -25.04
CA ASP F 14 -26.65 -27.67 -24.84
C ASP F 14 -25.41 -28.15 -25.61
N ILE F 15 -25.06 -29.42 -25.50
CA ILE F 15 -23.82 -29.90 -26.17
C ILE F 15 -23.92 -29.82 -27.69
N VAL F 16 -25.08 -30.24 -28.22
CA VAL F 16 -25.32 -30.18 -29.64
C VAL F 16 -25.25 -28.75 -30.14
N ALA F 17 -25.82 -27.84 -29.35
CA ALA F 17 -25.82 -26.43 -29.69
C ALA F 17 -24.39 -25.87 -29.69
N LEU F 18 -23.65 -26.21 -28.67
CA LEU F 18 -22.30 -25.75 -28.50
C LEU F 18 -21.43 -26.30 -29.64
N GLU F 19 -21.59 -27.58 -29.95
CA GLU F 19 -20.78 -28.22 -31.02
C GLU F 19 -21.08 -27.56 -32.38
N ASN F 20 -22.36 -27.30 -32.66
CA ASN F 20 -22.71 -26.66 -33.90
C ASN F 20 -22.14 -25.25 -34.05
N ALA F 21 -22.14 -24.51 -32.95
CA ALA F 21 -21.58 -23.17 -32.86
C ALA F 21 -20.08 -23.26 -33.09
N LEU F 22 -19.42 -24.24 -32.47
CA LEU F 22 -17.99 -24.45 -32.68
C LEU F 22 -17.70 -24.72 -34.17
N ASP F 23 -18.49 -25.56 -34.83
CA ASP F 23 -18.31 -25.79 -36.27
C ASP F 23 -18.47 -24.52 -37.09
N MET F 24 -19.41 -23.66 -36.72
CA MET F 24 -19.54 -22.41 -37.45
C MET F 24 -18.29 -21.53 -37.22
N TYR F 25 -17.80 -21.48 -35.99
CA TYR F 25 -16.52 -20.79 -35.72
C TYR F 25 -15.41 -21.36 -36.61
N LYS F 26 -15.33 -22.69 -36.70
CA LYS F 26 -14.33 -23.37 -37.53
C LYS F 26 -14.46 -22.95 -39.01
N LEU F 27 -15.69 -22.91 -39.50
CA LEU F 27 -15.97 -22.55 -40.89
C LEU F 27 -15.49 -21.14 -41.20
N ASP F 28 -15.74 -20.21 -40.28
CA ASP F 28 -15.33 -18.82 -40.45
C ASP F 28 -13.82 -18.66 -40.33
N ASN F 29 -13.24 -19.31 -39.34
CA ASN F 29 -11.89 -18.96 -38.87
C ASN F 29 -10.80 -19.98 -39.17
N SER F 30 -11.19 -21.12 -39.76
CA SER F 30 -10.27 -22.20 -40.17
C SER F 30 -9.79 -23.07 -39.02
N VAL F 31 -10.12 -22.68 -37.80
CA VAL F 31 -9.65 -23.39 -36.62
C VAL F 31 -10.70 -23.30 -35.52
N TYR F 32 -10.63 -24.22 -34.56
CA TYR F 32 -11.42 -24.12 -33.32
C TYR F 32 -10.71 -23.24 -32.27
N PRO F 33 -11.46 -22.70 -31.31
CA PRO F 33 -10.81 -22.07 -30.15
C PRO F 33 -9.98 -23.06 -29.37
N THR F 34 -8.87 -22.61 -28.78
CA THR F 34 -8.04 -23.49 -27.99
C THR F 34 -8.64 -23.68 -26.62
N THR F 35 -8.16 -24.67 -25.88
CA THR F 35 -8.61 -24.94 -24.52
C THR F 35 -8.62 -23.67 -23.67
N ASP F 36 -7.52 -22.91 -23.76
CA ASP F 36 -7.38 -21.67 -22.98
C ASP F 36 -8.34 -20.57 -23.40
N GLN F 37 -8.60 -20.44 -24.70
CA GLN F 37 -9.58 -19.47 -25.19
C GLN F 37 -11.01 -19.88 -24.77
N GLY F 38 -11.24 -21.19 -24.72
CA GLY F 38 -12.46 -21.76 -24.14
C GLY F 38 -13.75 -21.47 -24.88
N LEU F 39 -14.87 -21.95 -24.35
CA LEU F 39 -16.18 -21.69 -24.97
C LEU F 39 -16.54 -20.20 -25.00
N GLU F 40 -15.93 -19.38 -24.14
CA GLU F 40 -16.11 -17.93 -24.16
C GLU F 40 -15.87 -17.34 -25.55
N ALA F 41 -14.98 -17.97 -26.32
CA ALA F 41 -14.66 -17.54 -27.68
C ALA F 41 -15.88 -17.54 -28.57
N LEU F 42 -16.91 -18.30 -28.20
CA LEU F 42 -18.15 -18.35 -28.97
C LEU F 42 -19.01 -17.09 -28.79
N VAL F 43 -18.79 -16.37 -27.69
CA VAL F 43 -19.60 -15.19 -27.36
C VAL F 43 -18.86 -13.86 -27.51
N THR F 44 -17.57 -13.84 -27.22
CA THR F 44 -16.76 -12.63 -27.45
C THR F 44 -15.42 -13.02 -28.09
N LYS F 45 -14.94 -12.19 -29.02
CA LYS F 45 -13.74 -12.49 -29.79
C LYS F 45 -12.54 -12.78 -28.87
N PRO F 46 -11.92 -13.96 -29.04
CA PRO F 46 -10.80 -14.30 -28.16
C PRO F 46 -9.49 -13.65 -28.60
N THR F 47 -8.49 -13.75 -27.75
CA THR F 47 -7.14 -13.30 -28.10
C THR F 47 -6.15 -14.42 -27.87
N ASN F 48 -4.92 -14.20 -28.33
CA ASN F 48 -3.81 -15.09 -28.04
C ASN F 48 -4.01 -16.54 -28.54
N PRO F 49 -4.09 -16.73 -29.87
CA PRO F 49 -4.10 -15.72 -30.91
C PRO F 49 -5.48 -15.21 -31.23
N GLU F 50 -5.51 -14.11 -31.97
CA GLU F 50 -6.75 -13.50 -32.43
C GLU F 50 -7.16 -14.14 -33.75
N PRO F 51 -8.42 -14.63 -33.84
CA PRO F 51 -8.85 -15.31 -35.06
C PRO F 51 -9.01 -14.33 -36.21
N ARG F 52 -8.95 -14.85 -37.43
CA ARG F 52 -8.88 -14.02 -38.63
C ARG F 52 -10.22 -13.42 -39.07
N ASN F 53 -11.30 -14.14 -38.84
CA ASN F 53 -12.57 -13.85 -39.51
C ASN F 53 -13.76 -14.02 -38.56
N TYR F 54 -13.67 -13.43 -37.38
CA TYR F 54 -14.70 -13.61 -36.34
C TYR F 54 -15.96 -12.86 -36.73
N ARG F 55 -17.09 -13.57 -36.64
CA ARG F 55 -18.38 -13.03 -36.99
C ARG F 55 -18.85 -11.99 -36.00
N GLU F 56 -19.22 -10.82 -36.50
CA GLU F 56 -19.79 -9.77 -35.65
C GLU F 56 -20.96 -10.34 -34.83
N GLY F 57 -20.85 -10.26 -33.52
CA GLY F 57 -21.91 -10.71 -32.62
C GLY F 57 -21.79 -12.15 -32.14
N GLY F 58 -20.71 -12.83 -32.49
CA GLY F 58 -20.45 -14.18 -31.95
C GLY F 58 -21.22 -15.30 -32.63
N TYR F 59 -21.16 -16.49 -32.03
CA TYR F 59 -21.59 -17.71 -32.71
C TYR F 59 -22.74 -18.43 -32.01
N ILE F 60 -23.08 -17.95 -30.82
CA ILE F 60 -24.14 -18.54 -30.02
C ILE F 60 -24.74 -17.43 -29.18
N LYS F 61 -26.04 -17.52 -28.93
CA LYS F 61 -26.76 -16.48 -28.19
C LYS F 61 -26.09 -16.22 -26.84
N ARG F 62 -26.02 -17.27 -26.02
CA ARG F 62 -25.35 -17.22 -24.72
C ARG F 62 -24.71 -18.59 -24.46
N LEU F 63 -23.88 -18.68 -23.43
CA LEU F 63 -23.31 -19.94 -23.02
C LEU F 63 -24.15 -20.54 -21.91
N PRO F 64 -24.69 -21.75 -22.14
CA PRO F 64 -25.45 -22.39 -21.07
C PRO F 64 -24.55 -22.92 -19.98
N LYS F 65 -25.13 -23.14 -18.80
CA LYS F 65 -24.45 -23.85 -17.73
C LYS F 65 -25.04 -25.25 -17.74
N ASP F 66 -24.34 -26.22 -17.14
CA ASP F 66 -24.84 -27.59 -17.19
C ASP F 66 -25.99 -27.73 -16.16
N PRO F 67 -26.79 -28.80 -16.29
CA PRO F 67 -27.91 -29.05 -15.38
C PRO F 67 -27.60 -29.01 -13.90
N TRP F 68 -26.33 -29.18 -13.52
CA TRP F 68 -25.92 -29.19 -12.11
C TRP F 68 -25.21 -27.90 -11.74
N GLY F 69 -25.36 -26.87 -12.57
CA GLY F 69 -24.80 -25.55 -12.30
C GLY F 69 -23.30 -25.46 -12.44
N ASN F 70 -22.72 -26.26 -13.34
CA ASN F 70 -21.30 -26.16 -13.67
C ASN F 70 -21.16 -25.76 -15.13
N ASP F 71 -20.09 -25.05 -15.45
CA ASP F 71 -19.82 -24.74 -16.86
C ASP F 71 -19.55 -26.03 -17.63
N TYR F 72 -19.97 -26.05 -18.88
CA TYR F 72 -19.54 -27.09 -19.81
C TYR F 72 -18.01 -27.03 -19.97
N GLN F 73 -17.39 -28.21 -20.05
CA GLN F 73 -15.95 -28.32 -20.24
C GLN F 73 -15.64 -28.42 -21.74
N TYR F 74 -14.44 -27.98 -22.10
CA TYR F 74 -14.01 -27.90 -23.50
C TYR F 74 -12.51 -28.08 -23.55
N LEU F 75 -12.06 -29.00 -24.40
CA LEU F 75 -10.64 -29.17 -24.70
C LEU F 75 -10.42 -29.09 -26.21
N SER F 76 -9.41 -28.33 -26.61
CA SER F 76 -8.99 -28.30 -27.99
C SER F 76 -7.52 -27.93 -28.07
N PRO F 77 -6.67 -28.89 -28.51
CA PRO F 77 -7.05 -30.21 -28.99
C PRO F 77 -7.67 -31.07 -27.90
N GLY F 78 -8.60 -31.95 -28.28
CA GLY F 78 -9.30 -32.79 -27.32
C GLY F 78 -8.64 -34.13 -27.09
N ASP F 79 -9.05 -34.82 -26.02
CA ASP F 79 -8.58 -36.18 -25.72
C ASP F 79 -9.34 -37.28 -26.46
N LYS F 80 -10.65 -37.09 -26.66
CA LYS F 80 -11.49 -38.06 -27.36
C LYS F 80 -11.86 -37.63 -28.77
N GLY F 81 -11.46 -36.42 -29.15
CA GLY F 81 -11.61 -35.99 -30.53
C GLY F 81 -10.89 -34.68 -30.81
N THR F 82 -11.09 -34.15 -32.00
CA THR F 82 -10.42 -32.93 -32.40
C THR F 82 -10.74 -31.81 -31.42
N ILE F 83 -12.01 -31.72 -31.03
CA ILE F 83 -12.44 -30.93 -29.87
C ILE F 83 -13.29 -31.79 -28.94
N ASP F 84 -13.18 -31.57 -27.63
CA ASP F 84 -14.08 -32.23 -26.69
C ASP F 84 -14.94 -31.12 -26.07
N VAL F 85 -16.25 -31.34 -26.00
CA VAL F 85 -17.15 -30.46 -25.25
C VAL F 85 -18.07 -31.34 -24.43
N PHE F 86 -18.15 -31.08 -23.12
CA PHE F 86 -18.75 -32.05 -22.25
C PHE F 86 -19.11 -31.52 -20.86
N THR F 87 -20.03 -32.24 -20.22
CA THR F 87 -20.34 -32.07 -18.81
C THR F 87 -19.91 -33.34 -18.08
N LEU F 88 -19.33 -33.18 -16.90
CA LEU F 88 -18.99 -34.33 -16.05
C LEU F 88 -20.18 -34.84 -15.21
N GLY F 89 -21.35 -34.23 -15.39
CA GLY F 89 -22.57 -34.76 -14.83
C GLY F 89 -22.77 -34.36 -13.37
N ALA F 90 -23.64 -35.11 -12.70
CA ALA F 90 -24.03 -34.84 -11.31
C ALA F 90 -22.85 -34.81 -10.34
N ASP F 91 -22.00 -35.83 -10.40
CA ASP F 91 -20.90 -35.93 -9.45
C ASP F 91 -19.73 -34.97 -9.72
N GLY F 92 -19.75 -34.31 -10.88
CA GLY F 92 -18.72 -33.33 -11.23
C GLY F 92 -17.35 -33.97 -11.43
N GLN F 93 -17.32 -35.30 -11.51
CA GLN F 93 -16.07 -36.05 -11.53
C GLN F 93 -15.92 -36.76 -12.85
N GLU F 94 -14.69 -36.86 -13.36
CA GLU F 94 -14.45 -37.64 -14.57
C GLU F 94 -14.98 -39.04 -14.34
N GLY F 95 -15.39 -39.71 -15.41
CA GLY F 95 -16.08 -41.00 -15.30
C GLY F 95 -17.37 -40.85 -14.50
N GLY F 96 -18.04 -41.99 -14.25
CA GLY F 96 -19.25 -41.98 -13.42
C GLY F 96 -20.39 -42.75 -14.06
N GLU F 97 -21.31 -43.21 -13.22
CA GLU F 97 -22.51 -43.91 -13.68
C GLU F 97 -23.77 -43.10 -13.33
N GLY F 98 -24.91 -43.60 -13.78
CA GLY F 98 -26.19 -42.93 -13.52
C GLY F 98 -26.17 -41.50 -13.99
N THR F 99 -26.67 -40.58 -13.16
CA THR F 99 -26.73 -39.18 -13.52
C THR F 99 -25.37 -38.50 -13.44
N GLY F 100 -24.40 -39.17 -12.82
CA GLY F 100 -23.02 -38.71 -12.85
C GLY F 100 -22.27 -39.14 -14.10
N ALA F 101 -22.98 -39.65 -15.10
CA ALA F 101 -22.35 -40.05 -16.36
C ALA F 101 -21.84 -38.82 -17.11
N ASP F 102 -20.68 -38.94 -17.73
CA ASP F 102 -20.14 -37.84 -18.52
C ASP F 102 -20.86 -37.86 -19.86
N ILE F 103 -21.37 -36.71 -20.27
CA ILE F 103 -22.06 -36.54 -21.54
C ILE F 103 -21.22 -35.56 -22.33
N GLY F 104 -20.79 -35.96 -23.53
CA GLY F 104 -19.98 -35.08 -24.35
C GLY F 104 -20.25 -35.33 -25.83
N ASN F 105 -19.55 -34.61 -26.70
CA ASN F 105 -19.77 -34.79 -28.14
C ASN F 105 -19.39 -36.19 -28.64
N TRP F 106 -18.47 -36.85 -27.96
CA TRP F 106 -17.98 -38.16 -28.43
C TRP F 106 -19.05 -39.24 -28.18
N ASN F 107 -19.91 -39.07 -27.18
CA ASN F 107 -20.88 -40.11 -26.81
C ASN F 107 -22.33 -39.63 -26.77
N ILE F 108 -22.61 -38.55 -27.50
CA ILE F 108 -23.89 -37.84 -27.37
C ILE F 108 -25.11 -38.70 -27.72
N GLN F 109 -24.98 -39.55 -28.73
CA GLN F 109 -26.09 -40.40 -29.18
C GLN F 109 -26.68 -41.28 -28.10
N ASP F 110 -25.84 -41.76 -27.19
CA ASP F 110 -26.29 -42.60 -26.10
C ASP F 110 -27.41 -41.93 -25.33
N PHE F 111 -27.41 -40.59 -25.30
CA PHE F 111 -28.36 -39.85 -24.45
C PHE F 111 -29.55 -39.31 -25.23
N GLN F 112 -29.59 -39.57 -26.53
CA GLN F 112 -30.68 -39.19 -27.40
C GLN F 112 -31.69 -40.31 -27.58
N LEU F 113 -32.83 -40.01 -28.22
CA LEU F 113 -33.86 -41.02 -28.43
C LEU F 113 -33.35 -42.12 -29.34
N GLU F 114 -33.99 -43.28 -29.28
CA GLU F 114 -33.44 -44.48 -29.94
C GLU F 114 -33.14 -44.27 -31.42
N HIS F 115 -33.98 -43.49 -32.11
CA HIS F 115 -33.75 -43.23 -33.53
C HIS F 115 -32.40 -42.57 -33.85
N HIS F 116 -31.71 -42.03 -32.84
CA HIS F 116 -30.36 -41.52 -33.06
C HIS F 116 -29.24 -42.58 -32.90
N HIS F 117 -29.58 -43.76 -32.39
CA HIS F 117 -28.57 -44.77 -32.06
C HIS F 117 -28.13 -45.59 -33.26
N HIS F 118 -26.93 -46.15 -33.14
CA HIS F 118 -26.35 -47.00 -34.15
C HIS F 118 -26.23 -48.39 -33.57
N HIS F 119 -27.21 -49.24 -33.82
CA HIS F 119 -27.17 -50.59 -33.28
C HIS F 119 -26.45 -51.52 -34.25
N LYS G 3 12.76 27.35 -4.46
CA LYS G 3 11.71 26.35 -4.85
C LYS G 3 11.25 26.56 -6.28
N GLU G 4 10.73 27.75 -6.57
CA GLU G 4 10.16 28.07 -7.89
C GLU G 4 11.10 27.75 -9.06
N LYS G 5 12.40 28.00 -8.88
CA LYS G 5 13.38 27.76 -9.93
C LYS G 5 13.58 26.26 -10.14
N ALA G 6 13.55 25.51 -9.04
CA ALA G 6 13.67 24.05 -9.12
C ALA G 6 12.47 23.47 -9.86
N ASP G 7 11.27 23.95 -9.51
CA ASP G 7 10.03 23.46 -10.13
C ASP G 7 10.08 23.63 -11.63
N GLN G 8 10.51 24.80 -12.05
CA GLN G 8 10.56 25.13 -13.46
C GLN G 8 11.50 24.21 -14.23
N GLN G 9 12.70 23.98 -13.71
CA GLN G 9 13.63 23.05 -14.35
C GLN G 9 13.12 21.60 -14.30
N LYS G 10 12.39 21.22 -13.26
CA LYS G 10 11.73 19.88 -13.26
C LYS G 10 10.73 19.78 -14.41
N ALA G 11 9.91 20.81 -14.60
CA ALA G 11 8.96 20.77 -15.69
C ALA G 11 9.68 20.74 -17.03
N VAL G 12 10.79 21.44 -17.19
CA VAL G 12 11.50 21.32 -18.48
C VAL G 12 12.19 19.95 -18.61
N THR G 13 12.76 19.44 -17.55
CA THR G 13 13.32 18.07 -17.56
C THR G 13 12.29 17.03 -18.02
N ASP G 14 11.11 17.12 -17.44
CA ASP G 14 10.01 16.20 -17.71
C ASP G 14 9.48 16.36 -19.13
N ILE G 15 9.18 17.59 -19.54
CA ILE G 15 8.64 17.81 -20.87
C ILE G 15 9.64 17.35 -21.93
N VAL G 16 10.91 17.67 -21.75
CA VAL G 16 11.94 17.26 -22.73
C VAL G 16 12.02 15.74 -22.82
N ALA G 17 12.02 15.08 -21.64
CA ALA G 17 12.04 13.62 -21.56
C ALA G 17 10.82 12.99 -22.20
N LEU G 18 9.64 13.53 -21.90
CA LEU G 18 8.42 13.03 -22.51
C LEU G 18 8.47 13.12 -24.04
N GLU G 19 8.93 14.27 -24.54
CA GLU G 19 8.91 14.54 -25.99
C GLU G 19 9.90 13.63 -26.70
N ASN G 20 11.08 13.44 -26.10
CA ASN G 20 12.05 12.47 -26.61
C ASN G 20 11.54 11.00 -26.61
N ALA G 21 10.84 10.58 -25.56
CA ALA G 21 10.17 9.27 -25.52
C ALA G 21 9.16 9.14 -26.64
N LEU G 22 8.39 10.20 -26.87
CA LEU G 22 7.36 10.19 -27.90
C LEU G 22 8.01 10.07 -29.27
N ASP G 23 9.14 10.75 -29.46
CA ASP G 23 9.89 10.59 -30.71
C ASP G 23 10.40 9.18 -30.93
N MET G 24 10.87 8.51 -29.86
CA MET G 24 11.34 7.13 -29.96
C MET G 24 10.15 6.20 -30.29
N TYR G 25 9.00 6.46 -29.68
CA TYR G 25 7.78 5.67 -29.98
C TYR G 25 7.51 5.78 -31.46
N LYS G 26 7.59 7.00 -31.99
CA LYS G 26 7.34 7.24 -33.41
C LYS G 26 8.38 6.59 -34.30
N LEU G 27 9.66 6.70 -33.93
CA LEU G 27 10.69 5.96 -34.67
C LEU G 27 10.38 4.48 -34.78
N ASP G 28 9.92 3.86 -33.69
CA ASP G 28 9.62 2.42 -33.69
C ASP G 28 8.33 2.07 -34.45
N ASN G 29 7.29 2.84 -34.22
CA ASN G 29 5.93 2.46 -34.56
C ASN G 29 5.32 3.22 -35.72
N SER G 30 6.03 4.25 -36.19
CA SER G 30 5.66 5.08 -37.36
C SER G 30 4.66 6.22 -37.10
N VAL G 31 4.08 6.24 -35.90
CA VAL G 31 3.09 7.23 -35.51
C VAL G 31 3.33 7.62 -34.06
N TYR G 32 2.80 8.76 -33.66
CA TYR G 32 2.72 9.11 -32.24
C TYR G 32 1.48 8.45 -31.64
N PRO G 33 1.47 8.24 -30.32
CA PRO G 33 0.22 7.84 -29.67
C PRO G 33 -0.85 8.87 -29.90
N THR G 34 -2.10 8.42 -30.03
CA THR G 34 -3.24 9.32 -30.12
C THR G 34 -3.50 9.96 -28.76
N THR G 35 -4.31 11.02 -28.75
CA THR G 35 -4.71 11.69 -27.51
C THR G 35 -5.28 10.70 -26.51
N ASP G 36 -6.11 9.78 -27.02
CA ASP G 36 -6.80 8.79 -26.19
C ASP G 36 -5.86 7.70 -25.71
N GLN G 37 -4.86 7.38 -26.52
CA GLN G 37 -3.85 6.44 -26.08
C GLN G 37 -3.00 7.07 -24.99
N GLY G 38 -2.70 8.35 -25.12
CA GLY G 38 -2.13 9.11 -24.01
C GLY G 38 -0.66 8.83 -23.76
N LEU G 39 -0.10 9.55 -22.79
CA LEU G 39 1.27 9.33 -22.38
C LEU G 39 1.42 7.94 -21.78
N GLU G 40 0.30 7.35 -21.33
CA GLU G 40 0.32 5.93 -20.89
C GLU G 40 0.96 4.98 -21.92
N ALA G 41 0.79 5.26 -23.21
CA ALA G 41 1.41 4.46 -24.27
C ALA G 41 2.93 4.34 -24.14
N LEU G 42 3.57 5.28 -23.47
CA LEU G 42 5.03 5.27 -23.31
C LEU G 42 5.49 4.27 -22.24
N VAL G 43 4.56 3.84 -21.39
CA VAL G 43 4.88 2.82 -20.39
C VAL G 43 4.12 1.51 -20.57
N THR G 44 2.94 1.55 -21.20
CA THR G 44 2.14 0.33 -21.37
C THR G 44 1.71 0.23 -22.83
N LYS G 45 2.04 -0.88 -23.49
CA LYS G 45 1.67 -1.12 -24.89
C LYS G 45 0.18 -0.82 -25.08
N PRO G 46 -0.15 0.21 -25.89
CA PRO G 46 -1.56 0.52 -26.02
C PRO G 46 -2.33 -0.46 -26.88
N THR G 47 -3.62 -0.17 -26.97
CA THR G 47 -4.60 -1.01 -27.60
C THR G 47 -5.48 -0.04 -28.41
N ASN G 48 -6.13 -0.54 -29.45
CA ASN G 48 -7.05 0.28 -30.24
C ASN G 48 -6.42 1.46 -30.99
N PRO G 49 -5.56 1.17 -31.97
CA PRO G 49 -5.09 -0.15 -32.32
C PRO G 49 -3.80 -0.43 -31.56
N GLU G 50 -3.37 -1.69 -31.55
CA GLU G 50 -2.06 -2.05 -31.02
C GLU G 50 -1.01 -1.46 -31.96
N PRO G 51 0.13 -0.97 -31.41
CA PRO G 51 1.23 -0.50 -32.28
C PRO G 51 1.96 -1.64 -32.96
N ARG G 52 2.65 -1.34 -34.06
CA ARG G 52 3.34 -2.36 -34.85
C ARG G 52 4.61 -2.97 -34.22
N ASN G 53 5.35 -2.19 -33.42
CA ASN G 53 6.65 -2.67 -32.92
C ASN G 53 7.09 -2.05 -31.58
N TYR G 54 6.44 -2.48 -30.50
CA TYR G 54 6.60 -1.91 -29.16
C TYR G 54 7.74 -2.55 -28.36
N ARG G 55 8.56 -1.70 -27.77
CA ARG G 55 9.83 -2.07 -27.17
C ARG G 55 9.65 -2.55 -25.73
N GLU G 56 10.29 -3.66 -25.34
CA GLU G 56 10.28 -4.08 -23.93
C GLU G 56 10.99 -3.02 -23.09
N GLY G 57 10.42 -2.73 -21.93
CA GLY G 57 10.91 -1.67 -21.07
C GLY G 57 10.22 -0.34 -21.34
N GLY G 58 9.39 -0.29 -22.38
CA GLY G 58 8.72 0.95 -22.76
C GLY G 58 9.65 2.02 -23.31
N TYR G 59 9.21 3.27 -23.23
CA TYR G 59 9.89 4.39 -23.90
C TYR G 59 10.36 5.52 -22.98
N ILE G 60 10.03 5.38 -21.70
CA ILE G 60 10.43 6.32 -20.71
C ILE G 60 10.59 5.60 -19.39
N LYS G 61 11.44 6.18 -18.53
CA LYS G 61 11.81 5.56 -17.27
C LYS G 61 10.62 5.38 -16.35
N ARG G 62 9.75 6.38 -16.31
CA ARG G 62 8.43 6.31 -15.72
C ARG G 62 7.69 7.57 -16.14
N LEU G 63 6.39 7.56 -15.97
CA LEU G 63 5.62 8.77 -16.25
C LEU G 63 5.73 9.70 -15.07
N PRO G 64 6.23 10.90 -15.30
CA PRO G 64 6.36 11.86 -14.23
C PRO G 64 5.03 12.56 -13.94
N LYS G 65 4.94 13.22 -12.78
CA LYS G 65 3.92 14.23 -12.54
C LYS G 65 4.58 15.58 -12.58
N ASP G 66 3.79 16.61 -12.84
CA ASP G 66 4.33 17.97 -12.85
C ASP G 66 4.62 18.48 -11.42
N PRO G 67 5.42 19.55 -11.30
CA PRO G 67 5.86 20.07 -10.00
C PRO G 67 4.74 20.47 -9.05
N TRP G 68 3.52 20.58 -9.56
CA TRP G 68 2.35 20.98 -8.78
C TRP G 68 1.39 19.81 -8.53
N GLY G 69 1.84 18.59 -8.86
CA GLY G 69 1.12 17.36 -8.54
C GLY G 69 0.11 16.87 -9.57
N ASN G 70 0.18 17.39 -10.79
CA ASN G 70 -0.79 17.09 -11.83
C ASN G 70 -0.13 16.32 -12.99
N ASP G 71 -0.86 15.45 -13.66
CA ASP G 71 -0.33 14.72 -14.79
C ASP G 71 -0.01 15.74 -15.85
N TYR G 72 1.04 15.47 -16.63
CA TYR G 72 1.26 16.23 -17.86
C TYR G 72 0.13 15.95 -18.83
N GLN G 73 -0.19 16.96 -19.63
CA GLN G 73 -1.21 16.86 -20.66
C GLN G 73 -0.60 16.51 -22.03
N TYR G 74 -1.37 15.84 -22.88
CA TYR G 74 -0.89 15.37 -24.18
C TYR G 74 -2.02 15.43 -25.21
N LEU G 75 -1.73 16.04 -26.34
CA LEU G 75 -2.67 16.09 -27.45
C LEU G 75 -1.98 15.61 -28.71
N SER G 76 -2.60 14.65 -29.38
CA SER G 76 -2.14 14.18 -30.69
C SER G 76 -3.34 13.87 -31.58
N PRO G 77 -3.54 14.64 -32.67
CA PRO G 77 -2.71 15.75 -33.12
C PRO G 77 -2.87 16.93 -32.20
N GLY G 78 -1.86 17.80 -32.19
CA GLY G 78 -1.83 18.93 -31.29
C GLY G 78 -2.50 20.16 -31.87
N ASP G 79 -2.69 21.18 -31.03
CA ASP G 79 -3.18 22.47 -31.49
C ASP G 79 -2.03 23.40 -31.82
N LYS G 80 -0.87 23.14 -31.23
CA LYS G 80 0.27 24.02 -31.37
C LYS G 80 1.44 23.34 -32.06
N GLY G 81 1.22 22.11 -32.51
CA GLY G 81 2.26 21.34 -33.20
C GLY G 81 1.73 19.95 -33.52
N THR G 82 2.58 19.13 -34.13
CA THR G 82 2.20 17.75 -34.46
C THR G 82 1.74 17.03 -33.21
N ILE G 83 2.48 17.23 -32.11
CA ILE G 83 2.04 16.86 -30.77
C ILE G 83 2.23 18.02 -29.80
N ASP G 84 1.35 18.10 -28.80
CA ASP G 84 1.47 19.05 -27.72
C ASP G 84 1.69 18.20 -26.44
N VAL G 85 2.72 18.51 -25.69
CA VAL G 85 2.90 17.96 -24.34
C VAL G 85 3.27 19.10 -23.41
N PHE G 86 2.53 19.23 -22.30
CA PHE G 86 2.61 20.43 -21.49
C PHE G 86 2.04 20.28 -20.08
N THR G 87 2.45 21.21 -19.22
CA THR G 87 1.80 21.45 -17.94
C THR G 87 1.19 22.84 -17.99
N LEU G 88 0.01 23.01 -17.40
CA LEU G 88 -0.61 24.32 -17.29
C LEU G 88 -0.08 25.13 -16.08
N GLY G 89 0.93 24.61 -15.38
CA GLY G 89 1.62 25.40 -14.37
C GLY G 89 0.86 25.43 -13.05
N ALA G 90 1.29 26.30 -12.13
CA ALA G 90 0.75 26.34 -10.77
C ALA G 90 -0.78 26.57 -10.72
N ASP G 91 -1.30 27.45 -11.57
CA ASP G 91 -2.73 27.76 -11.50
C ASP G 91 -3.63 26.66 -12.04
N GLY G 92 -3.05 25.67 -12.72
CA GLY G 92 -3.83 24.56 -13.25
C GLY G 92 -4.77 24.93 -14.38
N GLN G 93 -4.59 26.11 -14.97
CA GLN G 93 -5.49 26.62 -16.00
C GLN G 93 -4.69 27.31 -17.11
N GLU G 94 -5.27 27.37 -18.31
CA GLU G 94 -4.63 28.02 -19.45
C GLU G 94 -4.12 29.43 -19.14
N GLY G 95 -2.96 29.77 -19.69
CA GLY G 95 -2.40 31.12 -19.54
C GLY G 95 -1.89 31.37 -18.14
N GLY G 96 -1.73 32.65 -17.80
CA GLY G 96 -1.13 33.05 -16.53
C GLY G 96 0.33 33.41 -16.74
N GLU G 97 0.95 33.97 -15.71
CA GLU G 97 2.39 34.20 -15.70
C GLU G 97 2.91 33.85 -14.31
N GLY G 98 4.22 34.05 -14.07
CA GLY G 98 4.85 33.55 -12.85
C GLY G 98 4.76 32.03 -12.89
N THR G 99 4.66 31.41 -11.72
CA THR G 99 4.53 29.95 -11.62
C THR G 99 3.28 29.40 -12.31
N GLY G 100 2.35 30.30 -12.65
CA GLY G 100 1.18 29.95 -13.46
C GLY G 100 1.42 29.79 -14.96
N ALA G 101 2.58 30.21 -15.45
CA ALA G 101 2.90 30.10 -16.88
C ALA G 101 2.76 28.66 -17.41
N ASP G 102 2.13 28.49 -18.57
CA ASP G 102 2.07 27.17 -19.21
C ASP G 102 3.39 26.83 -19.85
N ILE G 103 3.84 25.60 -19.65
CA ILE G 103 5.11 25.13 -20.15
C ILE G 103 4.82 23.93 -21.03
N GLY G 104 5.22 24.01 -22.30
CA GLY G 104 5.04 22.89 -23.21
C GLY G 104 6.16 22.74 -24.22
N ASN G 105 6.07 21.71 -25.05
CA ASN G 105 7.12 21.49 -26.07
C ASN G 105 7.28 22.66 -27.03
N TRP G 106 6.20 23.40 -27.27
CA TRP G 106 6.23 24.59 -28.14
C TRP G 106 7.01 25.78 -27.57
N ASN G 107 7.18 25.86 -26.26
CA ASN G 107 7.85 27.05 -25.70
C ASN G 107 8.95 26.73 -24.70
N ILE G 108 9.46 25.49 -24.75
CA ILE G 108 10.34 24.98 -23.69
C ILE G 108 11.61 25.79 -23.45
N GLN G 109 12.19 26.36 -24.49
CA GLN G 109 13.40 27.16 -24.34
C GLN G 109 13.22 28.31 -23.35
N ASP G 110 12.02 28.91 -23.34
CA ASP G 110 11.75 30.04 -22.45
C ASP G 110 12.07 29.68 -21.00
N PHE G 111 12.04 28.39 -20.67
CA PHE G 111 12.12 27.97 -19.28
C PHE G 111 13.45 27.37 -18.91
N GLN G 112 14.31 27.22 -19.91
CA GLN G 112 15.65 26.72 -19.70
C GLN G 112 16.59 27.84 -19.32
N LEU G 113 17.80 27.48 -18.87
CA LEU G 113 18.83 28.47 -18.62
C LEU G 113 19.15 29.23 -19.91
N GLU G 114 19.85 30.35 -19.74
CA GLU G 114 20.01 31.35 -20.78
C GLU G 114 20.78 30.85 -22.01
N HIS G 115 21.75 29.95 -21.81
CA HIS G 115 22.51 29.39 -22.92
C HIS G 115 21.66 28.58 -23.92
N HIS G 116 20.41 28.33 -23.58
CA HIS G 116 19.50 27.64 -24.49
C HIS G 116 18.67 28.62 -25.35
N HIS G 117 18.66 29.88 -24.96
CA HIS G 117 17.84 30.90 -25.60
C HIS G 117 18.37 31.34 -26.95
N HIS G 118 17.44 31.78 -27.81
CA HIS G 118 17.75 32.33 -29.11
C HIS G 118 17.25 33.76 -29.13
N HIS G 119 18.17 34.71 -29.10
CA HIS G 119 17.77 36.12 -29.07
C HIS G 119 17.96 36.77 -30.43
N GLY H 1 20.26 1.23 -40.66
CA GLY H 1 18.78 1.08 -40.77
C GLY H 1 18.05 1.60 -39.54
N ASN H 2 17.04 0.86 -39.08
CA ASN H 2 16.28 1.26 -37.92
C ASN H 2 17.09 1.18 -36.63
N LYS H 3 17.99 0.19 -36.54
CA LYS H 3 18.90 0.12 -35.39
C LYS H 3 19.77 1.37 -35.24
N GLU H 4 20.35 1.83 -36.34
CA GLU H 4 21.27 2.96 -36.31
C GLU H 4 20.50 4.24 -36.00
N LYS H 5 19.31 4.37 -36.55
CA LYS H 5 18.48 5.53 -36.22
C LYS H 5 18.03 5.49 -34.75
N ALA H 6 17.71 4.31 -34.22
CA ALA H 6 17.33 4.18 -32.81
C ALA H 6 18.50 4.52 -31.88
N ASP H 7 19.71 4.09 -32.23
CA ASP H 7 20.90 4.39 -31.42
C ASP H 7 21.15 5.88 -31.39
N GLN H 8 20.95 6.53 -32.53
CA GLN H 8 21.16 7.96 -32.62
C GLN H 8 20.17 8.72 -31.72
N GLN H 9 18.92 8.32 -31.75
CA GLN H 9 17.90 8.96 -30.92
C GLN H 9 18.17 8.67 -29.44
N LYS H 10 18.65 7.47 -29.12
CA LYS H 10 19.06 7.15 -27.75
C LYS H 10 20.18 8.09 -27.29
N ALA H 11 21.19 8.30 -28.14
CA ALA H 11 22.32 9.17 -27.78
C ALA H 11 21.85 10.59 -27.48
N VAL H 12 21.05 11.12 -28.40
CA VAL H 12 20.45 12.43 -28.26
C VAL H 12 19.60 12.56 -26.99
N THR H 13 18.74 11.59 -26.74
CA THR H 13 17.93 11.59 -25.54
C THR H 13 18.81 11.62 -24.28
N ASP H 14 19.82 10.76 -24.23
CA ASP H 14 20.73 10.71 -23.06
C ASP H 14 21.56 11.98 -22.87
N ILE H 15 22.11 12.53 -23.95
CA ILE H 15 22.86 13.78 -23.87
C ILE H 15 22.01 14.94 -23.34
N VAL H 16 20.81 15.12 -23.89
CA VAL H 16 19.87 16.10 -23.36
C VAL H 16 19.48 15.89 -21.89
N ALA H 17 19.19 14.65 -21.49
CA ALA H 17 18.88 14.29 -20.11
C ALA H 17 19.99 14.66 -19.14
N LEU H 18 21.21 14.30 -19.53
CA LEU H 18 22.41 14.62 -18.75
C LEU H 18 22.65 16.14 -18.64
N GLU H 19 22.55 16.84 -19.78
CA GLU H 19 22.68 18.29 -19.80
C GLU H 19 21.61 18.97 -18.93
N ASN H 20 20.38 18.44 -18.91
CA ASN H 20 19.32 18.95 -18.01
C ASN H 20 19.65 18.72 -16.52
N ALA H 21 20.13 17.53 -16.18
CA ALA H 21 20.60 17.21 -14.82
C ALA H 21 21.73 18.16 -14.35
N LEU H 22 22.67 18.39 -15.25
CA LEU H 22 23.79 19.27 -15.02
C LEU H 22 23.33 20.72 -14.75
N ASP H 23 22.31 21.16 -15.49
CA ASP H 23 21.72 22.48 -15.25
C ASP H 23 21.04 22.61 -13.87
N MET H 24 20.38 21.54 -13.43
CA MET H 24 19.75 21.49 -12.10
C MET H 24 20.82 21.46 -10.99
N TYR H 25 21.92 20.75 -11.22
CA TYR H 25 23.05 20.79 -10.29
C TYR H 25 23.53 22.22 -10.12
N LYS H 26 23.73 22.90 -11.24
CA LYS H 26 24.16 24.29 -11.23
C LYS H 26 23.17 25.26 -10.57
N LEU H 27 21.87 25.04 -10.75
CA LEU H 27 20.88 25.89 -10.11
C LEU H 27 20.95 25.75 -8.59
N ASP H 28 21.12 24.53 -8.11
CA ASP H 28 21.30 24.27 -6.68
C ASP H 28 22.62 24.83 -6.13
N ASN H 29 23.72 24.58 -6.83
CA ASN H 29 25.06 24.74 -6.26
C ASN H 29 25.90 25.86 -6.89
N SER H 30 25.34 26.59 -7.84
CA SER H 30 25.99 27.76 -8.48
C SER H 30 27.21 27.47 -9.36
N VAL H 31 27.64 26.21 -9.44
CA VAL H 31 28.67 25.79 -10.37
C VAL H 31 28.30 24.40 -10.94
N TYR H 32 28.89 24.04 -12.06
CA TYR H 32 28.74 22.70 -12.61
C TYR H 32 29.74 21.80 -11.92
N PRO H 33 29.52 20.47 -11.99
CA PRO H 33 30.58 19.59 -11.51
C PRO H 33 31.82 19.80 -12.35
N THR H 34 32.99 19.74 -11.73
CA THR H 34 34.25 19.78 -12.47
C THR H 34 34.46 18.47 -13.25
N THR H 35 35.32 18.52 -14.27
CA THR H 35 35.71 17.33 -15.01
C THR H 35 36.07 16.15 -14.10
N ASP H 36 36.81 16.41 -13.02
CA ASP H 36 37.24 15.37 -12.10
C ASP H 36 36.10 14.83 -11.27
N GLN H 37 35.16 15.69 -10.88
CA GLN H 37 33.97 15.21 -10.18
C GLN H 37 33.10 14.36 -11.14
N GLY H 38 33.03 14.80 -12.40
CA GLY H 38 32.43 14.03 -13.48
C GLY H 38 30.91 13.96 -13.43
N LEU H 39 30.32 13.17 -14.33
CA LEU H 39 28.87 13.00 -14.32
C LEU H 39 28.45 12.21 -13.08
N GLU H 40 29.39 11.47 -12.48
CA GLU H 40 29.14 10.82 -11.20
C GLU H 40 28.56 11.77 -10.16
N ALA H 41 28.94 13.04 -10.20
CA ALA H 41 28.45 14.04 -9.25
C ALA H 41 26.92 14.17 -9.29
N LEU H 42 26.32 13.77 -10.42
CA LEU H 42 24.87 13.79 -10.57
C LEU H 42 24.16 12.69 -9.79
N VAL H 43 24.87 11.59 -9.50
CA VAL H 43 24.24 10.45 -8.84
C VAL H 43 24.55 10.40 -7.34
N THR H 44 25.76 10.81 -6.96
CA THR H 44 26.28 10.71 -5.59
C THR H 44 26.98 12.01 -5.22
N LYS H 45 26.68 12.56 -4.04
CA LYS H 45 27.37 13.77 -3.60
C LYS H 45 28.87 13.60 -3.83
N PRO H 46 29.47 14.56 -4.55
CA PRO H 46 30.91 14.52 -4.79
C PRO H 46 31.72 15.21 -3.69
N THR H 47 33.04 15.25 -3.89
CA THR H 47 33.95 15.95 -2.98
C THR H 47 34.90 16.85 -3.75
N ASN H 48 35.59 17.71 -3.00
CA ASN H 48 36.68 18.52 -3.54
C ASN H 48 36.28 19.39 -4.73
N PRO H 49 35.30 20.30 -4.53
CA PRO H 49 34.53 20.56 -3.31
C PRO H 49 33.27 19.72 -3.13
N GLU H 50 32.72 19.80 -1.93
CA GLU H 50 31.60 18.98 -1.49
C GLU H 50 30.42 19.90 -1.16
N PRO H 51 29.55 20.18 -2.15
CA PRO H 51 28.49 21.18 -2.01
C PRO H 51 27.47 20.89 -0.89
N ARG H 52 27.06 21.94 -0.17
CA ARG H 52 26.29 21.79 1.08
C ARG H 52 24.78 21.69 0.84
N ASN H 53 24.29 22.24 -0.28
CA ASN H 53 22.90 22.01 -0.69
C ASN H 53 22.83 21.14 -1.95
N TYR H 54 23.65 20.10 -1.97
CA TYR H 54 23.47 19.01 -2.91
C TYR H 54 22.10 18.40 -2.62
N ARG H 55 21.30 18.21 -3.66
CA ARG H 55 19.95 17.70 -3.52
C ARG H 55 19.94 16.27 -2.99
N GLU H 56 19.13 16.00 -1.97
CA GLU H 56 18.91 14.63 -1.51
C GLU H 56 18.42 13.76 -2.66
N GLY H 57 19.05 12.61 -2.86
CA GLY H 57 18.72 11.73 -3.99
C GLY H 57 19.54 11.98 -5.25
N GLY H 58 20.20 13.14 -5.31
CA GLY H 58 21.00 13.52 -6.47
C GLY H 58 20.12 14.12 -7.56
N TYR H 59 20.65 14.15 -8.77
CA TYR H 59 20.03 14.85 -9.88
C TYR H 59 19.58 13.94 -11.02
N ILE H 60 20.10 12.71 -11.01
CA ILE H 60 19.68 11.66 -11.92
C ILE H 60 19.77 10.35 -11.14
N LYS H 61 18.91 9.39 -11.47
CA LYS H 61 18.89 8.10 -10.78
C LYS H 61 20.16 7.31 -11.05
N ARG H 62 20.56 7.24 -12.31
CA ARG H 62 21.77 6.56 -12.71
C ARG H 62 22.26 7.16 -14.00
N LEU H 63 23.53 6.99 -14.29
CA LEU H 63 24.08 7.44 -15.57
C LEU H 63 23.79 6.40 -16.62
N PRO H 64 23.31 6.82 -17.80
CA PRO H 64 23.10 5.89 -18.88
C PRO H 64 24.43 5.57 -19.55
N LYS H 65 24.48 4.43 -20.22
CA LYS H 65 25.60 4.09 -21.08
C LYS H 65 25.16 4.51 -22.46
N ASP H 66 26.14 4.83 -23.31
CA ASP H 66 25.82 5.15 -24.70
C ASP H 66 25.40 3.90 -25.47
N PRO H 67 24.82 4.08 -26.68
CA PRO H 67 24.34 2.96 -27.47
C PRO H 67 25.35 1.90 -27.85
N TRP H 68 26.64 2.23 -27.77
CA TRP H 68 27.70 1.29 -28.09
C TRP H 68 28.40 0.84 -26.81
N GLY H 69 27.76 1.08 -25.67
CA GLY H 69 28.19 0.50 -24.40
C GLY H 69 29.26 1.26 -23.65
N ASN H 70 29.64 2.43 -24.17
CA ASN H 70 30.63 3.29 -23.54
C ASN H 70 30.00 4.37 -22.65
N ASP H 71 30.78 4.86 -21.68
CA ASP H 71 30.38 5.93 -20.80
C ASP H 71 30.22 7.22 -21.61
N TYR H 72 29.23 8.04 -21.28
CA TYR H 72 29.20 9.39 -21.85
C TYR H 72 30.36 10.18 -21.22
N GLN H 73 30.85 11.15 -21.99
CA GLN H 73 32.04 11.91 -21.68
C GLN H 73 31.64 13.31 -21.26
N TYR H 74 32.47 13.95 -20.42
CA TYR H 74 32.13 15.24 -19.84
C TYR H 74 33.40 16.05 -19.56
N LEU H 75 33.34 17.32 -19.92
CA LEU H 75 34.38 18.28 -19.55
C LEU H 75 33.76 19.58 -19.02
N SER H 76 34.31 20.07 -17.92
CA SER H 76 33.93 21.34 -17.33
C SER H 76 35.18 21.89 -16.64
N PRO H 77 35.82 22.91 -17.22
CA PRO H 77 35.38 23.67 -18.40
C PRO H 77 35.43 22.84 -19.66
N GLY H 78 34.45 23.05 -20.52
CA GLY H 78 34.43 22.37 -21.81
C GLY H 78 35.29 23.12 -22.80
N ASP H 79 35.64 22.42 -23.88
CA ASP H 79 36.41 23.01 -24.96
C ASP H 79 35.46 23.73 -25.89
N LYS H 80 34.37 23.06 -26.25
CA LYS H 80 33.43 23.58 -27.21
C LYS H 80 32.33 24.41 -26.57
N GLY H 81 32.28 24.44 -25.23
CA GLY H 81 31.32 25.31 -24.55
C GLY H 81 31.60 25.31 -23.05
N THR H 82 30.73 25.97 -22.30
CA THR H 82 30.92 26.04 -20.86
C THR H 82 31.13 24.64 -20.30
N ILE H 83 30.28 23.69 -20.73
CA ILE H 83 30.48 22.26 -20.46
C ILE H 83 30.34 21.52 -21.77
N ASP H 84 31.07 20.43 -21.92
CA ASP H 84 30.93 19.53 -23.05
C ASP H 84 30.41 18.20 -22.50
N VAL H 85 29.31 17.71 -23.02
CA VAL H 85 28.84 16.37 -22.69
C VAL H 85 28.53 15.68 -24.01
N PHE H 86 29.12 14.50 -24.20
CA PHE H 86 29.15 13.87 -25.50
C PHE H 86 29.38 12.38 -25.49
N THR H 87 29.06 11.76 -26.63
CA THR H 87 29.49 10.42 -26.94
C THR H 87 30.40 10.51 -28.13
N LEU H 88 31.41 9.64 -28.14
CA LEU H 88 32.33 9.55 -29.24
C LEU H 88 31.83 8.60 -30.32
N GLY H 89 30.65 8.03 -30.16
CA GLY H 89 30.05 7.26 -31.20
C GLY H 89 30.57 5.84 -31.27
N ALA H 90 30.27 5.20 -32.39
CA ALA H 90 30.42 3.76 -32.59
C ALA H 90 31.87 3.30 -32.63
N ASP H 91 32.78 4.21 -32.94
CA ASP H 91 34.20 3.88 -33.00
C ASP H 91 34.90 4.18 -31.69
N GLY H 92 34.20 4.88 -30.79
CA GLY H 92 34.76 5.20 -29.48
C GLY H 92 35.92 6.17 -29.48
N GLN H 93 36.21 6.82 -30.61
CA GLN H 93 37.32 7.75 -30.72
C GLN H 93 36.85 9.06 -31.33
N GLU H 94 37.61 10.13 -31.08
CA GLU H 94 37.37 11.42 -31.75
C GLU H 94 37.25 11.31 -33.26
N GLY H 95 36.31 12.07 -33.83
CA GLY H 95 36.08 12.04 -35.25
C GLY H 95 35.34 10.82 -35.73
N GLY H 96 35.33 10.64 -37.04
CA GLY H 96 34.66 9.51 -37.68
C GLY H 96 33.36 9.96 -38.36
N GLU H 97 32.83 9.10 -39.22
CA GLU H 97 31.57 9.38 -39.90
C GLU H 97 30.58 8.24 -39.69
N GLY H 98 29.34 8.45 -40.12
CA GLY H 98 28.30 7.43 -39.95
C GLY H 98 28.04 7.21 -38.48
N THR H 99 27.92 5.96 -38.07
CA THR H 99 27.76 5.61 -36.66
C THR H 99 28.91 6.14 -35.78
N GLY H 100 30.08 6.41 -36.38
CA GLY H 100 31.23 6.93 -35.64
C GLY H 100 31.21 8.42 -35.30
N ALA H 101 30.29 9.16 -35.90
CA ALA H 101 30.16 10.59 -35.67
C ALA H 101 30.02 10.88 -34.18
N ASP H 102 30.76 11.90 -33.72
CA ASP H 102 30.72 12.31 -32.34
C ASP H 102 29.46 13.17 -32.16
N ILE H 103 28.70 12.89 -31.12
CA ILE H 103 27.49 13.64 -30.81
C ILE H 103 27.58 14.27 -29.46
N GLY H 104 27.45 15.60 -29.42
CA GLY H 104 27.56 16.33 -28.16
C GLY H 104 26.54 17.43 -28.02
N ASN H 105 26.57 18.09 -26.87
CA ASN H 105 25.66 19.22 -26.64
C ASN H 105 25.87 20.37 -27.63
N TRP H 106 27.08 20.52 -28.14
CA TRP H 106 27.40 21.58 -29.09
C TRP H 106 26.85 21.40 -30.52
N ASN H 107 26.54 20.16 -30.93
CA ASN H 107 26.02 19.85 -32.28
C ASN H 107 24.79 18.96 -32.26
N ILE H 108 24.14 18.89 -31.11
CA ILE H 108 23.06 17.94 -30.94
C ILE H 108 21.95 18.11 -31.96
N GLN H 109 21.69 19.35 -32.39
CA GLN H 109 20.58 19.57 -33.33
C GLN H 109 20.79 18.78 -34.63
N ASP H 110 22.05 18.57 -35.03
CA ASP H 110 22.37 17.83 -36.24
C ASP H 110 21.98 16.35 -36.18
N PHE H 111 21.78 15.82 -34.98
CA PHE H 111 21.42 14.42 -34.83
C PHE H 111 19.98 14.17 -34.35
N GLN H 112 19.30 15.26 -34.01
CA GLN H 112 17.88 15.21 -33.67
C GLN H 112 17.00 15.04 -34.90
N LEU H 113 15.75 14.67 -34.67
CA LEU H 113 14.79 14.49 -35.74
C LEU H 113 14.46 15.84 -36.36
N GLU H 114 13.93 15.83 -37.58
CA GLU H 114 13.86 17.01 -38.42
C GLU H 114 13.11 18.18 -37.77
N HIS H 115 12.06 17.87 -37.00
CA HIS H 115 11.28 18.92 -36.35
C HIS H 115 12.02 19.72 -35.29
N HIS H 116 13.19 19.23 -34.86
CA HIS H 116 14.06 19.96 -33.98
C HIS H 116 15.06 20.89 -34.70
N HIS H 117 15.10 20.83 -36.03
CA HIS H 117 16.08 21.63 -36.76
C HIS H 117 15.63 23.07 -36.96
N HIS H 118 16.60 23.93 -37.28
CA HIS H 118 16.35 25.32 -37.59
C HIS H 118 16.84 25.63 -39.01
N HIS H 119 15.93 25.50 -39.97
CA HIS H 119 16.17 25.84 -41.37
C HIS H 119 14.85 26.02 -42.12
N ASN I 2 30.22 38.94 4.31
CA ASN I 2 29.17 38.70 5.34
C ASN I 2 28.69 37.25 5.44
N LYS I 3 29.11 36.40 4.49
CA LYS I 3 28.80 34.97 4.55
C LYS I 3 29.50 34.30 5.73
N GLU I 4 30.70 34.77 6.04
CA GLU I 4 31.49 34.23 7.16
C GLU I 4 30.77 34.53 8.48
N LYS I 5 30.39 35.79 8.64
CA LYS I 5 29.67 36.24 9.84
C LYS I 5 28.34 35.51 10.03
N ALA I 6 27.65 35.27 8.93
CA ALA I 6 26.37 34.56 8.96
C ALA I 6 26.58 33.11 9.39
N ASP I 7 27.55 32.43 8.76
CA ASP I 7 27.92 31.05 9.13
C ASP I 7 28.23 30.93 10.63
N GLN I 8 29.00 31.89 11.12
CA GLN I 8 29.40 31.91 12.53
C GLN I 8 28.23 32.07 13.47
N GLN I 9 27.30 32.96 13.13
CA GLN I 9 26.13 33.17 13.97
C GLN I 9 25.20 31.96 13.92
N LYS I 10 25.12 31.27 12.77
CA LYS I 10 24.35 30.03 12.69
C LYS I 10 24.95 28.95 13.59
N ALA I 11 26.27 28.82 13.57
CA ALA I 11 26.97 27.83 14.40
C ALA I 11 26.66 28.10 15.88
N VAL I 12 26.75 29.37 16.26
CA VAL I 12 26.46 29.78 17.65
C VAL I 12 25.00 29.43 18.03
N THR I 13 24.06 29.78 17.15
CA THR I 13 22.66 29.50 17.37
C THR I 13 22.39 28.01 17.58
N ASP I 14 22.96 27.19 16.70
CA ASP I 14 22.80 25.75 16.78
C ASP I 14 23.44 25.13 18.02
N ILE I 15 24.64 25.54 18.38
CA ILE I 15 25.31 24.98 19.57
C ILE I 15 24.51 25.29 20.85
N VAL I 16 24.04 26.52 20.95
CA VAL I 16 23.27 26.96 22.13
C VAL I 16 21.93 26.19 22.19
N ALA I 17 21.29 26.02 21.04
CA ALA I 17 20.06 25.21 20.95
C ALA I 17 20.29 23.77 21.40
N LEU I 18 21.35 23.18 20.92
CA LEU I 18 21.68 21.81 21.24
C LEU I 18 22.05 21.67 22.73
N GLU I 19 22.86 22.59 23.23
CA GLU I 19 23.20 22.59 24.66
C GLU I 19 21.96 22.75 25.54
N ASN I 20 21.03 23.62 25.15
CA ASN I 20 19.77 23.76 25.87
C ASN I 20 18.89 22.52 25.85
N ALA I 21 18.87 21.84 24.71
CA ALA I 21 18.14 20.57 24.57
C ALA I 21 18.80 19.49 25.44
N LEU I 22 20.13 19.48 25.44
CA LEU I 22 20.89 18.56 26.29
C LEU I 22 20.60 18.82 27.78
N ASP I 23 20.43 20.08 28.15
CA ASP I 23 20.07 20.40 29.53
C ASP I 23 18.66 19.95 29.92
N MET I 24 17.71 20.05 28.99
CA MET I 24 16.35 19.51 29.22
C MET I 24 16.39 17.98 29.40
N TYR I 25 17.24 17.32 28.61
CA TYR I 25 17.40 15.87 28.71
C TYR I 25 17.95 15.48 30.08
N LYS I 26 18.97 16.21 30.53
CA LYS I 26 19.49 16.02 31.88
C LYS I 26 18.48 16.30 32.98
N LEU I 27 17.71 17.38 32.83
CA LEU I 27 16.69 17.70 33.82
C LEU I 27 15.72 16.55 34.05
N ASP I 28 15.29 15.90 32.99
CA ASP I 28 14.37 14.77 33.12
C ASP I 28 15.06 13.52 33.63
N ASN I 29 16.19 13.18 33.02
CA ASN I 29 16.78 11.85 33.17
C ASN I 29 17.96 11.77 34.13
N SER I 30 18.35 12.90 34.70
CA SER I 30 19.46 13.00 35.66
C SER I 30 20.87 12.74 35.11
N VAL I 31 20.99 12.41 33.82
CA VAL I 31 22.28 12.37 33.16
C VAL I 31 22.15 12.93 31.76
N TYR I 32 23.29 13.23 31.16
CA TYR I 32 23.38 13.59 29.75
C TYR I 32 23.46 12.33 28.89
N PRO I 33 23.08 12.41 27.61
CA PRO I 33 23.43 11.30 26.72
C PRO I 33 24.94 11.02 26.68
N THR I 34 25.33 9.76 26.52
CA THR I 34 26.72 9.39 26.38
C THR I 34 27.20 9.76 24.99
N THR I 35 28.51 9.86 24.81
CA THR I 35 29.06 10.01 23.47
C THR I 35 28.40 9.05 22.46
N ASP I 36 28.35 7.77 22.83
CA ASP I 36 27.78 6.74 21.96
C ASP I 36 26.28 6.90 21.72
N GLN I 37 25.55 7.39 22.71
CA GLN I 37 24.14 7.64 22.51
C GLN I 37 23.93 8.82 21.55
N GLY I 38 24.83 9.79 21.62
CA GLY I 38 24.88 10.91 20.70
C GLY I 38 23.78 11.93 20.83
N LEU I 39 23.86 12.95 19.97
CA LEU I 39 22.81 13.95 19.87
C LEU I 39 21.49 13.32 19.39
N GLU I 40 21.58 12.16 18.73
CA GLU I 40 20.40 11.34 18.30
C GLU I 40 19.43 11.11 19.45
N ALA I 41 19.99 10.91 20.64
CA ALA I 41 19.21 10.79 21.86
C ALA I 41 18.17 11.90 22.06
N LEU I 42 18.45 13.09 21.53
CA LEU I 42 17.59 14.25 21.74
C LEU I 42 16.32 14.15 20.88
N VAL I 43 16.38 13.36 19.82
CA VAL I 43 15.21 13.17 18.92
C VAL I 43 14.50 11.82 19.10
N THR I 44 15.28 10.76 19.38
CA THR I 44 14.73 9.41 19.56
C THR I 44 15.25 8.75 20.84
N LYS I 45 14.34 8.27 21.69
CA LYS I 45 14.73 7.59 22.94
C LYS I 45 15.89 6.61 22.71
N PRO I 46 17.02 6.81 23.41
CA PRO I 46 18.20 5.97 23.29
C PRO I 46 18.14 4.72 24.17
N THR I 47 19.18 3.89 24.05
CA THR I 47 19.39 2.75 24.93
C THR I 47 20.84 2.71 25.42
N ASN I 48 21.15 1.78 26.33
CA ASN I 48 22.53 1.45 26.71
C ASN I 48 23.37 2.65 27.21
N PRO I 49 22.97 3.25 28.35
CA PRO I 49 21.83 2.93 29.20
C PRO I 49 20.57 3.66 28.76
N GLU I 50 19.41 3.02 28.85
CA GLU I 50 18.19 3.72 28.46
C GLU I 50 17.68 4.59 29.63
N PRO I 51 16.94 5.67 29.30
CA PRO I 51 16.72 6.76 30.24
C PRO I 51 15.67 6.50 31.32
N ARG I 52 15.81 7.18 32.46
CA ARG I 52 14.92 6.97 33.60
C ARG I 52 13.54 7.60 33.38
N ASN I 53 13.51 8.69 32.61
CA ASN I 53 12.31 9.50 32.53
C ASN I 53 12.26 10.25 31.22
N TYR I 54 12.31 9.53 30.11
CA TYR I 54 12.41 10.14 28.79
C TYR I 54 11.11 10.81 28.37
N ARG I 55 11.20 12.09 28.01
CA ARG I 55 10.02 12.86 27.67
C ARG I 55 9.47 12.45 26.31
N GLU I 56 8.15 12.35 26.23
CA GLU I 56 7.46 12.04 24.99
C GLU I 56 7.36 13.33 24.19
N GLY I 57 7.81 13.28 22.95
CA GLY I 57 7.93 14.49 22.15
C GLY I 57 9.38 14.87 21.97
N GLY I 58 10.28 14.12 22.62
CA GLY I 58 11.72 14.33 22.50
C GLY I 58 12.13 15.67 23.03
N TYR I 59 13.37 16.07 22.71
CA TYR I 59 13.99 17.27 23.28
C TYR I 59 14.34 18.37 22.26
N ILE I 60 14.33 18.05 20.97
CA ILE I 60 14.56 19.05 19.95
C ILE I 60 13.76 18.66 18.72
N LYS I 61 13.30 19.65 17.94
CA LYS I 61 12.46 19.37 16.79
C LYS I 61 13.24 18.68 15.67
N ARG I 62 14.51 19.03 15.50
CA ARG I 62 15.38 18.36 14.55
C ARG I 62 16.84 18.70 14.82
N LEU I 63 17.76 17.87 14.32
CA LEU I 63 19.18 18.14 14.54
C LEU I 63 19.69 18.99 13.40
N PRO I 64 20.19 20.19 13.73
CA PRO I 64 20.71 20.98 12.63
C PRO I 64 22.03 20.38 12.15
N LYS I 65 22.39 20.69 10.92
CA LYS I 65 23.69 20.37 10.40
C LYS I 65 24.45 21.68 10.50
N ASP I 66 25.77 21.66 10.56
CA ASP I 66 26.53 22.90 10.69
C ASP I 66 26.62 23.68 9.35
N PRO I 67 27.17 24.92 9.37
CA PRO I 67 27.23 25.74 8.16
C PRO I 67 28.03 25.14 7.00
N TRP I 68 28.88 24.17 7.30
CA TRP I 68 29.73 23.60 6.28
C TRP I 68 29.26 22.19 5.91
N GLY I 69 28.03 21.88 6.29
CA GLY I 69 27.38 20.63 5.88
C GLY I 69 27.58 19.45 6.81
N ASN I 70 28.32 19.65 7.90
CA ASN I 70 28.70 18.56 8.79
C ASN I 70 27.82 18.43 10.04
N ASP I 71 27.77 17.23 10.61
CA ASP I 71 27.03 17.00 11.84
C ASP I 71 27.77 17.75 12.94
N TYR I 72 27.02 18.32 13.88
CA TYR I 72 27.63 18.79 15.10
C TYR I 72 28.19 17.55 15.83
N GLN I 73 29.26 17.78 16.58
CA GLN I 73 29.96 16.75 17.34
C GLN I 73 29.61 16.86 18.81
N TYR I 74 29.79 15.75 19.53
CA TYR I 74 29.31 15.65 20.91
C TYR I 74 30.18 14.63 21.64
N LEU I 75 30.69 15.03 22.80
CA LEU I 75 31.38 14.12 23.71
C LEU I 75 30.82 14.27 25.13
N SER I 76 30.52 13.13 25.74
CA SER I 76 30.07 13.11 27.12
C SER I 76 30.60 11.82 27.67
N PRO I 77 31.67 11.91 28.51
CA PRO I 77 32.19 13.18 29.04
C PRO I 77 33.05 13.98 28.05
N GLY I 78 33.03 15.30 28.18
CA GLY I 78 33.79 16.16 27.31
C GLY I 78 35.24 16.30 27.71
N ASP I 79 36.08 16.62 26.74
CA ASP I 79 37.49 16.91 27.00
C ASP I 79 37.64 18.31 27.64
N LYS I 80 36.80 19.25 27.21
CA LYS I 80 36.90 20.65 27.59
C LYS I 80 35.77 21.13 28.50
N GLY I 81 34.83 20.24 28.82
CA GLY I 81 33.81 20.51 29.82
C GLY I 81 33.05 19.24 30.16
N THR I 82 32.01 19.34 30.99
CA THR I 82 31.23 18.17 31.38
C THR I 82 30.71 17.46 30.15
N ILE I 83 30.03 18.22 29.30
CA ILE I 83 29.76 17.77 27.93
C ILE I 83 30.43 18.76 27.00
N ASP I 84 30.88 18.25 25.85
CA ASP I 84 31.39 19.06 24.74
C ASP I 84 30.42 18.91 23.58
N VAL I 85 29.86 20.02 23.11
CA VAL I 85 29.10 20.04 21.86
C VAL I 85 29.71 21.11 20.97
N PHE I 86 29.98 20.78 19.71
CA PHE I 86 30.81 21.63 18.90
C PHE I 86 30.78 21.35 17.41
N THR I 87 31.21 22.34 16.63
CA THR I 87 31.46 22.18 15.20
C THR I 87 32.96 22.32 15.02
N LEU I 88 33.52 21.55 14.10
CA LEU I 88 34.96 21.66 13.78
C LEU I 88 35.24 22.74 12.75
N GLY I 89 34.20 23.44 12.31
CA GLY I 89 34.40 24.61 11.48
C GLY I 89 34.53 24.24 10.02
N ALA I 90 34.99 25.23 9.25
CA ALA I 90 35.01 25.14 7.79
C ALA I 90 35.92 24.05 7.21
N ASP I 91 36.93 23.65 8.00
CA ASP I 91 37.84 22.58 7.56
C ASP I 91 37.36 21.18 7.92
N GLY I 92 36.33 21.08 8.75
CA GLY I 92 35.73 19.78 9.07
C GLY I 92 36.60 18.87 9.91
N GLN I 93 37.51 19.44 10.70
CA GLN I 93 38.37 18.66 11.58
C GLN I 93 38.92 19.52 12.72
N GLU I 94 39.31 18.87 13.82
CA GLU I 94 39.87 19.57 14.98
C GLU I 94 41.03 20.49 14.59
N GLY I 95 41.22 21.56 15.36
CA GLY I 95 42.25 22.58 15.07
C GLY I 95 41.72 23.64 14.13
N GLY I 96 42.54 24.64 13.82
CA GLY I 96 42.23 25.56 12.73
C GLY I 96 42.25 27.04 13.08
N GLU I 97 42.30 27.86 12.04
CA GLU I 97 42.33 29.31 12.18
C GLU I 97 41.19 29.90 11.35
N GLY I 98 40.81 31.14 11.64
CA GLY I 98 39.76 31.83 10.91
C GLY I 98 38.45 31.06 10.95
N THR I 99 37.80 30.93 9.80
CA THR I 99 36.54 30.21 9.72
C THR I 99 36.71 28.72 10.00
N GLY I 100 37.95 28.23 10.03
CA GLY I 100 38.24 26.85 10.42
C GLY I 100 38.28 26.62 11.93
N ALA I 101 38.27 27.71 12.70
CA ALA I 101 38.23 27.64 14.16
C ALA I 101 37.06 26.79 14.69
N ASP I 102 37.34 25.94 15.67
CA ASP I 102 36.34 25.11 16.30
C ASP I 102 35.50 25.95 17.26
N ILE I 103 34.19 25.76 17.19
CA ILE I 103 33.22 26.50 18.00
C ILE I 103 32.47 25.48 18.82
N GLY I 104 32.53 25.66 20.14
CA GLY I 104 31.94 24.75 21.10
C GLY I 104 31.28 25.45 22.27
N ASN I 105 30.57 24.68 23.09
CA ASN I 105 29.95 25.27 24.28
C ASN I 105 30.96 25.88 25.23
N TRP I 106 32.19 25.37 25.21
CA TRP I 106 33.24 25.83 26.13
C TRP I 106 33.75 27.23 25.75
N ASN I 107 33.69 27.60 24.47
CA ASN I 107 34.19 28.92 24.04
C ASN I 107 33.16 29.74 23.29
N ILE I 108 31.90 29.39 23.46
CA ILE I 108 30.83 29.93 22.64
C ILE I 108 30.78 31.46 22.69
N GLN I 109 31.08 32.05 23.84
CA GLN I 109 31.00 33.51 23.97
C GLN I 109 31.96 34.21 23.00
N ASP I 110 33.08 33.56 22.67
CA ASP I 110 34.05 34.13 21.74
C ASP I 110 33.44 34.42 20.37
N PHE I 111 32.46 33.61 19.95
CA PHE I 111 31.90 33.70 18.61
C PHE I 111 30.55 34.44 18.53
N GLN I 112 29.98 34.77 19.69
CA GLN I 112 28.76 35.58 19.74
C GLN I 112 29.10 37.03 19.44
N LEU I 113 28.07 37.79 19.09
CA LEU I 113 28.21 39.23 18.91
C LEU I 113 28.73 39.96 20.17
N GLU I 114 29.34 41.13 19.97
CA GLU I 114 30.04 41.80 21.08
C GLU I 114 29.15 42.08 22.32
N HIS I 115 27.85 42.26 22.14
CA HIS I 115 26.99 42.50 23.32
C HIS I 115 26.87 41.28 24.23
N HIS I 116 27.34 40.12 23.79
CA HIS I 116 27.42 38.91 24.61
C HIS I 116 28.76 38.71 25.37
N HIS I 117 29.77 39.54 25.07
CA HIS I 117 31.12 39.38 25.64
C HIS I 117 31.28 39.94 27.05
N HIS I 118 32.25 39.39 27.80
CA HIS I 118 32.75 40.07 29.01
C HIS I 118 34.20 40.53 28.86
N ASN J 2 10.44 18.03 37.93
CA ASN J 2 9.20 18.83 38.14
C ASN J 2 8.78 19.57 36.86
N LYS J 3 7.46 19.72 36.73
CA LYS J 3 6.84 20.56 35.70
C LYS J 3 7.43 21.97 35.66
N GLU J 4 7.59 22.58 36.84
CA GLU J 4 8.07 23.96 36.93
C GLU J 4 9.48 24.16 36.34
N LYS J 5 10.39 23.22 36.60
CA LYS J 5 11.77 23.32 36.11
C LYS J 5 11.83 23.14 34.60
N ALA J 6 11.03 22.20 34.08
CA ALA J 6 10.96 21.94 32.65
C ALA J 6 10.38 23.16 31.93
N ASP J 7 9.35 23.77 32.50
CA ASP J 7 8.72 24.94 31.90
C ASP J 7 9.72 26.09 31.85
N GLN J 8 10.46 26.26 32.94
CA GLN J 8 11.47 27.29 32.99
C GLN J 8 12.59 27.09 31.96
N GLN J 9 13.10 25.86 31.84
CA GLN J 9 14.09 25.56 30.81
C GLN J 9 13.52 25.76 29.39
N LYS J 10 12.23 25.51 29.20
CA LYS J 10 11.61 25.80 27.91
C LYS J 10 11.66 27.29 27.58
N ALA J 11 11.27 28.11 28.53
CA ALA J 11 11.32 29.57 28.41
C ALA J 11 12.73 30.05 28.10
N VAL J 12 13.70 29.52 28.84
CA VAL J 12 15.09 29.88 28.57
C VAL J 12 15.47 29.53 27.14
N THR J 13 15.18 28.29 26.73
CA THR J 13 15.51 27.79 25.40
C THR J 13 14.90 28.68 24.29
N ASP J 14 13.64 29.04 24.47
CA ASP J 14 12.89 29.85 23.50
C ASP J 14 13.45 31.29 23.45
N ILE J 15 13.64 31.90 24.60
CA ILE J 15 14.23 33.24 24.69
C ILE J 15 15.61 33.34 24.04
N VAL J 16 16.50 32.39 24.32
CA VAL J 16 17.82 32.41 23.68
C VAL J 16 17.74 32.15 22.17
N ALA J 17 16.85 31.25 21.75
CA ALA J 17 16.60 31.03 20.32
C ALA J 17 16.14 32.30 19.60
N LEU J 18 15.17 32.98 20.19
CA LEU J 18 14.61 34.17 19.58
C LEU J 18 15.67 35.26 19.52
N GLU J 19 16.42 35.42 20.61
CA GLU J 19 17.50 36.44 20.63
C GLU J 19 18.59 36.16 19.61
N ASN J 20 18.99 34.90 19.45
CA ASN J 20 19.90 34.50 18.36
C ASN J 20 19.33 34.79 16.96
N ALA J 21 18.05 34.52 16.76
CA ALA J 21 17.44 34.78 15.45
C ALA J 21 17.39 36.29 15.14
N LEU J 22 17.12 37.08 16.18
CA LEU J 22 17.14 38.54 16.09
C LEU J 22 18.54 39.09 15.74
N ASP J 23 19.58 38.47 16.33
CA ASP J 23 20.95 38.82 15.97
C ASP J 23 21.24 38.53 14.51
N MET J 24 20.72 37.42 13.97
CA MET J 24 20.96 37.06 12.55
C MET J 24 20.20 38.06 11.67
N TYR J 25 19.01 38.45 12.09
CA TYR J 25 18.24 39.50 11.39
C TYR J 25 19.07 40.79 11.31
N LYS J 26 19.61 41.23 12.44
CA LYS J 26 20.46 42.43 12.49
C LYS J 26 21.72 42.31 11.63
N LEU J 27 22.36 41.14 11.62
CA LEU J 27 23.53 40.94 10.78
C LEU J 27 23.22 41.15 9.31
N ASP J 28 22.09 40.60 8.84
CA ASP J 28 21.69 40.74 7.44
C ASP J 28 21.23 42.17 7.11
N ASN J 29 20.43 42.73 8.02
CA ASN J 29 19.68 43.97 7.73
C ASN J 29 20.15 45.25 8.44
N SER J 30 21.21 45.13 9.23
CA SER J 30 21.85 46.29 9.89
C SER J 30 21.06 46.95 11.01
N VAL J 31 19.84 46.50 11.26
CA VAL J 31 19.02 46.93 12.40
C VAL J 31 18.21 45.72 12.91
N TYR J 32 17.74 45.77 14.15
CA TYR J 32 16.76 44.80 14.64
C TYR J 32 15.38 45.14 14.11
N PRO J 33 14.45 44.17 14.18
CA PRO J 33 13.06 44.55 13.93
C PRO J 33 12.59 45.57 14.97
N THR J 34 11.69 46.47 14.57
CA THR J 34 11.09 47.39 15.52
C THR J 34 10.01 46.64 16.29
N THR J 35 9.60 47.22 17.41
CA THR J 35 8.47 46.71 18.18
C THR J 35 7.26 46.47 17.30
N ASP J 36 6.96 47.43 16.42
CA ASP J 36 5.84 47.29 15.49
C ASP J 36 5.99 46.10 14.55
N GLN J 37 7.16 45.97 13.92
CA GLN J 37 7.40 44.84 13.04
C GLN J 37 7.28 43.53 13.86
N GLY J 38 7.89 43.52 15.04
CA GLY J 38 7.72 42.44 16.00
C GLY J 38 8.47 41.18 15.66
N LEU J 39 8.25 40.14 16.47
CA LEU J 39 8.94 38.87 16.24
C LEU J 39 8.45 38.21 14.96
N GLU J 40 7.23 38.56 14.51
CA GLU J 40 6.77 38.13 13.19
C GLU J 40 7.76 38.42 12.07
N ALA J 41 8.52 39.52 12.18
CA ALA J 41 9.60 39.82 11.24
C ALA J 41 10.55 38.65 11.01
N LEU J 42 10.67 37.77 12.00
CA LEU J 42 11.59 36.63 11.93
C LEU J 42 11.08 35.49 11.05
N VAL J 43 9.75 35.42 10.84
CA VAL J 43 9.15 34.35 10.03
C VAL J 43 8.65 34.87 8.66
N THR J 44 8.16 36.10 8.63
CA THR J 44 7.62 36.70 7.41
C THR J 44 8.23 38.07 7.17
N LYS J 45 8.67 38.29 5.93
CA LYS J 45 9.36 39.52 5.56
C LYS J 45 8.46 40.74 5.77
N PRO J 46 8.94 41.71 6.57
CA PRO J 46 8.26 42.99 6.73
C PRO J 46 8.09 43.76 5.41
N THR J 47 6.99 44.48 5.31
CA THR J 47 6.68 45.29 4.13
C THR J 47 6.43 46.74 4.58
N ASN J 48 6.62 47.68 3.67
CA ASN J 48 6.30 49.11 3.93
C ASN J 48 6.92 49.71 5.19
N PRO J 49 8.27 49.71 5.31
CA PRO J 49 9.26 49.30 4.33
C PRO J 49 9.65 47.83 4.44
N GLU J 50 10.18 47.28 3.35
CA GLU J 50 10.90 46.02 3.38
C GLU J 50 12.23 46.30 4.06
N PRO J 51 12.86 45.27 4.64
CA PRO J 51 14.22 45.43 5.14
C PRO J 51 15.28 45.51 4.04
N ARG J 52 16.51 45.85 4.43
CA ARG J 52 17.59 46.06 3.46
C ARG J 52 18.06 44.79 2.75
N ASN J 53 17.89 43.63 3.37
CA ASN J 53 18.55 42.40 2.89
C ASN J 53 17.97 41.13 3.54
N TYR J 54 16.67 40.94 3.39
CA TYR J 54 15.96 39.91 4.13
C TYR J 54 16.20 38.53 3.53
N ARG J 55 16.68 37.62 4.36
CA ARG J 55 17.00 36.26 3.97
C ARG J 55 15.78 35.49 3.52
N GLU J 56 15.91 34.80 2.38
CA GLU J 56 14.83 33.96 1.89
C GLU J 56 14.53 32.86 2.88
N GLY J 57 13.25 32.76 3.26
CA GLY J 57 12.81 31.78 4.24
C GLY J 57 12.87 32.23 5.69
N GLY J 58 13.29 33.47 5.95
CA GLY J 58 13.25 34.03 7.29
C GLY J 58 14.43 33.63 8.17
N TYR J 59 14.26 33.82 9.48
CA TYR J 59 15.34 33.67 10.45
C TYR J 59 15.02 32.63 11.55
N ILE J 60 13.75 32.25 11.65
CA ILE J 60 13.37 31.17 12.57
C ILE J 60 12.24 30.38 11.91
N LYS J 61 12.22 29.08 12.17
CA LYS J 61 11.28 28.17 11.51
C LYS J 61 9.85 28.59 11.83
N ARG J 62 9.57 28.71 13.12
CA ARG J 62 8.27 29.17 13.56
C ARG J 62 8.48 29.84 14.92
N LEU J 63 7.57 30.72 15.32
CA LEU J 63 7.68 31.36 16.62
C LEU J 63 7.15 30.41 17.71
N PRO J 64 7.94 30.22 18.78
CA PRO J 64 7.44 29.37 19.86
C PRO J 64 6.46 30.16 20.69
N LYS J 65 5.62 29.51 21.49
CA LYS J 65 5.01 30.27 22.57
C LYS J 65 5.46 29.75 23.89
N ASP J 66 5.20 30.56 24.91
CA ASP J 66 5.74 30.32 26.22
C ASP J 66 5.00 29.17 26.91
N PRO J 67 5.64 28.57 27.93
CA PRO J 67 5.07 27.40 28.62
C PRO J 67 3.68 27.60 29.20
N TRP J 68 3.17 28.83 29.18
CA TRP J 68 1.86 29.14 29.70
C TRP J 68 0.93 29.58 28.57
N GLY J 69 1.27 29.18 27.34
CA GLY J 69 0.40 29.38 26.20
C GLY J 69 0.47 30.74 25.53
N ASN J 70 1.21 31.67 26.13
CA ASN J 70 1.28 33.06 25.66
C ASN J 70 2.45 33.36 24.71
N ASP J 71 2.24 34.31 23.81
CA ASP J 71 3.27 34.72 22.86
C ASP J 71 4.40 35.41 23.61
N TYR J 72 5.62 35.22 23.14
CA TYR J 72 6.75 35.97 23.71
C TYR J 72 6.67 37.43 23.31
N GLN J 73 7.13 38.30 24.19
CA GLN J 73 7.04 39.73 24.02
C GLN J 73 8.34 40.27 23.48
N TYR J 74 8.25 41.40 22.80
CA TYR J 74 9.42 42.00 22.18
C TYR J 74 9.29 43.52 22.12
N LEU J 75 10.34 44.20 22.56
CA LEU J 75 10.45 45.65 22.45
C LEU J 75 11.75 46.03 21.78
N SER J 76 11.66 46.90 20.77
CA SER J 76 12.84 47.45 20.14
C SER J 76 12.56 48.89 19.65
N PRO J 77 13.22 49.90 20.25
CA PRO J 77 14.23 49.78 21.33
C PRO J 77 13.67 49.25 22.64
N GLY J 78 14.46 48.45 23.35
CA GLY J 78 14.00 47.86 24.60
C GLY J 78 14.04 48.81 25.78
N ASP J 79 13.35 48.42 26.85
CA ASP J 79 13.41 49.13 28.14
C ASP J 79 14.60 48.78 29.01
N LYS J 80 15.09 47.55 28.93
CA LYS J 80 16.30 47.22 29.69
C LYS J 80 17.50 46.85 28.85
N GLY J 81 17.39 46.96 27.53
CA GLY J 81 18.54 46.76 26.63
C GLY J 81 18.21 47.21 25.22
N THR J 82 19.15 47.04 24.29
CA THR J 82 18.93 47.42 22.89
C THR J 82 17.64 46.79 22.38
N ILE J 83 17.47 45.49 22.62
CA ILE J 83 16.19 44.80 22.47
C ILE J 83 15.79 44.11 23.77
N ASP J 84 14.48 44.05 24.05
CA ASP J 84 13.95 43.17 25.08
C ASP J 84 13.17 42.03 24.43
N VAL J 85 13.46 40.78 24.80
CA VAL J 85 12.62 39.66 24.42
C VAL J 85 12.36 38.88 25.69
N PHE J 86 11.09 38.61 25.98
CA PHE J 86 10.73 38.12 27.31
C PHE J 86 9.38 37.43 27.42
N THR J 87 9.22 36.68 28.51
CA THR J 87 7.91 36.16 28.93
C THR J 87 7.63 36.77 30.27
N LEU J 88 6.36 37.08 30.50
CA LEU J 88 5.96 37.57 31.81
C LEU J 88 5.69 36.41 32.78
N GLY J 89 5.94 35.19 32.35
CA GLY J 89 5.81 34.04 33.25
C GLY J 89 4.37 33.62 33.49
N ALA J 90 4.20 32.75 34.48
CA ALA J 90 2.92 32.06 34.71
C ALA J 90 1.78 32.98 35.13
N ASP J 91 2.08 34.16 35.68
CA ASP J 91 1.00 35.09 36.05
C ASP J 91 0.57 36.03 34.93
N GLY J 92 1.26 36.00 33.80
CA GLY J 92 0.94 36.88 32.66
C GLY J 92 0.98 38.38 32.95
N GLN J 93 1.74 38.76 33.97
CA GLN J 93 1.88 40.16 34.34
C GLN J 93 3.32 40.42 34.80
N GLU J 94 3.70 41.69 34.84
CA GLU J 94 5.03 42.10 35.34
C GLU J 94 5.24 41.72 36.81
N GLY J 95 6.47 41.32 37.14
CA GLY J 95 6.81 40.95 38.51
C GLY J 95 6.37 39.53 38.84
N GLY J 96 6.53 39.15 40.10
CA GLY J 96 6.09 37.84 40.61
C GLY J 96 7.22 36.89 41.01
N GLU J 97 6.92 35.94 41.89
CA GLU J 97 7.90 34.94 42.32
C GLU J 97 7.58 33.57 41.74
N GLY J 98 8.52 32.64 41.92
CA GLY J 98 8.32 31.27 41.46
C GLY J 98 8.11 31.21 39.97
N THR J 99 7.06 30.51 39.55
CA THR J 99 6.69 30.43 38.14
C THR J 99 6.27 31.77 37.57
N GLY J 100 5.94 32.72 38.44
CA GLY J 100 5.54 34.06 38.02
C GLY J 100 6.67 34.98 37.60
N ALA J 101 7.92 34.62 37.86
CA ALA J 101 9.06 35.48 37.56
C ALA J 101 9.14 35.81 36.06
N ASP J 102 9.37 37.08 35.73
CA ASP J 102 9.58 37.46 34.34
C ASP J 102 10.96 37.00 33.86
N ILE J 103 10.99 36.35 32.70
CA ILE J 103 12.23 35.82 32.14
C ILE J 103 12.51 36.54 30.85
N GLY J 104 13.70 37.14 30.74
CA GLY J 104 14.06 37.84 29.51
C GLY J 104 15.52 37.75 29.14
N ASN J 105 15.86 38.29 27.97
CA ASN J 105 17.25 38.37 27.58
C ASN J 105 18.15 39.11 28.61
N TRP J 106 17.61 40.05 29.36
CA TRP J 106 18.38 40.80 30.38
C TRP J 106 18.74 40.01 31.63
N ASN J 107 17.97 38.96 31.98
CA ASN J 107 18.20 38.20 33.21
C ASN J 107 18.28 36.72 32.98
N ILE J 108 18.51 36.33 31.73
CA ILE J 108 18.37 34.95 31.27
C ILE J 108 19.22 33.97 32.10
N GLN J 109 20.42 34.38 32.48
CA GLN J 109 21.34 33.51 33.23
C GLN J 109 20.76 33.02 34.56
N ASP J 110 19.94 33.85 35.19
CA ASP J 110 19.29 33.50 36.44
C ASP J 110 18.43 32.26 36.38
N PHE J 111 17.91 31.95 35.19
CA PHE J 111 16.99 30.84 35.02
C PHE J 111 17.61 29.64 34.34
N GLN J 112 18.85 29.79 33.89
CA GLN J 112 19.58 28.68 33.34
C GLN J 112 20.01 27.74 34.46
N LEU J 113 20.44 26.52 34.12
CA LEU J 113 20.90 25.58 35.11
C LEU J 113 22.20 26.16 35.71
N GLU J 114 22.56 25.62 36.86
CA GLU J 114 23.61 26.17 37.70
C GLU J 114 24.98 26.32 37.01
N HIS J 115 25.29 25.42 36.09
CA HIS J 115 26.56 25.47 35.38
C HIS J 115 26.72 26.68 34.46
N HIS J 116 25.62 27.43 34.24
CA HIS J 116 25.63 28.69 33.49
C HIS J 116 25.85 29.92 34.36
N HIS J 117 25.81 29.75 35.68
CA HIS J 117 25.85 30.89 36.59
C HIS J 117 27.25 31.36 36.88
N HIS J 118 27.39 32.63 37.26
CA HIS J 118 28.63 33.15 37.82
C HIS J 118 28.47 33.59 39.28
N HIS J 119 29.19 32.94 40.18
CA HIS J 119 29.19 33.28 41.60
C HIS J 119 30.54 33.85 42.02
N GLY K 1 -23.91 14.34 51.97
CA GLY K 1 -22.46 14.56 51.68
C GLY K 1 -21.66 13.27 51.54
N ASN K 2 -21.86 12.31 52.44
CA ASN K 2 -21.08 11.06 52.45
C ASN K 2 -21.93 9.83 52.16
N LYS K 3 -23.02 9.63 52.91
CA LYS K 3 -23.86 8.46 52.71
C LYS K 3 -24.59 8.54 51.37
N GLU K 4 -24.91 9.77 50.93
CA GLU K 4 -25.50 9.98 49.62
C GLU K 4 -24.50 9.66 48.54
N LYS K 5 -23.24 10.04 48.76
CA LYS K 5 -22.18 9.77 47.78
C LYS K 5 -21.91 8.26 47.68
N ALA K 6 -21.88 7.58 48.83
CA ALA K 6 -21.74 6.13 48.86
C ALA K 6 -22.94 5.42 48.22
N ASP K 7 -24.15 5.86 48.51
CA ASP K 7 -25.32 5.26 47.90
C ASP K 7 -25.24 5.44 46.39
N GLN K 8 -24.92 6.65 45.92
CA GLN K 8 -24.79 6.85 44.50
C GLN K 8 -23.76 5.92 43.82
N GLN K 9 -22.59 5.78 44.43
CA GLN K 9 -21.56 4.86 43.91
C GLN K 9 -21.98 3.37 43.98
N LYS K 10 -22.69 2.95 45.02
CA LYS K 10 -23.30 1.61 45.05
C LYS K 10 -24.26 1.38 43.87
N ALA K 11 -25.12 2.36 43.59
CA ALA K 11 -26.07 2.24 42.49
C ALA K 11 -25.30 2.09 41.18
N VAL K 12 -24.29 2.93 41.01
CA VAL K 12 -23.46 2.89 39.82
C VAL K 12 -22.81 1.51 39.69
N THR K 13 -22.18 1.05 40.75
CA THR K 13 -21.49 -0.23 40.74
C THR K 13 -22.42 -1.39 40.37
N ASP K 14 -23.61 -1.41 40.98
CA ASP K 14 -24.61 -2.45 40.72
C ASP K 14 -25.12 -2.39 39.30
N ILE K 15 -25.41 -1.18 38.82
CA ILE K 15 -25.97 -1.07 37.45
C ILE K 15 -24.97 -1.61 36.41
N VAL K 16 -23.73 -1.17 36.55
CA VAL K 16 -22.65 -1.59 35.67
C VAL K 16 -22.44 -3.10 35.76
N ALA K 17 -22.50 -3.64 36.98
CA ALA K 17 -22.42 -5.09 37.22
C ALA K 17 -23.51 -5.87 36.50
N LEU K 18 -24.73 -5.38 36.64
CA LEU K 18 -25.87 -6.01 36.00
C LEU K 18 -25.77 -5.92 34.47
N GLU K 19 -25.38 -4.77 33.95
CA GLU K 19 -25.24 -4.58 32.51
C GLU K 19 -24.16 -5.52 31.97
N ASN K 20 -23.06 -5.67 32.69
CA ASN K 20 -22.02 -6.58 32.28
C ASN K 20 -22.47 -8.05 32.29
N ALA K 21 -23.30 -8.43 33.25
CA ALA K 21 -23.82 -9.80 33.35
C ALA K 21 -24.82 -10.01 32.20
N LEU K 22 -25.60 -8.97 31.91
CA LEU K 22 -26.51 -9.01 30.74
C LEU K 22 -25.75 -9.20 29.41
N ASP K 23 -24.62 -8.52 29.26
CA ASP K 23 -23.80 -8.70 28.09
C ASP K 23 -23.18 -10.10 27.99
N MET K 24 -22.86 -10.70 29.13
CA MET K 24 -22.45 -12.09 29.11
C MET K 24 -23.59 -13.03 28.69
N TYR K 25 -24.79 -12.81 29.20
CA TYR K 25 -25.95 -13.59 28.77
C TYR K 25 -26.11 -13.48 27.23
N LYS K 26 -25.98 -12.28 26.71
CA LYS K 26 -26.15 -12.02 25.27
C LYS K 26 -25.06 -12.73 24.48
N LEU K 27 -23.82 -12.69 24.96
CA LEU K 27 -22.76 -13.43 24.30
C LEU K 27 -23.06 -14.92 24.21
N ASP K 28 -23.61 -15.52 25.27
CA ASP K 28 -23.88 -16.97 25.28
C ASP K 28 -25.08 -17.28 24.40
N ASN K 29 -26.12 -16.48 24.52
CA ASN K 29 -27.45 -16.84 24.01
C ASN K 29 -27.95 -16.04 22.79
N SER K 30 -27.16 -15.06 22.37
CA SER K 30 -27.41 -14.16 21.23
C SER K 30 -28.48 -13.10 21.42
N VAL K 31 -29.17 -13.15 22.57
CA VAL K 31 -30.19 -12.18 22.91
C VAL K 31 -30.12 -11.83 24.38
N TYR K 32 -30.74 -10.72 24.75
CA TYR K 32 -30.94 -10.34 26.15
C TYR K 32 -32.24 -10.98 26.69
N PRO K 33 -32.36 -11.09 28.01
CA PRO K 33 -33.66 -11.48 28.53
C PRO K 33 -34.71 -10.41 28.26
N THR K 34 -35.98 -10.82 28.12
CA THR K 34 -37.06 -9.90 27.87
C THR K 34 -37.48 -9.24 29.17
N THR K 35 -38.21 -8.15 29.06
CA THR K 35 -38.76 -7.45 30.21
C THR K 35 -39.44 -8.42 31.18
N ASP K 36 -40.22 -9.34 30.61
CA ASP K 36 -41.02 -10.27 31.42
C ASP K 36 -40.17 -11.37 32.01
N GLN K 37 -39.06 -11.74 31.37
CA GLN K 37 -38.11 -12.66 31.96
C GLN K 37 -37.37 -11.95 33.12
N GLY K 38 -37.01 -10.69 32.90
CA GLY K 38 -36.48 -9.86 33.98
C GLY K 38 -35.04 -10.15 34.34
N LEU K 39 -34.49 -9.40 35.29
CA LEU K 39 -33.15 -9.65 35.78
C LEU K 39 -33.02 -11.00 36.47
N GLU K 40 -34.12 -11.59 36.94
CA GLU K 40 -34.12 -12.98 37.42
C GLU K 40 -33.49 -13.95 36.44
N ALA K 41 -33.59 -13.69 35.13
CA ALA K 41 -32.95 -14.55 34.14
C ALA K 41 -31.43 -14.68 34.33
N LEU K 42 -30.81 -13.72 35.01
CA LEU K 42 -29.39 -13.75 35.24
C LEU K 42 -29.00 -14.75 36.33
N VAL K 43 -29.97 -15.12 37.15
CA VAL K 43 -29.71 -16.01 38.26
C VAL K 43 -30.29 -17.43 38.00
N THR K 44 -31.42 -17.51 37.30
CA THR K 44 -32.12 -18.79 37.02
C THR K 44 -32.60 -18.81 35.56
N LYS K 45 -32.35 -19.90 34.85
CA LYS K 45 -32.77 -20.03 33.44
C LYS K 45 -34.25 -19.68 33.25
N PRO K 46 -34.54 -18.68 32.38
CA PRO K 46 -35.90 -18.24 32.12
C PRO K 46 -36.65 -19.14 31.13
N THR K 47 -37.93 -18.88 30.96
CA THR K 47 -38.76 -19.56 29.98
C THR K 47 -39.46 -18.53 29.10
N ASN K 48 -40.21 -18.98 28.10
CA ASN K 48 -41.06 -18.08 27.33
C ASN K 48 -40.38 -16.88 26.65
N PRO K 49 -39.40 -17.14 25.80
CA PRO K 49 -38.86 -18.41 25.40
C PRO K 49 -37.68 -18.83 26.26
N GLU K 50 -37.35 -20.12 26.25
CA GLU K 50 -36.13 -20.60 26.90
C GLU K 50 -34.90 -20.28 26.03
N PRO K 51 -33.86 -19.68 26.64
CA PRO K 51 -32.69 -19.33 25.85
C PRO K 51 -31.93 -20.59 25.47
N ARG K 52 -31.10 -20.50 24.44
CA ARG K 52 -30.58 -21.69 23.80
C ARG K 52 -29.19 -22.12 24.29
N ASN K 53 -28.56 -21.36 25.18
CA ASN K 53 -27.20 -21.68 25.58
C ASN K 53 -26.86 -21.14 26.97
N TYR K 54 -27.78 -21.36 27.90
CA TYR K 54 -27.70 -20.72 29.20
C TYR K 54 -26.56 -21.34 30.02
N ARG K 55 -25.71 -20.49 30.59
CA ARG K 55 -24.56 -20.94 31.36
C ARG K 55 -25.01 -21.61 32.66
N GLU K 56 -24.41 -22.75 32.98
CA GLU K 56 -24.75 -23.44 34.22
C GLU K 56 -24.17 -22.64 35.38
N GLY K 57 -25.01 -22.38 36.38
CA GLY K 57 -24.64 -21.48 37.46
C GLY K 57 -25.23 -20.08 37.30
N GLY K 58 -25.55 -19.69 36.07
CA GLY K 58 -26.10 -18.37 35.81
C GLY K 58 -25.03 -17.33 35.53
N TYR K 59 -25.40 -16.06 35.66
CA TYR K 59 -24.57 -14.94 35.21
C TYR K 59 -24.16 -13.98 36.32
N ILE K 60 -24.77 -14.17 37.47
CA ILE K 60 -24.56 -13.31 38.60
C ILE K 60 -24.92 -14.10 39.85
N LYS K 61 -24.06 -13.99 40.86
CA LYS K 61 -24.23 -14.72 42.12
C LYS K 61 -25.60 -14.47 42.70
N ARG K 62 -25.97 -13.20 42.80
CA ARG K 62 -27.24 -12.82 43.39
C ARG K 62 -27.62 -11.43 42.84
N LEU K 63 -28.91 -11.14 42.80
CA LEU K 63 -29.35 -9.82 42.32
C LEU K 63 -29.21 -8.82 43.45
N PRO K 64 -28.45 -7.73 43.23
CA PRO K 64 -28.47 -6.74 44.29
C PRO K 64 -29.81 -6.00 44.30
N LYS K 65 -30.19 -5.47 45.46
CA LYS K 65 -31.26 -4.47 45.60
C LYS K 65 -30.57 -3.13 45.59
N ASP K 66 -31.31 -2.07 45.28
CA ASP K 66 -30.69 -0.75 45.21
C ASP K 66 -30.44 -0.19 46.61
N PRO K 67 -29.69 0.92 46.74
CA PRO K 67 -29.30 1.48 48.05
C PRO K 67 -30.47 1.87 48.96
N TRP K 68 -31.66 2.02 48.37
CA TRP K 68 -32.85 2.43 49.06
C TRP K 68 -33.80 1.24 49.25
N GLY K 69 -33.31 0.03 48.95
CA GLY K 69 -34.05 -1.18 49.25
C GLY K 69 -35.01 -1.68 48.19
N ASN K 70 -34.99 -1.06 47.01
CA ASN K 70 -35.84 -1.48 45.90
C ASN K 70 -35.09 -2.32 44.88
N ASP K 71 -35.80 -3.19 44.19
CA ASP K 71 -35.20 -3.95 43.11
C ASP K 71 -34.82 -3.00 41.99
N TYR K 72 -33.72 -3.30 41.33
CA TYR K 72 -33.39 -2.63 40.07
C TYR K 72 -34.41 -2.97 38.99
N GLN K 73 -34.67 -2.01 38.12
CA GLN K 73 -35.66 -2.18 37.05
C GLN K 73 -34.98 -2.52 35.75
N TYR K 74 -35.73 -3.13 34.82
CA TYR K 74 -35.19 -3.64 33.60
C TYR K 74 -36.26 -3.71 32.51
N LEU K 75 -35.93 -3.17 31.36
CA LEU K 75 -36.79 -3.24 30.20
C LEU K 75 -35.94 -3.70 29.02
N SER K 76 -36.45 -4.71 28.32
CA SER K 76 -35.91 -5.19 27.07
C SER K 76 -37.06 -5.67 26.16
N PRO K 77 -37.29 -4.98 25.05
CA PRO K 77 -36.65 -3.78 24.53
C PRO K 77 -36.74 -2.61 25.49
N GLY K 78 -35.68 -1.84 25.60
CA GLY K 78 -35.69 -0.64 26.43
C GLY K 78 -36.38 0.50 25.73
N ASP K 79 -36.72 1.52 26.51
CA ASP K 79 -37.23 2.77 25.98
C ASP K 79 -36.11 3.76 25.67
N LYS K 80 -34.98 3.65 26.39
CA LYS K 80 -33.88 4.61 26.26
C LYS K 80 -32.63 4.02 25.59
N GLY K 81 -32.60 2.70 25.46
CA GLY K 81 -31.52 2.00 24.78
C GLY K 81 -32.05 0.64 24.39
N THR K 82 -31.20 -0.20 23.80
CA THR K 82 -31.56 -1.58 23.50
C THR K 82 -32.10 -2.30 24.74
N ILE K 83 -31.42 -2.12 25.86
CA ILE K 83 -31.94 -2.55 27.17
C ILE K 83 -31.81 -1.38 28.15
N ASP K 84 -32.74 -1.25 29.09
CA ASP K 84 -32.67 -0.25 30.12
C ASP K 84 -32.52 -1.02 31.43
N VAL K 85 -31.55 -0.63 32.25
CA VAL K 85 -31.31 -1.22 33.57
C VAL K 85 -31.16 -0.01 34.46
N PHE K 86 -31.95 0.08 35.53
CA PHE K 86 -32.03 1.32 36.23
C PHE K 86 -32.59 1.22 37.64
N THR K 87 -32.26 2.24 38.42
CA THR K 87 -32.93 2.53 39.69
C THR K 87 -33.66 3.86 39.63
N LEU K 88 -34.78 3.94 40.33
CA LEU K 88 -35.56 5.17 40.40
C LEU K 88 -35.12 6.11 41.52
N GLY K 89 -34.03 5.80 42.20
CA GLY K 89 -33.41 6.74 43.12
C GLY K 89 -34.13 6.77 44.46
N ALA K 90 -33.72 7.71 45.30
CA ALA K 90 -34.18 7.79 46.69
C ALA K 90 -35.66 8.03 46.85
N ASP K 91 -36.34 8.50 45.80
CA ASP K 91 -37.80 8.73 45.83
C ASP K 91 -38.67 7.59 45.33
N GLY K 92 -38.07 6.54 44.77
CA GLY K 92 -38.84 5.39 44.30
C GLY K 92 -39.77 5.68 43.13
N GLN K 93 -39.56 6.80 42.47
CA GLN K 93 -40.45 7.24 41.40
C GLN K 93 -39.67 7.79 40.21
N GLU K 94 -40.27 7.72 39.02
CA GLU K 94 -39.71 8.36 37.82
C GLU K 94 -39.36 9.83 38.09
N GLY K 95 -38.26 10.29 37.50
CA GLY K 95 -37.84 11.69 37.65
C GLY K 95 -37.33 12.00 39.04
N GLY K 96 -37.24 13.29 39.35
CA GLY K 96 -36.85 13.75 40.68
C GLY K 96 -35.44 14.29 40.68
N GLU K 97 -35.11 15.05 41.70
CA GLU K 97 -33.82 15.73 41.74
C GLU K 97 -33.00 15.30 42.94
N GLY K 98 -31.74 15.70 42.96
CA GLY K 98 -30.81 15.28 43.99
C GLY K 98 -30.67 13.76 44.03
N THR K 99 -30.82 13.19 45.21
CA THR K 99 -30.71 11.73 45.36
C THR K 99 -31.96 11.02 44.81
N GLY K 100 -32.99 11.80 44.49
CA GLY K 100 -34.10 11.27 43.75
C GLY K 100 -33.85 10.98 42.28
N ALA K 101 -32.76 11.48 41.70
CA ALA K 101 -32.54 11.31 40.27
C ALA K 101 -32.39 9.83 39.89
N ASP K 102 -33.01 9.45 38.77
CA ASP K 102 -32.96 8.09 38.27
C ASP K 102 -31.60 7.81 37.67
N ILE K 103 -31.04 6.66 38.01
CA ILE K 103 -29.74 6.22 37.56
C ILE K 103 -29.92 4.99 36.69
N GLY K 104 -29.48 5.05 35.43
CA GLY K 104 -29.59 3.93 34.52
C GLY K 104 -28.37 3.75 33.64
N ASN K 105 -28.33 2.68 32.86
CA ASN K 105 -27.24 2.47 31.94
C ASN K 105 -27.12 3.59 30.90
N TRP K 106 -28.23 4.24 30.58
CA TRP K 106 -28.22 5.33 29.59
C TRP K 106 -27.55 6.62 30.07
N ASN K 107 -27.45 6.84 31.38
CA ASN K 107 -26.91 8.10 31.91
C ASN K 107 -25.88 7.88 32.98
N ILE K 108 -25.36 6.64 33.03
CA ILE K 108 -24.51 6.19 34.12
C ILE K 108 -23.33 7.10 34.44
N GLN K 109 -22.69 7.62 33.39
CA GLN K 109 -21.52 8.50 33.53
C GLN K 109 -21.76 9.71 34.42
N ASP K 110 -22.96 10.28 34.33
CA ASP K 110 -23.39 11.40 35.17
C ASP K 110 -23.17 11.14 36.65
N PHE K 111 -23.24 9.87 37.08
CA PHE K 111 -23.27 9.53 38.51
C PHE K 111 -21.97 8.93 38.99
N GLN K 112 -21.07 8.67 38.04
CA GLN K 112 -19.75 8.22 38.33
C GLN K 112 -18.89 9.38 38.78
N LEU K 113 -17.79 9.04 39.44
CA LEU K 113 -16.82 10.03 39.82
C LEU K 113 -16.31 10.82 38.61
N GLU K 114 -15.76 11.99 38.89
CA GLU K 114 -15.38 12.97 37.86
C GLU K 114 -14.45 12.41 36.77
N HIS K 115 -13.48 11.60 37.17
CA HIS K 115 -12.55 11.04 36.19
C HIS K 115 -13.23 10.16 35.12
N HIS K 116 -14.50 9.80 35.32
CA HIS K 116 -15.26 9.11 34.30
C HIS K 116 -16.03 10.00 33.30
N HIS K 117 -16.07 11.29 33.55
CA HIS K 117 -16.90 12.19 32.73
C HIS K 117 -16.20 12.60 31.45
N HIS K 118 -16.97 13.07 30.46
CA HIS K 118 -16.38 13.54 29.19
C HIS K 118 -16.03 15.03 29.30
N HIS K 119 -15.03 15.31 30.12
CA HIS K 119 -14.20 16.51 30.00
C HIS K 119 -12.84 16.17 30.61
N ASN L 2 -16.04 -18.79 20.80
CA ASN L 2 -16.90 -18.11 21.80
C ASN L 2 -16.21 -18.03 23.16
N LYS L 3 -15.38 -19.01 23.49
CA LYS L 3 -14.67 -18.97 24.76
C LYS L 3 -13.78 -17.73 24.87
N GLU L 4 -13.16 -17.31 23.77
CA GLU L 4 -12.28 -16.15 23.83
C GLU L 4 -13.10 -14.89 24.08
N LYS L 5 -14.27 -14.79 23.43
CA LYS L 5 -15.19 -13.67 23.66
C LYS L 5 -15.73 -13.67 25.08
N ALA L 6 -16.08 -14.84 25.60
CA ALA L 6 -16.48 -14.97 27.01
C ALA L 6 -15.37 -14.57 27.98
N ASP L 7 -14.14 -14.98 27.71
CA ASP L 7 -13.02 -14.63 28.62
C ASP L 7 -12.83 -13.12 28.66
N GLN L 8 -12.90 -12.50 27.49
CA GLN L 8 -12.72 -11.08 27.36
C GLN L 8 -13.78 -10.28 28.11
N GLN L 9 -15.03 -10.73 28.02
CA GLN L 9 -16.11 -10.11 28.78
C GLN L 9 -15.95 -10.35 30.29
N LYS L 10 -15.38 -11.48 30.68
CA LYS L 10 -15.08 -11.71 32.10
C LYS L 10 -14.03 -10.73 32.58
N ALA L 11 -12.98 -10.57 31.81
CA ALA L 11 -11.94 -9.62 32.18
C ALA L 11 -12.52 -8.25 32.30
N VAL L 12 -13.33 -7.85 31.32
CA VAL L 12 -13.98 -6.54 31.39
C VAL L 12 -14.78 -6.36 32.66
N THR L 13 -15.64 -7.33 32.94
CA THR L 13 -16.51 -7.30 34.08
C THR L 13 -15.71 -7.12 35.35
N ASP L 14 -14.62 -7.91 35.48
CA ASP L 14 -13.77 -7.93 36.66
C ASP L 14 -13.05 -6.58 36.85
N ILE L 15 -12.52 -6.03 35.75
CA ILE L 15 -11.75 -4.79 35.83
C ILE L 15 -12.65 -3.65 36.25
N VAL L 16 -13.81 -3.57 35.62
CA VAL L 16 -14.83 -2.58 35.95
C VAL L 16 -15.32 -2.70 37.41
N ALA L 17 -15.52 -3.92 37.89
CA ALA L 17 -15.88 -4.20 39.29
C ALA L 17 -14.82 -3.75 40.25
N LEU L 18 -13.57 -4.10 39.95
CA LEU L 18 -12.46 -3.69 40.80
C LEU L 18 -12.29 -2.16 40.82
N GLU L 19 -12.35 -1.52 39.68
CA GLU L 19 -12.21 -0.08 39.60
C GLU L 19 -13.34 0.60 40.38
N ASN L 20 -14.58 0.12 40.25
CA ASN L 20 -15.69 0.69 41.05
C ASN L 20 -15.51 0.49 42.55
N ALA L 21 -14.97 -0.66 42.95
CA ALA L 21 -14.63 -0.87 44.35
C ALA L 21 -13.51 0.05 44.80
N LEU L 22 -12.52 0.31 43.95
CA LEU L 22 -11.44 1.23 44.29
C LEU L 22 -11.97 2.64 44.48
N ASP L 23 -12.91 3.01 43.62
CA ASP L 23 -13.55 4.31 43.75
C ASP L 23 -14.32 4.46 45.08
N MET L 24 -15.03 3.43 45.51
CA MET L 24 -15.67 3.44 46.81
C MET L 24 -14.65 3.61 47.94
N TYR L 25 -13.56 2.84 47.85
CA TYR L 25 -12.49 2.96 48.85
C TYR L 25 -12.08 4.42 48.94
N LYS L 26 -11.86 5.05 47.80
CA LYS L 26 -11.42 6.45 47.77
C LYS L 26 -12.46 7.43 48.32
N LEU L 27 -13.74 7.21 48.01
CA LEU L 27 -14.81 8.04 48.60
C LEU L 27 -14.75 8.00 50.12
N ASP L 28 -14.54 6.83 50.68
CA ASP L 28 -14.51 6.67 52.14
C ASP L 28 -13.23 7.21 52.76
N ASN L 29 -12.12 6.92 52.11
CA ASN L 29 -10.81 7.08 52.73
C ASN L 29 -9.95 8.23 52.20
N SER L 30 -10.45 8.93 51.17
CA SER L 30 -9.80 10.09 50.53
C SER L 30 -8.63 9.78 49.61
N VAL L 31 -8.16 8.53 49.63
CA VAL L 31 -7.04 8.11 48.82
C VAL L 31 -7.32 6.72 48.32
N TYR L 32 -6.69 6.33 47.20
CA TYR L 32 -6.72 4.95 46.76
C TYR L 32 -5.71 4.10 47.58
N PRO L 33 -5.89 2.78 47.60
CA PRO L 33 -4.86 1.90 48.15
C PRO L 33 -3.58 2.12 47.39
N THR L 34 -2.44 1.97 48.07
CA THR L 34 -1.16 2.08 47.41
C THR L 34 -0.88 0.78 46.71
N THR L 35 0.05 0.81 45.80
CA THR L 35 0.52 -0.42 45.17
C THR L 35 0.80 -1.51 46.19
N ASP L 36 1.44 -1.09 47.28
CA ASP L 36 1.90 -2.01 48.31
C ASP L 36 0.70 -2.65 49.02
N GLN L 37 -0.31 -1.83 49.28
CA GLN L 37 -1.51 -2.32 49.94
C GLN L 37 -2.28 -3.25 49.01
N GLY L 38 -2.35 -2.88 47.74
CA GLY L 38 -2.82 -3.78 46.70
C GLY L 38 -4.32 -3.83 46.67
N LEU L 39 -4.83 -4.67 45.77
CA LEU L 39 -6.24 -4.98 45.70
C LEU L 39 -6.73 -5.72 46.94
N GLU L 40 -5.82 -6.37 47.67
CA GLU L 40 -6.17 -6.96 48.95
C GLU L 40 -6.83 -5.97 49.91
N ALA L 41 -6.47 -4.70 49.79
CA ALA L 41 -7.07 -3.64 50.59
C ALA L 41 -8.58 -3.59 50.46
N LEU L 42 -9.11 -4.08 49.35
CA LEU L 42 -10.54 -4.03 49.12
C LEU L 42 -11.29 -5.09 49.91
N VAL L 43 -10.61 -6.16 50.29
CA VAL L 43 -11.28 -7.24 51.00
C VAL L 43 -10.96 -7.28 52.47
N THR L 44 -9.73 -6.89 52.84
CA THR L 44 -9.34 -6.86 54.26
C THR L 44 -8.72 -5.51 54.56
N LYS L 45 -9.04 -4.96 55.72
CA LYS L 45 -8.51 -3.65 56.12
C LYS L 45 -6.97 -3.62 56.04
N PRO L 46 -6.41 -2.65 55.29
CA PRO L 46 -4.96 -2.59 55.18
C PRO L 46 -4.33 -1.70 56.25
N THR L 47 -3.01 -1.58 56.18
CA THR L 47 -2.29 -0.67 57.06
C THR L 47 -1.12 -0.08 56.29
N ASN L 48 -0.44 0.87 56.92
CA ASN L 48 0.80 1.42 56.38
C ASN L 48 0.63 2.01 54.98
N PRO L 49 -0.20 3.06 54.84
CA PRO L 49 -0.94 3.80 55.84
C PRO L 49 -2.27 3.17 56.29
N GLU L 50 -2.69 3.52 57.51
CA GLU L 50 -3.97 3.04 58.01
C GLU L 50 -5.06 3.87 57.35
N PRO L 51 -6.14 3.21 56.90
CA PRO L 51 -7.24 3.96 56.32
C PRO L 51 -8.04 4.74 57.38
N ARG L 52 -8.43 5.95 57.02
CA ARG L 52 -9.20 6.86 57.87
C ARG L 52 -10.60 6.37 58.18
N ASN L 53 -11.21 5.64 57.25
CA ASN L 53 -12.63 5.32 57.40
C ASN L 53 -12.97 4.07 56.64
N TYR L 54 -12.37 2.95 57.05
CA TYR L 54 -12.56 1.70 56.31
C TYR L 54 -13.92 1.06 56.55
N ARG L 55 -14.64 0.81 55.47
CA ARG L 55 -15.96 0.20 55.55
C ARG L 55 -15.88 -1.22 56.11
N GLU L 56 -16.56 -1.42 57.24
CA GLU L 56 -16.59 -2.73 57.85
C GLU L 56 -17.12 -3.74 56.84
N GLY L 57 -16.36 -4.82 56.67
CA GLY L 57 -16.69 -5.86 55.70
C GLY L 57 -16.03 -5.67 54.35
N GLY L 58 -15.39 -4.51 54.14
CA GLY L 58 -14.62 -4.28 52.90
C GLY L 58 -15.47 -3.73 51.76
N TYR L 59 -14.89 -3.74 50.57
CA TYR L 59 -15.42 -3.04 49.40
C TYR L 59 -15.78 -4.00 48.26
N ILE L 60 -15.37 -5.25 48.40
CA ILE L 60 -15.70 -6.29 47.45
C ILE L 60 -15.70 -7.59 48.24
N LYS L 61 -16.52 -8.55 47.83
CA LYS L 61 -16.65 -9.80 48.56
C LYS L 61 -15.41 -10.67 48.36
N ARG L 62 -14.92 -10.68 47.13
CA ARG L 62 -13.89 -11.61 46.75
C ARG L 62 -13.11 -10.96 45.63
N LEU L 63 -11.80 -11.12 45.62
CA LEU L 63 -11.05 -10.64 44.44
C LEU L 63 -11.18 -11.69 43.36
N PRO L 64 -11.60 -11.29 42.16
CA PRO L 64 -11.68 -12.30 41.12
C PRO L 64 -10.29 -12.64 40.59
N LYS L 65 -10.16 -13.80 39.96
CA LYS L 65 -8.98 -14.15 39.19
C LYS L 65 -9.26 -13.82 37.74
N ASP L 66 -8.22 -13.56 36.98
CA ASP L 66 -8.42 -13.33 35.55
C ASP L 66 -8.75 -14.63 34.78
N PRO L 67 -9.24 -14.52 33.53
CA PRO L 67 -9.64 -15.67 32.77
C PRO L 67 -8.55 -16.73 32.57
N TRP L 68 -7.29 -16.38 32.85
CA TRP L 68 -6.15 -17.25 32.60
C TRP L 68 -5.54 -17.71 33.91
N GLY L 69 -6.26 -17.43 35.02
CA GLY L 69 -5.91 -17.94 36.34
C GLY L 69 -5.06 -17.04 37.21
N ASN L 70 -4.66 -15.87 36.70
CA ASN L 70 -3.76 -14.96 37.41
C ASN L 70 -4.51 -13.85 38.16
N ASP L 71 -3.93 -13.37 39.25
CA ASP L 71 -4.48 -12.24 39.96
C ASP L 71 -4.47 -11.03 39.03
N TYR L 72 -5.48 -10.19 39.14
CA TYR L 72 -5.40 -8.89 38.47
C TYR L 72 -4.28 -8.08 39.09
N GLN L 73 -3.71 -7.19 38.28
CA GLN L 73 -2.62 -6.30 38.69
C GLN L 73 -3.13 -4.89 38.99
N TYR L 74 -2.36 -4.19 39.82
CA TYR L 74 -2.77 -2.90 40.38
C TYR L 74 -1.54 -2.04 40.69
N LEU L 75 -1.59 -0.79 40.21
CA LEU L 75 -0.57 0.23 40.52
C LEU L 75 -1.23 1.52 40.96
N SER L 76 -0.78 2.04 42.10
CA SER L 76 -1.16 3.35 42.56
C SER L 76 0.02 4.00 43.27
N PRO L 77 0.57 5.10 42.70
CA PRO L 77 0.14 5.75 41.46
C PRO L 77 0.32 4.91 40.20
N GLY L 78 -0.55 5.11 39.22
CA GLY L 78 -0.48 4.37 37.96
C GLY L 78 0.51 5.01 37.00
N ASP L 79 0.94 4.22 36.01
CA ASP L 79 1.71 4.72 34.87
C ASP L 79 0.80 5.28 33.77
N LYS L 80 -0.42 4.75 33.65
CA LYS L 80 -1.31 5.14 32.57
C LYS L 80 -2.50 5.97 33.02
N GLY L 81 -2.61 6.19 34.33
CA GLY L 81 -3.69 6.99 34.91
C GLY L 81 -3.47 7.02 36.40
N THR L 82 -4.36 7.67 37.13
CA THR L 82 -4.19 7.84 38.58
C THR L 82 -4.01 6.49 39.27
N ILE L 83 -4.86 5.52 38.90
CA ILE L 83 -4.58 4.12 39.22
C ILE L 83 -4.64 3.29 37.94
N ASP L 84 -3.88 2.19 37.93
CA ASP L 84 -3.91 1.21 36.85
C ASP L 84 -4.41 -0.08 37.49
N VAL L 85 -5.42 -0.66 36.85
CA VAL L 85 -5.93 -1.97 37.22
C VAL L 85 -6.10 -2.75 35.93
N PHE L 86 -5.48 -3.92 35.87
CA PHE L 86 -5.29 -4.60 34.60
C PHE L 86 -4.98 -6.09 34.69
N THR L 87 -5.21 -6.78 33.55
CA THR L 87 -4.67 -8.10 33.26
C THR L 87 -3.72 -7.97 32.07
N LEU L 88 -2.62 -8.71 32.13
CA LEU L 88 -1.70 -8.77 31.01
C LEU L 88 -2.15 -9.80 29.97
N GLY L 89 -3.31 -10.41 30.16
CA GLY L 89 -3.88 -11.24 29.11
C GLY L 89 -3.26 -12.61 29.11
N ALA L 90 -3.55 -13.37 28.07
CA ALA L 90 -3.24 -14.78 28.03
C ALA L 90 -1.76 -15.08 28.09
N ASP L 91 -0.92 -14.15 27.64
CA ASP L 91 0.54 -14.35 27.57
C ASP L 91 1.25 -13.96 28.88
N GLY L 92 0.51 -13.37 29.81
CA GLY L 92 1.07 -12.96 31.08
C GLY L 92 2.14 -11.89 31.03
N GLN L 93 2.25 -11.18 29.91
CA GLN L 93 3.37 -10.29 29.65
C GLN L 93 2.89 -8.99 29.03
N GLU L 94 3.69 -7.94 29.17
CA GLU L 94 3.36 -6.63 28.57
C GLU L 94 3.21 -6.72 27.07
N GLY L 95 2.24 -5.99 26.54
CA GLY L 95 1.92 -6.03 25.12
C GLY L 95 1.32 -7.35 24.71
N GLY L 96 1.41 -7.68 23.44
CA GLY L 96 0.83 -8.92 22.96
C GLY L 96 -0.24 -8.70 21.95
N GLU L 97 -0.83 -9.79 21.48
CA GLU L 97 -1.84 -9.73 20.48
C GLU L 97 -2.91 -10.79 20.77
N GLY L 98 -4.08 -10.60 20.20
CA GLY L 98 -5.18 -11.58 20.37
C GLY L 98 -5.57 -11.71 21.82
N THR L 99 -5.66 -12.93 22.30
CA THR L 99 -5.96 -13.18 23.71
C THR L 99 -4.86 -12.67 24.64
N GLY L 100 -3.67 -12.43 24.07
CA GLY L 100 -2.59 -11.89 24.84
C GLY L 100 -2.63 -10.40 25.10
N ALA L 101 -3.54 -9.67 24.47
CA ALA L 101 -3.58 -8.23 24.62
C ALA L 101 -3.93 -7.84 26.05
N ASP L 102 -3.32 -6.75 26.51
CA ASP L 102 -3.48 -6.26 27.87
C ASP L 102 -4.78 -5.51 27.98
N ILE L 103 -5.54 -5.80 29.01
CA ILE L 103 -6.83 -5.19 29.24
C ILE L 103 -6.77 -4.47 30.55
N GLY L 104 -7.03 -3.16 30.54
CA GLY L 104 -6.97 -2.36 31.76
C GLY L 104 -7.99 -1.24 31.78
N ASN L 105 -8.06 -0.54 32.90
CA ASN L 105 -8.98 0.59 33.03
C ASN L 105 -8.72 1.68 32.01
N TRP L 106 -7.49 1.80 31.53
CA TRP L 106 -7.15 2.82 30.56
C TRP L 106 -7.67 2.57 29.14
N ASN L 107 -7.95 1.32 28.76
CA ASN L 107 -8.36 0.96 27.40
C ASN L 107 -9.59 0.05 27.39
N ILE L 108 -10.31 0.04 28.49
CA ILE L 108 -11.33 -0.95 28.72
C ILE L 108 -12.39 -0.93 27.61
N GLN L 109 -12.68 0.25 27.06
CA GLN L 109 -13.69 0.37 26.00
C GLN L 109 -13.45 -0.52 24.79
N ASP L 110 -12.18 -0.66 24.43
CA ASP L 110 -11.76 -1.52 23.32
C ASP L 110 -12.24 -2.96 23.44
N PHE L 111 -12.42 -3.44 24.66
CA PHE L 111 -12.72 -4.84 24.89
C PHE L 111 -14.15 -5.09 25.26
N GLN L 112 -14.91 -4.01 25.45
CA GLN L 112 -16.34 -4.10 25.67
C GLN L 112 -17.06 -4.41 24.39
N LEU L 113 -18.32 -4.81 24.50
CA LEU L 113 -19.12 -5.02 23.32
C LEU L 113 -19.32 -3.73 22.50
N GLU L 114 -19.69 -3.90 21.25
CA GLU L 114 -19.72 -2.80 20.31
C GLU L 114 -20.59 -1.60 20.72
N HIS L 115 -21.70 -1.83 21.44
CA HIS L 115 -22.54 -0.73 21.91
C HIS L 115 -21.88 0.18 22.92
N HIS L 116 -20.74 -0.22 23.48
CA HIS L 116 -19.96 0.64 24.35
C HIS L 116 -18.93 1.55 23.63
N HIS L 117 -18.70 1.32 22.35
CA HIS L 117 -17.62 2.01 21.61
C HIS L 117 -18.10 3.35 21.10
N HIS L 118 -17.13 4.18 20.72
CA HIS L 118 -17.40 5.53 20.20
C HIS L 118 -16.88 5.62 18.77
N HIS L 119 -17.78 5.63 17.79
CA HIS L 119 -17.42 5.65 16.36
C HIS L 119 -17.94 6.92 15.68
#